data_1HDJ
#
_entry.id   1HDJ
#
_cell.length_a   1.000
_cell.length_b   1.000
_cell.length_c   1.000
_cell.angle_alpha   90.00
_cell.angle_beta   90.00
_cell.angle_gamma   90.00
#
_symmetry.space_group_name_H-M   'P 1'
#
_entity_poly.entity_id   1
_entity_poly.type   'polypeptide(L)'
_entity_poly.pdbx_seq_one_letter_code
;MGKDYYQTLGLARGASDEEIKRAYRRQALRYHPDKNKEPGAEEKFKEIAEAYDVLSDPRKREIFDRYGEEGLKGSGC
;
_entity_poly.pdbx_strand_id   A
#
# COMPACT_ATOMS: atom_id res chain seq x y z
N MET A 1 5.07 -5.07 -13.15
CA MET A 1 4.38 -6.33 -13.52
C MET A 1 4.32 -7.24 -12.30
N GLY A 2 3.19 -7.91 -12.08
CA GLY A 2 2.97 -8.60 -10.81
C GLY A 2 2.88 -7.59 -9.66
N LYS A 3 2.33 -6.41 -9.94
CA LYS A 3 2.31 -5.22 -9.08
C LYS A 3 1.83 -5.53 -7.64
N ASP A 4 2.75 -5.56 -6.67
CA ASP A 4 2.34 -5.79 -5.28
C ASP A 4 1.75 -4.50 -4.71
N TYR A 5 0.80 -4.64 -3.77
CA TYR A 5 0.29 -3.56 -2.94
C TYR A 5 0.75 -3.88 -1.52
N TYR A 6 0.19 -4.94 -0.93
CA TYR A 6 0.51 -5.46 0.40
C TYR A 6 2.04 -5.53 0.55
N GLN A 7 2.75 -6.24 -0.33
CA GLN A 7 4.20 -6.41 -0.18
C GLN A 7 4.98 -5.12 -0.51
N THR A 8 4.49 -4.25 -1.39
CA THR A 8 5.16 -2.96 -1.63
C THR A 8 5.17 -2.10 -0.38
N LEU A 9 4.20 -2.31 0.52
CA LEU A 9 4.18 -1.69 1.84
C LEU A 9 4.71 -2.65 2.92
N GLY A 10 4.98 -3.91 2.57
CA GLY A 10 5.71 -4.91 3.33
C GLY A 10 4.84 -5.85 4.16
N LEU A 11 3.69 -6.31 3.64
CA LEU A 11 2.70 -7.10 4.35
C LEU A 11 2.19 -8.25 3.46
N ALA A 12 1.32 -9.11 4.01
CA ALA A 12 0.54 -10.12 3.31
C ALA A 12 -0.94 -10.04 3.73
N ARG A 13 -1.82 -10.62 2.91
CA ARG A 13 -3.24 -10.69 3.28
C ARG A 13 -3.33 -11.66 4.45
N GLY A 14 -3.69 -11.13 5.62
CA GLY A 14 -3.61 -11.80 6.90
C GLY A 14 -3.04 -10.86 7.96
N ALA A 15 -2.29 -9.84 7.52
CA ALA A 15 -1.99 -8.67 8.33
C ALA A 15 -3.30 -7.99 8.70
N SER A 16 -3.44 -7.60 9.97
CA SER A 16 -4.63 -6.86 10.40
C SER A 16 -4.45 -5.39 10.13
N ASP A 17 -5.51 -4.62 10.36
CA ASP A 17 -5.46 -3.18 10.20
C ASP A 17 -4.37 -2.59 11.09
N GLU A 18 -4.10 -3.22 12.23
CA GLU A 18 -3.20 -2.76 13.27
C GLU A 18 -1.76 -3.17 12.98
N GLU A 19 -1.55 -3.99 11.96
CA GLU A 19 -0.28 -4.28 11.33
C GLU A 19 -0.09 -3.31 10.16
N ILE A 20 -1.12 -3.25 9.31
CA ILE A 20 -1.19 -2.49 8.08
C ILE A 20 -0.94 -1.01 8.39
N LYS A 21 -1.75 -0.38 9.24
CA LYS A 21 -1.59 1.03 9.61
C LYS A 21 -0.27 1.27 10.34
N ARG A 22 0.23 0.28 11.09
CA ARG A 22 1.54 0.37 11.73
C ARG A 22 2.58 0.66 10.66
N ALA A 23 2.63 -0.19 9.63
CA ALA A 23 3.51 -0.04 8.50
C ALA A 23 3.23 1.26 7.75
N TYR A 24 1.97 1.57 7.41
CA TYR A 24 1.59 2.69 6.56
C TYR A 24 2.09 4.00 7.14
N ARG A 25 1.96 4.23 8.45
CA ARG A 25 2.41 5.47 9.07
C ARG A 25 3.92 5.62 8.95
N ARG A 26 4.68 4.54 9.20
CA ARG A 26 6.14 4.52 9.03
C ARG A 26 6.50 4.79 7.58
N GLN A 27 5.86 4.06 6.66
CA GLN A 27 6.16 4.02 5.23
C GLN A 27 5.91 5.37 4.57
N ALA A 28 4.86 6.10 4.95
CA ALA A 28 4.68 7.48 4.52
C ALA A 28 5.87 8.32 4.94
N LEU A 29 6.24 8.28 6.23
CA LEU A 29 7.32 9.08 6.77
C LEU A 29 8.69 8.71 6.18
N ARG A 30 8.81 7.56 5.50
CA ARG A 30 10.02 7.11 4.86
C ARG A 30 10.34 7.92 3.60
N TYR A 31 9.35 8.57 2.98
CA TYR A 31 9.50 9.19 1.65
C TYR A 31 8.63 10.43 1.41
N HIS A 32 7.88 10.88 2.41
CA HIS A 32 6.88 11.94 2.31
C HIS A 32 7.52 13.16 1.64
N PRO A 33 6.91 13.74 0.57
CA PRO A 33 7.33 15.01 -0.02
C PRO A 33 7.02 16.20 0.92
N ASP A 34 6.84 15.93 2.21
CA ASP A 34 6.66 16.88 3.29
C ASP A 34 7.61 16.61 4.46
N LYS A 35 8.54 15.64 4.32
CA LYS A 35 9.47 15.26 5.37
C LYS A 35 10.85 15.02 4.74
N ASN A 36 10.90 14.17 3.72
CA ASN A 36 12.06 13.71 3.00
C ASN A 36 11.75 14.08 1.56
N LYS A 37 12.08 15.32 1.18
CA LYS A 37 11.93 15.72 -0.22
C LYS A 37 13.19 15.27 -0.98
N GLU A 38 13.72 14.11 -0.62
CA GLU A 38 14.91 13.47 -1.13
C GLU A 38 14.69 13.21 -2.63
N PRO A 39 15.72 13.39 -3.47
CA PRO A 39 15.61 13.14 -4.90
C PRO A 39 15.30 11.67 -5.16
N GLY A 40 14.07 11.40 -5.60
CA GLY A 40 13.56 10.07 -5.88
C GLY A 40 12.77 9.44 -4.72
N ALA A 41 12.66 10.09 -3.56
CA ALA A 41 11.71 9.64 -2.54
C ALA A 41 10.28 9.86 -3.02
N GLU A 42 10.00 10.95 -3.75
CA GLU A 42 8.64 11.30 -4.16
C GLU A 42 7.98 10.23 -5.01
N GLU A 43 8.72 9.64 -5.95
CA GLU A 43 8.15 8.61 -6.80
C GLU A 43 7.92 7.32 -6.00
N LYS A 44 8.78 7.06 -5.02
CA LYS A 44 8.64 6.00 -4.03
C LYS A 44 7.36 6.19 -3.23
N PHE A 45 7.14 7.41 -2.72
CA PHE A 45 5.93 7.80 -2.01
C PHE A 45 4.71 7.62 -2.92
N LYS A 46 4.80 8.02 -4.18
CA LYS A 46 3.72 7.90 -5.17
C LYS A 46 3.36 6.43 -5.40
N GLU A 47 4.34 5.53 -5.47
CA GLU A 47 4.10 4.12 -5.68
C GLU A 47 3.56 3.50 -4.39
N ILE A 48 4.09 3.91 -3.23
CA ILE A 48 3.52 3.60 -1.94
C ILE A 48 2.06 4.04 -1.93
N ALA A 49 1.68 5.21 -2.43
CA ALA A 49 0.34 5.77 -2.28
C ALA A 49 -0.71 4.89 -2.95
N GLU A 50 -0.34 4.19 -4.02
CA GLU A 50 -1.21 3.20 -4.65
C GLU A 50 -1.45 2.03 -3.68
N ALA A 51 -0.41 1.58 -2.99
CA ALA A 51 -0.52 0.53 -2.00
C ALA A 51 -1.23 1.06 -0.75
N TYR A 52 -1.00 2.31 -0.38
CA TYR A 52 -1.45 3.01 0.81
C TYR A 52 -2.96 3.06 0.89
N ASP A 53 -3.61 3.21 -0.27
CA ASP A 53 -5.06 3.20 -0.40
C ASP A 53 -5.64 1.87 0.07
N VAL A 54 -5.06 0.77 -0.42
CA VAL A 54 -5.40 -0.58 0.00
C VAL A 54 -5.06 -0.69 1.48
N LEU A 55 -3.80 -0.47 1.84
CA LEU A 55 -3.26 -0.52 3.18
C LEU A 55 -3.81 0.59 4.11
N SER A 56 -5.00 1.11 3.85
CA SER A 56 -5.80 1.80 4.83
C SER A 56 -7.29 1.54 4.68
N ASP A 57 -7.86 1.47 3.47
CA ASP A 57 -9.32 1.33 3.30
C ASP A 57 -9.71 -0.14 3.43
N PRO A 58 -10.48 -0.54 4.47
CA PRO A 58 -10.90 -1.92 4.61
C PRO A 58 -11.82 -2.37 3.48
N ARG A 59 -12.60 -1.49 2.84
CA ARG A 59 -13.43 -1.87 1.71
C ARG A 59 -12.60 -2.07 0.44
N LYS A 60 -11.45 -1.42 0.33
CA LYS A 60 -10.50 -1.67 -0.75
C LYS A 60 -9.83 -3.01 -0.46
N ARG A 61 -9.38 -3.22 0.78
CA ARG A 61 -8.81 -4.50 1.19
C ARG A 61 -9.79 -5.65 1.12
N GLU A 62 -11.10 -5.44 1.27
CA GLU A 62 -12.07 -6.52 1.17
C GLU A 62 -11.92 -7.23 -0.18
N ILE A 63 -11.72 -6.46 -1.25
CA ILE A 63 -11.52 -6.99 -2.60
C ILE A 63 -10.13 -7.61 -2.74
N PHE A 64 -9.13 -7.06 -2.04
CA PHE A 64 -7.76 -7.56 -2.11
C PHE A 64 -7.57 -8.81 -1.25
N ASP A 65 -8.36 -9.00 -0.20
CA ASP A 65 -8.37 -10.16 0.68
C ASP A 65 -9.06 -11.31 -0.03
N ARG A 66 -10.26 -11.05 -0.60
CA ARG A 66 -11.05 -12.04 -1.31
C ARG A 66 -10.32 -12.54 -2.54
N TYR A 67 -9.71 -11.64 -3.31
CA TYR A 67 -9.00 -11.93 -4.56
C TYR A 67 -7.52 -11.59 -4.46
N GLY A 68 -7.17 -10.30 -4.34
CA GLY A 68 -5.81 -9.81 -4.48
C GLY A 68 -5.72 -8.84 -5.65
N GLU A 69 -4.56 -8.79 -6.30
CA GLU A 69 -4.30 -7.94 -7.45
C GLU A 69 -5.31 -8.20 -8.56
N GLU A 70 -5.72 -9.46 -8.76
CA GLU A 70 -6.65 -9.84 -9.81
C GLU A 70 -8.06 -9.30 -9.53
N GLY A 71 -8.32 -8.82 -8.32
CA GLY A 71 -9.58 -8.19 -7.96
C GLY A 71 -9.56 -6.68 -8.10
N LEU A 72 -8.39 -6.05 -8.08
CA LEU A 72 -8.27 -4.62 -7.79
C LEU A 72 -7.87 -3.85 -9.04
N LYS A 73 -8.80 -3.08 -9.58
CA LYS A 73 -8.60 -2.20 -10.74
C LYS A 73 -7.86 -0.92 -10.33
N GLY A 74 -6.80 -1.01 -9.53
CA GLY A 74 -5.86 0.10 -9.39
C GLY A 74 -4.94 0.07 -10.60
N SER A 75 -4.58 1.23 -11.15
CA SER A 75 -3.67 1.51 -12.28
C SER A 75 -3.86 0.76 -13.61
N GLY A 76 -4.48 -0.42 -13.66
CA GLY A 76 -4.47 -1.32 -14.81
C GLY A 76 -3.02 -1.55 -15.24
N CYS A 77 -2.66 -1.01 -16.39
CA CYS A 77 -1.31 -0.73 -16.83
C CYS A 77 -1.39 0.65 -17.47
N MET A 1 -3.92 -3.94 -11.34
CA MET A 1 -3.24 -3.02 -10.42
C MET A 1 -2.61 -3.67 -9.22
N GLY A 2 -3.12 -4.78 -8.69
CA GLY A 2 -2.48 -5.52 -7.62
C GLY A 2 -1.23 -6.24 -8.12
N LYS A 3 -0.25 -5.51 -8.63
CA LYS A 3 1.14 -5.96 -8.73
C LYS A 3 1.80 -6.18 -7.36
N ASP A 4 1.11 -6.83 -6.42
CA ASP A 4 1.35 -6.89 -4.98
C ASP A 4 1.15 -5.53 -4.31
N TYR A 5 0.49 -5.54 -3.14
CA TYR A 5 0.35 -4.36 -2.29
C TYR A 5 0.81 -4.59 -0.84
N TYR A 6 0.81 -5.83 -0.33
CA TYR A 6 1.32 -6.13 1.01
C TYR A 6 2.81 -5.80 1.08
N GLN A 7 3.62 -6.42 0.23
CA GLN A 7 5.04 -6.14 0.08
C GLN A 7 5.38 -4.74 -0.36
N THR A 8 4.55 -4.15 -1.20
CA THR A 8 4.72 -2.75 -1.60
C THR A 8 4.69 -1.78 -0.41
N LEU A 9 4.03 -2.15 0.68
CA LEU A 9 4.08 -1.42 1.95
C LEU A 9 4.98 -2.13 2.97
N GLY A 10 5.54 -3.28 2.62
CA GLY A 10 6.52 -3.98 3.43
C GLY A 10 5.84 -4.73 4.57
N LEU A 11 4.93 -5.64 4.23
CA LEU A 11 4.26 -6.57 5.14
C LEU A 11 4.30 -7.95 4.51
N ALA A 12 4.13 -9.00 5.31
CA ALA A 12 3.83 -10.31 4.78
C ALA A 12 2.38 -10.32 4.29
N ARG A 13 2.01 -11.23 3.38
CA ARG A 13 0.66 -11.28 2.81
C ARG A 13 -0.32 -12.01 3.74
N GLY A 14 -0.37 -11.57 4.98
CA GLY A 14 -1.12 -12.18 6.08
C GLY A 14 -0.80 -11.36 7.31
N ALA A 15 -1.09 -10.06 7.22
CA ALA A 15 -0.75 -9.05 8.21
C ALA A 15 -2.03 -8.35 8.65
N SER A 16 -2.15 -8.12 9.95
CA SER A 16 -3.38 -7.67 10.61
C SER A 16 -3.53 -6.16 10.53
N ASP A 17 -4.67 -5.61 10.98
CA ASP A 17 -4.97 -4.19 10.81
C ASP A 17 -3.93 -3.31 11.50
N GLU A 18 -3.60 -3.68 12.74
CA GLU A 18 -2.61 -3.03 13.60
C GLU A 18 -1.19 -3.38 13.16
N GLU A 19 -1.01 -4.20 12.12
CA GLU A 19 0.24 -4.47 11.45
C GLU A 19 0.38 -3.55 10.23
N ILE A 20 -0.70 -3.48 9.44
CA ILE A 20 -0.86 -2.66 8.25
C ILE A 20 -0.66 -1.19 8.64
N LYS A 21 -1.44 -0.68 9.60
CA LYS A 21 -1.34 0.70 10.05
C LYS A 21 0.06 0.99 10.58
N ARG A 22 0.65 0.05 11.31
CA ARG A 22 2.02 0.10 11.80
C ARG A 22 2.96 0.44 10.64
N ALA A 23 2.87 -0.32 9.55
CA ALA A 23 3.68 -0.08 8.37
C ALA A 23 3.38 1.31 7.80
N TYR A 24 2.13 1.63 7.49
CA TYR A 24 1.74 2.86 6.83
C TYR A 24 2.22 4.12 7.58
N ARG A 25 2.17 4.16 8.92
CA ARG A 25 2.66 5.33 9.66
C ARG A 25 4.19 5.39 9.75
N ARG A 26 4.93 4.41 9.22
CA ARG A 26 6.39 4.46 9.10
C ARG A 26 6.86 4.31 7.66
N GLN A 27 5.93 4.12 6.70
CA GLN A 27 6.23 4.02 5.28
C GLN A 27 5.87 5.30 4.54
N ALA A 28 4.75 5.96 4.84
CA ALA A 28 4.50 7.29 4.26
C ALA A 28 5.49 8.29 4.84
N LEU A 29 5.56 8.38 6.17
CA LEU A 29 6.42 9.30 6.93
C LEU A 29 7.89 9.21 6.49
N ARG A 30 8.28 8.04 5.97
CA ARG A 30 9.58 7.70 5.42
C ARG A 30 9.97 8.62 4.27
N TYR A 31 9.06 8.90 3.34
CA TYR A 31 9.30 9.61 2.09
C TYR A 31 8.26 10.72 1.86
N HIS A 32 7.55 11.11 2.93
CA HIS A 32 6.49 12.09 2.93
C HIS A 32 7.07 13.40 2.40
N PRO A 33 6.43 14.10 1.47
CA PRO A 33 6.92 15.41 1.01
C PRO A 33 6.95 16.44 2.15
N ASP A 34 6.29 16.14 3.25
CA ASP A 34 6.17 16.89 4.49
C ASP A 34 7.37 16.66 5.44
N LYS A 35 8.14 15.58 5.27
CA LYS A 35 9.10 15.14 6.29
C LYS A 35 10.43 14.69 5.68
N ASN A 36 10.44 14.22 4.42
CA ASN A 36 11.61 13.80 3.68
C ASN A 36 11.26 13.81 2.19
N LYS A 37 11.71 14.82 1.45
CA LYS A 37 11.61 14.82 0.00
C LYS A 37 12.83 14.03 -0.46
N GLU A 38 12.73 12.71 -0.31
CA GLU A 38 13.83 11.80 -0.56
C GLU A 38 14.10 11.82 -2.07
N PRO A 39 15.36 11.92 -2.52
CA PRO A 39 15.68 12.18 -3.91
C PRO A 39 15.28 11.00 -4.81
N GLY A 40 14.37 11.25 -5.74
CA GLY A 40 13.82 10.25 -6.65
C GLY A 40 12.64 9.47 -6.05
N ALA A 41 12.30 9.70 -4.78
CA ALA A 41 11.21 9.01 -4.12
C ALA A 41 9.84 9.57 -4.51
N GLU A 42 9.75 10.53 -5.42
CA GLU A 42 8.47 11.06 -5.91
C GLU A 42 7.62 9.89 -6.44
N GLU A 43 8.24 9.02 -7.23
CA GLU A 43 7.62 7.83 -7.78
C GLU A 43 7.35 6.81 -6.67
N LYS A 44 8.32 6.54 -5.81
CA LYS A 44 8.18 5.55 -4.76
C LYS A 44 7.05 5.91 -3.80
N PHE A 45 6.88 7.20 -3.52
CA PHE A 45 5.83 7.70 -2.65
C PHE A 45 4.49 7.41 -3.30
N LYS A 46 4.32 7.65 -4.61
CA LYS A 46 3.12 7.26 -5.35
C LYS A 46 2.90 5.74 -5.35
N GLU A 47 3.96 4.94 -5.37
CA GLU A 47 3.89 3.50 -5.42
C GLU A 47 3.43 2.97 -4.06
N ILE A 48 4.01 3.54 -2.99
CA ILE A 48 3.50 3.39 -1.63
C ILE A 48 2.03 3.80 -1.63
N ALA A 49 1.67 5.02 -2.07
CA ALA A 49 0.35 5.61 -1.92
C ALA A 49 -0.74 4.75 -2.61
N GLU A 50 -0.36 4.01 -3.65
CA GLU A 50 -1.24 3.07 -4.32
C GLU A 50 -1.56 1.89 -3.40
N ALA A 51 -0.55 1.31 -2.75
CA ALA A 51 -0.73 0.24 -1.78
C ALA A 51 -1.34 0.79 -0.48
N TYR A 52 -1.05 2.04 -0.14
CA TYR A 52 -1.46 2.76 1.05
C TYR A 52 -2.96 2.92 1.04
N ASP A 53 -3.51 3.38 -0.10
CA ASP A 53 -4.92 3.59 -0.27
C ASP A 53 -5.68 2.30 -0.02
N VAL A 54 -5.19 1.24 -0.63
CA VAL A 54 -5.76 -0.09 -0.53
C VAL A 54 -5.66 -0.53 0.91
N LEU A 55 -4.46 -0.65 1.46
CA LEU A 55 -4.18 -1.07 2.82
C LEU A 55 -4.48 0.08 3.81
N SER A 56 -5.59 0.78 3.61
CA SER A 56 -6.26 1.57 4.62
C SER A 56 -7.77 1.70 4.35
N ASP A 57 -8.27 1.68 3.11
CA ASP A 57 -9.66 2.10 2.85
C ASP A 57 -10.49 0.91 2.34
N PRO A 58 -11.63 0.56 2.99
CA PRO A 58 -12.49 -0.55 2.60
C PRO A 58 -13.34 -0.23 1.36
N ARG A 59 -12.75 0.38 0.32
CA ARG A 59 -13.32 0.45 -1.01
C ARG A 59 -12.37 -0.23 -1.97
N LYS A 60 -11.08 0.15 -2.03
CA LYS A 60 -10.20 -0.59 -2.94
C LYS A 60 -9.92 -1.95 -2.33
N ARG A 61 -9.68 -2.02 -1.01
CA ARG A 61 -9.36 -3.28 -0.40
C ARG A 61 -10.49 -4.28 -0.46
N GLU A 62 -11.75 -3.88 -0.65
CA GLU A 62 -12.89 -4.78 -0.55
C GLU A 62 -12.66 -6.06 -1.36
N ILE A 63 -12.19 -5.93 -2.60
CA ILE A 63 -12.04 -7.09 -3.50
C ILE A 63 -10.84 -7.94 -3.05
N PHE A 64 -9.79 -7.30 -2.54
CA PHE A 64 -8.55 -7.93 -2.08
C PHE A 64 -8.77 -8.61 -0.72
N ASP A 65 -9.61 -8.03 0.13
CA ASP A 65 -10.01 -8.48 1.45
C ASP A 65 -10.90 -9.71 1.31
N ARG A 66 -11.88 -9.64 0.40
CA ARG A 66 -12.87 -10.68 0.13
C ARG A 66 -12.16 -11.89 -0.46
N TYR A 67 -11.42 -11.71 -1.55
CA TYR A 67 -10.88 -12.83 -2.32
C TYR A 67 -9.44 -13.12 -1.97
N GLY A 68 -8.55 -12.15 -2.14
CA GLY A 68 -7.11 -12.35 -2.28
C GLY A 68 -6.66 -11.77 -3.61
N GLU A 69 -5.43 -12.06 -4.04
CA GLU A 69 -4.96 -11.62 -5.36
C GLU A 69 -5.78 -12.22 -6.51
N GLU A 70 -6.45 -13.36 -6.30
CA GLU A 70 -7.33 -13.93 -7.33
C GLU A 70 -8.50 -13.00 -7.64
N GLY A 71 -8.88 -12.12 -6.70
CA GLY A 71 -9.91 -11.12 -6.90
C GLY A 71 -9.31 -9.94 -7.62
N LEU A 72 -8.35 -9.27 -6.95
CA LEU A 72 -7.78 -8.03 -7.45
C LEU A 72 -6.60 -8.35 -8.38
N LYS A 73 -6.92 -8.97 -9.52
CA LYS A 73 -5.97 -9.40 -10.55
C LYS A 73 -6.04 -8.52 -11.80
N GLY A 74 -6.90 -7.50 -11.80
CA GLY A 74 -7.15 -6.61 -12.92
C GLY A 74 -8.45 -7.00 -13.59
N SER A 75 -9.07 -6.05 -14.29
CA SER A 75 -10.40 -6.15 -14.85
C SER A 75 -11.48 -6.49 -13.81
N GLY A 76 -12.69 -6.75 -14.27
CA GLY A 76 -13.85 -7.14 -13.47
C GLY A 76 -14.55 -5.91 -12.88
N CYS A 77 -15.67 -6.17 -12.21
CA CYS A 77 -16.57 -5.17 -11.68
C CYS A 77 -17.06 -5.64 -10.32
N MET A 1 -2.64 -10.83 -11.79
CA MET A 1 -2.02 -10.40 -10.53
C MET A 1 -0.72 -9.68 -10.88
N GLY A 2 0.47 -10.24 -10.65
CA GLY A 2 1.73 -9.60 -10.99
C GLY A 2 2.10 -8.42 -10.09
N LYS A 3 1.12 -7.71 -9.53
CA LYS A 3 1.35 -6.57 -8.64
C LYS A 3 1.12 -7.00 -7.20
N ASP A 4 1.55 -6.16 -6.27
CA ASP A 4 1.19 -6.23 -4.88
C ASP A 4 1.11 -4.81 -4.30
N TYR A 5 0.36 -4.63 -3.22
CA TYR A 5 0.19 -3.40 -2.48
C TYR A 5 0.68 -3.58 -1.01
N TYR A 6 0.59 -4.78 -0.41
CA TYR A 6 0.96 -5.03 0.98
C TYR A 6 2.46 -4.89 1.18
N GLN A 7 3.23 -5.73 0.51
CA GLN A 7 4.68 -5.81 0.57
C GLN A 7 5.32 -4.63 -0.17
N THR A 8 4.59 -4.00 -1.09
CA THR A 8 4.92 -2.67 -1.61
C THR A 8 4.97 -1.63 -0.47
N LEU A 9 4.26 -1.85 0.62
CA LEU A 9 4.29 -1.08 1.85
C LEU A 9 5.01 -1.87 2.97
N GLY A 10 5.74 -2.93 2.63
CA GLY A 10 6.59 -3.69 3.53
C GLY A 10 5.81 -4.55 4.51
N LEU A 11 4.62 -5.04 4.15
CA LEU A 11 3.79 -5.95 4.95
C LEU A 11 3.68 -7.29 4.24
N ALA A 12 3.53 -8.37 4.99
CA ALA A 12 3.14 -9.64 4.40
C ALA A 12 1.66 -9.60 4.03
N ARG A 13 1.28 -10.44 3.07
CA ARG A 13 -0.11 -10.84 2.93
C ARG A 13 -0.55 -11.46 4.24
N GLY A 14 -1.65 -10.98 4.77
CA GLY A 14 -2.31 -11.48 5.98
C GLY A 14 -2.11 -10.56 7.18
N ALA A 15 -1.60 -9.34 6.98
CA ALA A 15 -1.35 -8.36 8.05
C ALA A 15 -2.63 -8.03 8.83
N SER A 16 -2.47 -7.58 10.07
CA SER A 16 -3.56 -7.01 10.85
C SER A 16 -3.57 -5.51 10.71
N ASP A 17 -4.71 -4.89 11.01
CA ASP A 17 -4.90 -3.46 10.89
C ASP A 17 -3.98 -2.68 11.83
N GLU A 18 -3.53 -3.31 12.92
CA GLU A 18 -2.52 -2.77 13.83
C GLU A 18 -1.18 -2.64 13.11
N GLU A 19 -0.93 -3.57 12.20
CA GLU A 19 0.28 -3.67 11.40
C GLU A 19 0.17 -2.68 10.26
N ILE A 20 -1.01 -2.57 9.67
CA ILE A 20 -1.28 -1.56 8.66
C ILE A 20 -0.91 -0.20 9.26
N LYS A 21 -1.63 0.21 10.31
CA LYS A 21 -1.50 1.53 10.93
C LYS A 21 -0.07 1.83 11.37
N ARG A 22 0.66 0.83 11.88
CA ARG A 22 2.09 0.88 12.17
C ARG A 22 2.85 1.21 10.89
N ALA A 23 2.83 0.27 9.95
CA ALA A 23 3.62 0.26 8.73
C ALA A 23 3.41 1.54 7.93
N TYR A 24 2.17 1.85 7.59
CA TYR A 24 1.75 3.03 6.85
C TYR A 24 2.28 4.32 7.48
N ARG A 25 2.25 4.46 8.81
CA ARG A 25 2.78 5.67 9.44
C ARG A 25 4.27 5.82 9.15
N ARG A 26 5.07 4.76 9.35
CA ARG A 26 6.50 4.87 9.09
C ARG A 26 6.79 5.00 7.60
N GLN A 27 6.09 4.24 6.75
CA GLN A 27 6.31 4.20 5.31
C GLN A 27 5.97 5.52 4.65
N ALA A 28 4.94 6.24 5.14
CA ALA A 28 4.74 7.63 4.80
C ALA A 28 5.99 8.39 5.23
N LEU A 29 6.24 8.49 6.54
CA LEU A 29 7.29 9.34 7.12
C LEU A 29 8.69 9.09 6.53
N ARG A 30 8.90 7.96 5.84
CA ARG A 30 10.10 7.65 5.10
C ARG A 30 10.28 8.55 3.87
N TYR A 31 9.24 8.81 3.07
CA TYR A 31 9.35 9.54 1.79
C TYR A 31 8.28 10.63 1.61
N HIS A 32 7.40 10.84 2.58
CA HIS A 32 6.27 11.76 2.54
C HIS A 32 6.78 13.17 2.25
N PRO A 33 6.17 13.91 1.29
CA PRO A 33 6.75 15.13 0.75
C PRO A 33 6.82 16.25 1.78
N ASP A 34 6.01 16.18 2.85
CA ASP A 34 6.03 17.15 3.94
C ASP A 34 7.13 16.80 4.96
N LYS A 35 7.97 15.79 4.71
CA LYS A 35 9.00 15.40 5.67
C LYS A 35 10.32 15.02 4.98
N ASN A 36 10.32 14.39 3.81
CA ASN A 36 11.53 13.87 3.19
C ASN A 36 11.31 13.74 1.70
N LYS A 37 11.90 14.65 0.91
CA LYS A 37 11.82 14.58 -0.53
C LYS A 37 12.91 13.60 -1.01
N GLU A 38 12.77 12.33 -0.66
CA GLU A 38 13.84 11.35 -0.76
C GLU A 38 14.17 11.11 -2.25
N PRO A 39 15.41 11.35 -2.70
CA PRO A 39 15.72 11.44 -4.12
C PRO A 39 15.62 10.07 -4.80
N GLY A 40 14.74 9.96 -5.79
CA GLY A 40 14.43 8.72 -6.50
C GLY A 40 13.25 7.99 -5.87
N ALA A 41 12.84 8.37 -4.66
CA ALA A 41 11.73 7.74 -3.97
C ALA A 41 10.38 8.35 -4.37
N GLU A 42 10.33 9.34 -5.26
CA GLU A 42 9.06 9.92 -5.71
C GLU A 42 8.17 8.83 -6.30
N GLU A 43 8.76 7.97 -7.12
CA GLU A 43 8.07 6.84 -7.75
C GLU A 43 7.61 5.85 -6.69
N LYS A 44 8.51 5.55 -5.74
CA LYS A 44 8.27 4.67 -4.62
C LYS A 44 7.04 5.14 -3.86
N PHE A 45 7.03 6.42 -3.50
CA PHE A 45 6.01 7.14 -2.76
C PHE A 45 4.67 7.11 -3.51
N LYS A 46 4.71 7.34 -4.83
CA LYS A 46 3.52 7.28 -5.67
C LYS A 46 2.83 5.94 -5.44
N GLU A 47 3.60 4.86 -5.37
CA GLU A 47 3.10 3.54 -5.09
C GLU A 47 2.72 3.38 -3.61
N ILE A 48 3.45 4.02 -2.69
CA ILE A 48 3.10 4.04 -1.26
C ILE A 48 1.68 4.55 -1.14
N ALA A 49 1.32 5.69 -1.75
CA ALA A 49 -0.01 6.28 -1.63
C ALA A 49 -1.10 5.35 -2.18
N GLU A 50 -0.80 4.59 -3.23
CA GLU A 50 -1.72 3.61 -3.79
C GLU A 50 -1.93 2.45 -2.81
N ALA A 51 -0.85 2.03 -2.13
CA ALA A 51 -0.91 0.99 -1.12
C ALA A 51 -1.57 1.56 0.13
N TYR A 52 -1.36 2.83 0.44
CA TYR A 52 -1.83 3.55 1.61
C TYR A 52 -3.35 3.45 1.66
N ASP A 53 -3.99 3.75 0.53
CA ASP A 53 -5.44 3.80 0.47
C ASP A 53 -6.03 2.40 0.58
N VAL A 54 -5.49 1.43 -0.17
CA VAL A 54 -6.00 0.06 -0.19
C VAL A 54 -5.85 -0.56 1.18
N LEU A 55 -4.67 -0.41 1.78
CA LEU A 55 -4.35 -1.04 3.03
C LEU A 55 -5.22 -0.43 4.14
N SER A 56 -5.47 0.88 4.11
CA SER A 56 -6.33 1.52 5.08
C SER A 56 -7.81 1.11 4.95
N ASP A 57 -8.29 0.87 3.73
CA ASP A 57 -9.71 0.93 3.38
C ASP A 57 -10.34 -0.47 3.32
N PRO A 58 -11.22 -0.84 4.26
CA PRO A 58 -11.75 -2.20 4.36
C PRO A 58 -12.44 -2.61 3.06
N ARG A 59 -13.34 -1.78 2.56
CA ARG A 59 -14.20 -2.12 1.43
C ARG A 59 -13.42 -2.27 0.12
N LYS A 60 -12.16 -1.82 0.09
CA LYS A 60 -11.27 -2.00 -1.03
C LYS A 60 -10.33 -3.18 -0.80
N ARG A 61 -9.85 -3.39 0.43
CA ARG A 61 -9.09 -4.61 0.72
C ARG A 61 -9.93 -5.86 0.54
N GLU A 62 -11.25 -5.76 0.71
CA GLU A 62 -12.26 -6.74 0.34
C GLU A 62 -12.13 -7.13 -1.15
N ILE A 63 -11.94 -6.14 -2.02
CA ILE A 63 -11.84 -6.36 -3.47
C ILE A 63 -10.48 -7.01 -3.76
N PHE A 64 -9.41 -6.52 -3.13
CA PHE A 64 -8.07 -7.04 -3.30
C PHE A 64 -7.95 -8.47 -2.75
N ASP A 65 -8.71 -8.80 -1.71
CA ASP A 65 -8.83 -10.14 -1.14
C ASP A 65 -9.52 -11.06 -2.15
N ARG A 66 -10.73 -10.68 -2.57
CA ARG A 66 -11.61 -11.52 -3.38
C ARG A 66 -11.00 -11.77 -4.76
N TYR A 67 -10.47 -10.71 -5.34
CA TYR A 67 -9.84 -10.71 -6.65
C TYR A 67 -8.32 -10.60 -6.48
N GLY A 68 -7.81 -9.40 -6.22
CA GLY A 68 -6.43 -9.00 -6.41
C GLY A 68 -6.45 -7.60 -7.01
N GLU A 69 -5.31 -7.13 -7.52
CA GLU A 69 -5.20 -5.83 -8.16
C GLU A 69 -6.22 -5.69 -9.29
N GLU A 70 -6.45 -6.76 -10.06
CA GLU A 70 -7.27 -6.71 -11.26
C GLU A 70 -8.73 -6.40 -10.91
N GLY A 71 -9.16 -6.71 -9.68
CA GLY A 71 -10.52 -6.45 -9.22
C GLY A 71 -10.80 -4.97 -9.01
N LEU A 72 -9.76 -4.21 -8.65
CA LEU A 72 -9.84 -2.79 -8.34
C LEU A 72 -10.00 -1.99 -9.64
N LYS A 73 -10.45 -0.74 -9.54
CA LYS A 73 -10.47 0.24 -10.62
C LYS A 73 -10.12 1.58 -9.98
N GLY A 74 -8.90 1.69 -9.46
CA GLY A 74 -8.44 2.87 -8.76
C GLY A 74 -7.88 3.82 -9.80
N SER A 75 -8.76 4.49 -10.54
CA SER A 75 -8.53 5.16 -11.82
C SER A 75 -8.74 4.10 -12.89
N GLY A 76 -9.96 3.98 -13.42
CA GLY A 76 -10.22 3.19 -14.61
C GLY A 76 -9.71 3.95 -15.82
N CYS A 77 -8.39 4.03 -15.98
CA CYS A 77 -7.71 5.03 -16.79
C CYS A 77 -8.20 6.41 -16.32
N MET A 1 10.17 -7.78 -6.13
CA MET A 1 9.20 -8.54 -6.94
C MET A 1 8.00 -8.93 -6.08
N GLY A 2 6.91 -9.38 -6.71
CA GLY A 2 5.72 -9.88 -6.01
C GLY A 2 4.83 -8.79 -5.44
N LYS A 3 5.20 -7.53 -5.59
CA LYS A 3 4.49 -6.40 -5.02
C LYS A 3 3.12 -6.24 -5.70
N ASP A 4 2.02 -6.25 -4.94
CA ASP A 4 0.78 -5.66 -5.43
C ASP A 4 0.32 -4.47 -4.60
N TYR A 5 0.31 -4.56 -3.27
CA TYR A 5 0.01 -3.44 -2.35
C TYR A 5 0.43 -3.76 -0.91
N TYR A 6 0.21 -4.97 -0.38
CA TYR A 6 0.54 -5.28 1.01
C TYR A 6 2.02 -5.03 1.24
N GLN A 7 2.83 -5.53 0.32
CA GLN A 7 4.26 -5.30 0.29
C GLN A 7 4.72 -3.88 0.06
N THR A 8 4.00 -3.14 -0.75
CA THR A 8 4.26 -1.72 -0.97
C THR A 8 4.12 -0.95 0.34
N LEU A 9 3.30 -1.48 1.25
CA LEU A 9 3.05 -0.98 2.59
C LEU A 9 3.92 -1.72 3.61
N GLY A 10 4.77 -2.66 3.18
CA GLY A 10 5.78 -3.31 3.99
C GLY A 10 5.32 -4.57 4.70
N LEU A 11 4.17 -5.16 4.33
CA LEU A 11 3.58 -6.31 5.03
C LEU A 11 3.44 -7.51 4.10
N ALA A 12 2.99 -8.62 4.67
CA ALA A 12 2.63 -9.85 3.99
C ALA A 12 1.15 -10.16 4.22
N ARG A 13 0.65 -11.22 3.55
CA ARG A 13 -0.57 -11.89 3.99
C ARG A 13 -0.34 -12.32 5.44
N GLY A 14 -0.98 -11.64 6.39
CA GLY A 14 -0.68 -11.74 7.81
C GLY A 14 -0.97 -10.44 8.54
N ALA A 15 -0.97 -9.31 7.84
CA ALA A 15 -1.32 -7.98 8.35
C ALA A 15 -2.67 -8.01 9.06
N SER A 16 -2.71 -7.65 10.35
CA SER A 16 -3.93 -7.20 10.99
C SER A 16 -4.10 -5.73 10.75
N ASP A 17 -5.30 -5.21 10.99
CA ASP A 17 -5.56 -3.79 10.86
C ASP A 17 -4.66 -2.92 11.74
N GLU A 18 -4.13 -3.46 12.86
CA GLU A 18 -3.15 -2.74 13.68
C GLU A 18 -1.87 -2.57 12.87
N GLU A 19 -1.48 -3.62 12.16
CA GLU A 19 -0.22 -3.70 11.46
C GLU A 19 -0.31 -2.85 10.22
N ILE A 20 -1.51 -2.76 9.63
CA ILE A 20 -1.80 -1.87 8.53
C ILE A 20 -1.36 -0.46 8.98
N LYS A 21 -2.00 0.08 10.02
CA LYS A 21 -1.76 1.46 10.47
C LYS A 21 -0.37 1.63 11.09
N ARG A 22 0.24 0.56 11.63
CA ARG A 22 1.60 0.58 12.13
C ARG A 22 2.54 0.82 10.96
N ALA A 23 2.58 -0.15 10.05
CA ALA A 23 3.47 -0.15 8.91
C ALA A 23 3.25 1.08 8.04
N TYR A 24 2.03 1.63 7.94
CA TYR A 24 1.63 2.83 7.20
C TYR A 24 2.63 3.95 7.43
N ARG A 25 2.69 4.46 8.66
CA ARG A 25 3.46 5.66 8.95
C ARG A 25 4.95 5.37 8.85
N ARG A 26 5.38 4.17 9.21
CA ARG A 26 6.76 3.73 9.02
C ARG A 26 7.13 3.79 7.53
N GLN A 27 6.27 3.32 6.64
CA GLN A 27 6.47 3.34 5.20
C GLN A 27 6.47 4.78 4.69
N ALA A 28 5.44 5.57 5.03
CA ALA A 28 5.34 6.96 4.62
C ALA A 28 6.59 7.74 4.99
N LEU A 29 7.00 7.63 6.25
CA LEU A 29 8.17 8.28 6.81
C LEU A 29 9.46 7.88 6.07
N ARG A 30 9.53 6.71 5.44
CA ARG A 30 10.71 6.27 4.71
C ARG A 30 10.91 7.09 3.43
N TYR A 31 9.84 7.49 2.73
CA TYR A 31 9.97 8.17 1.43
C TYR A 31 9.48 9.61 1.47
N HIS A 32 8.98 10.06 2.62
CA HIS A 32 8.26 11.30 2.83
C HIS A 32 8.94 12.46 2.11
N PRO A 33 8.37 12.98 0.99
CA PRO A 33 9.04 14.00 0.21
C PRO A 33 9.12 15.35 0.94
N ASP A 34 8.51 15.46 2.12
CA ASP A 34 8.60 16.62 3.01
C ASP A 34 9.86 16.54 3.88
N LYS A 35 10.16 15.36 4.43
CA LYS A 35 11.18 15.23 5.46
C LYS A 35 12.44 14.60 4.85
N ASN A 36 12.30 13.64 3.93
CA ASN A 36 13.44 13.03 3.26
C ASN A 36 13.95 13.99 2.20
N LYS A 37 13.01 14.57 1.44
CA LYS A 37 13.22 15.36 0.24
C LYS A 37 14.05 14.62 -0.82
N GLU A 38 14.15 13.29 -0.72
CA GLU A 38 14.88 12.43 -1.63
C GLU A 38 14.34 12.60 -3.05
N PRO A 39 15.19 12.71 -4.10
CA PRO A 39 14.72 12.89 -5.48
C PRO A 39 13.96 11.65 -5.93
N GLY A 40 12.82 11.85 -6.60
CA GLY A 40 11.99 10.77 -7.11
C GLY A 40 11.25 9.99 -6.03
N ALA A 41 11.56 10.16 -4.74
CA ALA A 41 10.88 9.47 -3.66
C ALA A 41 9.40 9.89 -3.59
N GLU A 42 9.00 11.03 -4.17
CA GLU A 42 7.60 11.37 -4.23
C GLU A 42 6.82 10.39 -5.13
N GLU A 43 7.42 9.87 -6.20
CA GLU A 43 6.78 8.85 -7.02
C GLU A 43 6.54 7.62 -6.17
N LYS A 44 7.57 7.22 -5.44
CA LYS A 44 7.57 6.07 -4.57
C LYS A 44 6.56 6.27 -3.44
N PHE A 45 6.39 7.50 -2.96
CA PHE A 45 5.47 7.87 -1.91
C PHE A 45 4.03 7.80 -2.43
N LYS A 46 3.73 8.29 -3.65
CA LYS A 46 2.40 8.16 -4.24
C LYS A 46 2.09 6.72 -4.66
N GLU A 47 3.10 5.86 -4.82
CA GLU A 47 2.94 4.44 -5.07
C GLU A 47 2.49 3.78 -3.78
N ILE A 48 3.21 4.06 -2.68
CA ILE A 48 2.73 3.70 -1.34
C ILE A 48 1.34 4.27 -1.12
N ALA A 49 1.03 5.51 -1.54
CA ALA A 49 -0.26 6.14 -1.26
C ALA A 49 -1.42 5.36 -1.90
N GLU A 50 -1.16 4.63 -2.98
CA GLU A 50 -2.15 3.73 -3.56
C GLU A 50 -2.39 2.54 -2.63
N ALA A 51 -1.33 1.97 -2.07
CA ALA A 51 -1.43 0.84 -1.17
C ALA A 51 -1.99 1.29 0.19
N TYR A 52 -1.70 2.53 0.59
CA TYR A 52 -2.15 3.24 1.79
C TYR A 52 -3.68 3.25 1.73
N ASP A 53 -4.20 3.83 0.65
CA ASP A 53 -5.63 3.94 0.36
C ASP A 53 -6.27 2.55 0.40
N VAL A 54 -5.70 1.60 -0.33
CA VAL A 54 -6.28 0.28 -0.50
C VAL A 54 -6.34 -0.44 0.83
N LEU A 55 -5.22 -0.51 1.55
CA LEU A 55 -5.14 -1.29 2.76
C LEU A 55 -6.07 -0.71 3.83
N SER A 56 -6.43 0.58 3.76
CA SER A 56 -7.41 1.18 4.65
C SER A 56 -8.87 1.04 4.18
N ASP A 57 -9.12 0.97 2.87
CA ASP A 57 -10.46 0.98 2.31
C ASP A 57 -10.87 -0.44 1.90
N PRO A 58 -11.76 -1.11 2.65
CA PRO A 58 -12.19 -2.46 2.31
C PRO A 58 -12.94 -2.55 0.98
N ARG A 59 -13.32 -1.46 0.31
CA ARG A 59 -13.95 -1.54 -1.03
C ARG A 59 -12.89 -1.75 -2.10
N LYS A 60 -11.77 -1.03 -2.07
CA LYS A 60 -10.69 -1.30 -3.02
C LYS A 60 -10.01 -2.58 -2.58
N ARG A 61 -9.84 -2.76 -1.27
CA ARG A 61 -9.38 -4.03 -0.78
C ARG A 61 -10.35 -5.15 -1.04
N GLU A 62 -11.59 -5.00 -1.48
CA GLU A 62 -12.54 -6.11 -1.37
C GLU A 62 -12.11 -7.27 -2.27
N ILE A 63 -11.68 -6.96 -3.50
CA ILE A 63 -11.13 -7.99 -4.38
C ILE A 63 -9.72 -8.39 -3.88
N PHE A 64 -8.98 -7.44 -3.32
CA PHE A 64 -7.63 -7.69 -2.86
C PHE A 64 -7.60 -8.64 -1.67
N ASP A 65 -8.56 -8.53 -0.75
CA ASP A 65 -8.70 -9.24 0.50
C ASP A 65 -9.16 -10.66 0.25
N ARG A 66 -10.15 -10.83 -0.66
CA ARG A 66 -10.70 -12.13 -0.99
C ARG A 66 -9.64 -13.04 -1.62
N TYR A 67 -8.83 -12.51 -2.54
CA TYR A 67 -7.78 -13.27 -3.21
C TYR A 67 -6.39 -13.18 -2.55
N GLY A 68 -6.03 -12.05 -1.94
CA GLY A 68 -4.74 -11.80 -1.30
C GLY A 68 -3.60 -11.76 -2.33
N GLU A 69 -3.26 -10.58 -2.84
CA GLU A 69 -2.27 -10.32 -3.87
C GLU A 69 -2.32 -11.36 -5.01
N GLU A 70 -3.52 -11.67 -5.49
CA GLU A 70 -3.75 -12.56 -6.61
C GLU A 70 -4.93 -12.08 -7.48
N GLY A 71 -5.83 -11.28 -6.91
CA GLY A 71 -7.10 -10.95 -7.53
C GLY A 71 -7.15 -9.59 -8.19
N LEU A 72 -6.12 -8.75 -8.05
CA LEU A 72 -6.20 -7.33 -8.38
C LEU A 72 -6.04 -7.10 -9.88
N LYS A 73 -6.85 -7.76 -10.71
CA LYS A 73 -6.93 -7.50 -12.15
C LYS A 73 -7.81 -6.27 -12.40
N GLY A 74 -7.64 -5.23 -11.57
CA GLY A 74 -8.20 -3.89 -11.74
C GLY A 74 -7.44 -3.10 -12.80
N SER A 75 -6.31 -3.63 -13.27
CA SER A 75 -5.64 -3.30 -14.51
C SER A 75 -5.12 -4.65 -15.05
N GLY A 76 -4.63 -4.68 -16.29
CA GLY A 76 -4.42 -5.90 -17.04
C GLY A 76 -5.11 -5.79 -18.39
N CYS A 77 -5.36 -6.93 -19.03
CA CYS A 77 -6.06 -7.05 -20.31
C CYS A 77 -7.55 -6.76 -20.09
N MET A 1 8.34 -6.08 -9.79
CA MET A 1 8.86 -6.26 -8.42
C MET A 1 8.52 -5.09 -7.54
N GLY A 2 8.40 -5.36 -6.24
CA GLY A 2 7.91 -4.44 -5.21
C GLY A 2 6.40 -4.29 -5.29
N LYS A 3 5.85 -4.24 -6.50
CA LYS A 3 4.46 -3.88 -6.78
C LYS A 3 3.58 -5.01 -6.24
N ASP A 4 2.93 -4.81 -5.09
CA ASP A 4 2.09 -5.78 -4.36
C ASP A 4 1.46 -5.09 -3.13
N TYR A 5 1.06 -3.81 -3.29
CA TYR A 5 0.35 -2.93 -2.35
C TYR A 5 0.74 -3.07 -0.87
N TYR A 6 0.29 -4.12 -0.17
CA TYR A 6 0.76 -4.50 1.16
C TYR A 6 2.29 -4.41 1.22
N GLN A 7 2.98 -5.01 0.25
CA GLN A 7 4.43 -5.00 0.20
C GLN A 7 4.96 -3.57 0.05
N THR A 8 4.37 -2.76 -0.83
CA THR A 8 4.74 -1.37 -1.02
C THR A 8 4.52 -0.54 0.26
N LEU A 9 3.59 -0.94 1.10
CA LEU A 9 3.30 -0.32 2.39
C LEU A 9 4.26 -0.88 3.46
N GLY A 10 4.95 -1.99 3.17
CA GLY A 10 6.08 -2.51 3.95
C GLY A 10 5.81 -3.89 4.55
N LEU A 11 4.86 -4.66 4.01
CA LEU A 11 4.23 -5.79 4.69
C LEU A 11 4.30 -7.07 3.85
N ALA A 12 3.55 -8.09 4.26
CA ALA A 12 3.19 -9.27 3.49
C ALA A 12 1.68 -9.35 3.37
N ARG A 13 1.22 -10.25 2.49
CA ARG A 13 -0.13 -10.79 2.55
C ARG A 13 -0.30 -11.36 3.96
N GLY A 14 -1.30 -10.90 4.68
CA GLY A 14 -1.65 -11.31 6.02
C GLY A 14 -1.50 -10.21 7.06
N ALA A 15 -1.07 -9.00 6.66
CA ALA A 15 -1.02 -7.85 7.55
C ALA A 15 -2.41 -7.55 8.10
N SER A 16 -2.56 -7.56 9.43
CA SER A 16 -3.80 -7.16 10.06
C SER A 16 -3.93 -5.65 9.99
N ASP A 17 -5.09 -5.12 10.37
CA ASP A 17 -5.43 -3.71 10.23
C ASP A 17 -4.48 -2.79 11.03
N GLU A 18 -3.96 -3.21 12.19
CA GLU A 18 -3.02 -2.40 12.96
C GLU A 18 -1.59 -2.65 12.48
N GLU A 19 -1.31 -3.78 11.81
CA GLU A 19 -0.01 -4.00 11.19
C GLU A 19 0.08 -3.07 9.99
N ILE A 20 -1.03 -2.97 9.28
CA ILE A 20 -1.29 -2.01 8.24
C ILE A 20 -1.03 -0.62 8.80
N LYS A 21 -1.75 -0.20 9.85
CA LYS A 21 -1.66 1.14 10.43
C LYS A 21 -0.24 1.46 10.94
N ARG A 22 0.42 0.50 11.58
CA ARG A 22 1.81 0.60 12.03
C ARG A 22 2.69 0.93 10.84
N ALA A 23 2.65 0.05 9.85
CA ALA A 23 3.42 0.15 8.62
C ALA A 23 3.12 1.48 7.91
N TYR A 24 1.86 1.92 7.86
CA TYR A 24 1.37 3.16 7.28
C TYR A 24 2.26 4.33 7.68
N ARG A 25 2.25 4.67 8.97
CA ARG A 25 2.98 5.82 9.47
C ARG A 25 4.47 5.60 9.31
N ARG A 26 4.95 4.36 9.48
CA ARG A 26 6.36 4.02 9.29
C ARG A 26 6.80 4.34 7.87
N GLN A 27 6.10 3.85 6.84
CA GLN A 27 6.42 4.02 5.45
C GLN A 27 6.30 5.48 5.06
N ALA A 28 5.23 6.15 5.49
CA ALA A 28 5.06 7.57 5.25
C ALA A 28 6.26 8.32 5.82
N LEU A 29 6.53 8.17 7.12
CA LEU A 29 7.64 8.80 7.84
C LEU A 29 9.01 8.21 7.46
N ARG A 30 9.10 7.31 6.48
CA ARG A 30 10.31 7.00 5.76
C ARG A 30 10.36 7.97 4.58
N TYR A 31 9.61 7.67 3.52
CA TYR A 31 9.77 8.22 2.18
C TYR A 31 9.08 9.59 1.99
N HIS A 32 8.55 10.22 3.04
CA HIS A 32 7.69 11.40 2.98
C HIS A 32 8.31 12.49 2.10
N PRO A 33 7.54 13.17 1.23
CA PRO A 33 8.02 14.30 0.47
C PRO A 33 8.34 15.50 1.36
N ASP A 34 7.93 15.47 2.62
CA ASP A 34 8.23 16.51 3.60
C ASP A 34 9.61 16.24 4.16
N LYS A 35 9.81 15.01 4.66
CA LYS A 35 10.97 14.64 5.45
C LYS A 35 12.12 14.30 4.51
N ASN A 36 11.93 13.27 3.69
CA ASN A 36 13.03 12.61 3.00
C ASN A 36 13.37 13.42 1.78
N LYS A 37 12.36 13.99 1.11
CA LYS A 37 12.46 14.80 -0.11
C LYS A 37 13.25 14.08 -1.21
N GLU A 38 13.38 12.76 -1.12
CA GLU A 38 14.37 12.00 -1.85
C GLU A 38 13.87 11.84 -3.28
N PRO A 39 14.63 12.26 -4.32
CA PRO A 39 14.06 12.48 -5.65
C PRO A 39 13.80 11.23 -6.47
N GLY A 40 14.22 10.13 -5.91
CA GLY A 40 13.98 8.75 -6.30
C GLY A 40 12.88 8.09 -5.47
N ALA A 41 12.32 8.79 -4.48
CA ALA A 41 11.19 8.37 -3.68
C ALA A 41 9.94 9.19 -4.02
N GLU A 42 9.97 10.03 -5.06
CA GLU A 42 8.79 10.72 -5.54
C GLU A 42 7.78 9.66 -6.01
N GLU A 43 8.27 8.70 -6.78
CA GLU A 43 7.49 7.60 -7.31
C GLU A 43 7.15 6.62 -6.21
N LYS A 44 8.13 6.27 -5.37
CA LYS A 44 7.89 5.32 -4.28
C LYS A 44 6.78 5.80 -3.39
N PHE A 45 6.78 7.08 -3.06
CA PHE A 45 5.72 7.68 -2.27
C PHE A 45 4.37 7.56 -2.99
N LYS A 46 4.33 7.84 -4.29
CA LYS A 46 3.12 7.69 -5.11
C LYS A 46 2.65 6.22 -5.19
N GLU A 47 3.56 5.26 -5.04
CA GLU A 47 3.30 3.82 -4.94
C GLU A 47 2.70 3.53 -3.56
N ILE A 48 3.33 4.03 -2.48
CA ILE A 48 2.84 3.91 -1.11
C ILE A 48 1.42 4.44 -1.06
N ALA A 49 1.16 5.63 -1.62
CA ALA A 49 -0.11 6.32 -1.58
C ALA A 49 -1.25 5.47 -2.17
N GLU A 50 -0.93 4.63 -3.16
CA GLU A 50 -1.89 3.72 -3.79
C GLU A 50 -2.28 2.62 -2.80
N ALA A 51 -1.27 2.07 -2.12
CA ALA A 51 -1.49 1.03 -1.14
C ALA A 51 -2.10 1.63 0.11
N TYR A 52 -1.86 2.91 0.38
CA TYR A 52 -2.29 3.63 1.55
C TYR A 52 -3.82 3.65 1.49
N ASP A 53 -4.35 4.05 0.33
CA ASP A 53 -5.79 4.08 0.09
C ASP A 53 -6.40 2.69 0.25
N VAL A 54 -5.85 1.69 -0.45
CA VAL A 54 -6.40 0.34 -0.51
C VAL A 54 -6.39 -0.28 0.87
N LEU A 55 -5.29 -0.13 1.59
CA LEU A 55 -5.14 -0.76 2.88
C LEU A 55 -6.04 -0.08 3.93
N SER A 56 -6.82 0.93 3.57
CA SER A 56 -7.75 1.58 4.47
C SER A 56 -9.21 1.34 4.09
N ASP A 57 -9.58 1.31 2.82
CA ASP A 57 -10.99 1.22 2.45
C ASP A 57 -11.41 -0.27 2.50
N PRO A 58 -12.40 -0.65 3.33
CA PRO A 58 -12.73 -2.04 3.57
C PRO A 58 -13.44 -2.73 2.40
N ARG A 59 -14.04 -2.00 1.45
CA ARG A 59 -14.61 -2.62 0.25
C ARG A 59 -13.48 -2.88 -0.75
N LYS A 60 -12.52 -1.97 -0.87
CA LYS A 60 -11.48 -2.08 -1.89
C LYS A 60 -10.53 -3.18 -1.45
N ARG A 61 -10.22 -3.26 -0.15
CA ARG A 61 -9.47 -4.37 0.39
C ARG A 61 -10.24 -5.67 0.48
N GLU A 62 -11.57 -5.70 0.38
CA GLU A 62 -12.31 -6.96 0.24
C GLU A 62 -11.79 -7.70 -1.01
N ILE A 63 -11.47 -6.94 -2.05
CA ILE A 63 -11.05 -7.49 -3.33
C ILE A 63 -9.62 -8.03 -3.16
N PHE A 64 -8.80 -7.41 -2.31
CA PHE A 64 -7.49 -7.97 -1.98
C PHE A 64 -7.64 -9.19 -1.06
N ASP A 65 -8.62 -9.26 -0.17
CA ASP A 65 -8.81 -10.43 0.70
C ASP A 65 -9.22 -11.64 -0.13
N ARG A 66 -10.25 -11.50 -0.98
CA ARG A 66 -10.75 -12.56 -1.83
C ARG A 66 -9.67 -12.96 -2.84
N TYR A 67 -9.25 -12.01 -3.67
CA TYR A 67 -8.35 -12.27 -4.78
C TYR A 67 -6.89 -12.14 -4.31
N GLY A 68 -6.46 -10.92 -3.99
CA GLY A 68 -5.09 -10.65 -3.55
C GLY A 68 -4.19 -10.32 -4.72
N GLU A 69 -3.83 -9.04 -4.85
CA GLU A 69 -3.04 -8.44 -5.91
C GLU A 69 -3.76 -8.51 -7.27
N GLU A 70 -4.05 -9.69 -7.80
CA GLU A 70 -4.76 -9.92 -9.06
C GLU A 70 -6.10 -9.19 -9.10
N GLY A 71 -6.86 -9.23 -8.00
CA GLY A 71 -8.15 -8.56 -7.94
C GLY A 71 -8.00 -7.05 -7.84
N LEU A 72 -6.85 -6.56 -7.37
CA LEU A 72 -6.65 -5.14 -7.18
C LEU A 72 -6.13 -4.55 -8.49
N LYS A 73 -4.98 -5.03 -8.98
CA LYS A 73 -4.32 -4.46 -10.16
C LYS A 73 -4.97 -4.93 -11.46
N GLY A 74 -5.61 -6.10 -11.47
CA GLY A 74 -6.09 -6.74 -12.68
C GLY A 74 -7.23 -5.94 -13.30
N SER A 75 -6.96 -5.24 -14.40
CA SER A 75 -7.86 -4.34 -15.09
C SER A 75 -8.42 -3.28 -14.13
N GLY A 76 -9.68 -3.41 -13.71
CA GLY A 76 -10.37 -2.46 -12.86
C GLY A 76 -11.84 -2.86 -12.74
N CYS A 77 -12.61 -2.05 -12.00
CA CYS A 77 -14.03 -2.24 -11.77
C CYS A 77 -14.70 -0.89 -11.87
N MET A 1 1.38 0.08 -11.32
CA MET A 1 1.71 0.73 -10.03
C MET A 1 0.97 0.10 -8.86
N GLY A 2 -0.29 -0.35 -9.00
CA GLY A 2 -0.97 -1.14 -7.97
C GLY A 2 -0.44 -2.58 -7.93
N LYS A 3 0.87 -2.76 -8.05
CA LYS A 3 1.55 -4.02 -7.85
C LYS A 3 1.51 -4.30 -6.35
N ASP A 4 1.12 -5.50 -5.92
CA ASP A 4 0.82 -5.87 -4.54
C ASP A 4 -0.13 -4.84 -3.90
N TYR A 5 -0.33 -4.90 -2.57
CA TYR A 5 -0.81 -3.76 -1.77
C TYR A 5 -0.23 -3.89 -0.37
N TYR A 6 -0.39 -5.04 0.28
CA TYR A 6 0.19 -5.38 1.57
C TYR A 6 1.64 -4.88 1.62
N GLN A 7 2.50 -5.48 0.81
CA GLN A 7 3.94 -5.25 0.91
C GLN A 7 4.36 -3.90 0.36
N THR A 8 3.52 -3.27 -0.47
CA THR A 8 3.69 -1.88 -0.88
C THR A 8 3.65 -0.90 0.29
N LEU A 9 3.10 -1.30 1.45
CA LEU A 9 3.09 -0.57 2.71
C LEU A 9 3.92 -1.33 3.77
N GLY A 10 4.73 -2.30 3.32
CA GLY A 10 5.70 -3.00 4.16
C GLY A 10 5.12 -4.25 4.81
N LEU A 11 3.88 -4.64 4.52
CA LEU A 11 3.28 -5.83 5.11
C LEU A 11 3.63 -7.10 4.34
N ALA A 12 3.05 -8.24 4.72
CA ALA A 12 3.17 -9.50 4.03
C ALA A 12 1.88 -10.30 4.28
N ARG A 13 1.75 -11.42 3.58
CA ARG A 13 0.69 -12.43 3.65
C ARG A 13 0.41 -12.95 5.07
N GLY A 14 -0.37 -12.22 5.86
CA GLY A 14 -0.67 -12.58 7.24
C GLY A 14 -0.47 -11.42 8.21
N ALA A 15 -0.07 -10.25 7.73
CA ALA A 15 -0.19 -9.00 8.49
C ALA A 15 -1.66 -8.63 8.64
N SER A 16 -1.94 -7.65 9.49
CA SER A 16 -3.28 -7.33 9.96
C SER A 16 -3.49 -5.82 9.91
N ASP A 17 -4.72 -5.40 10.18
CA ASP A 17 -5.14 -4.00 10.08
C ASP A 17 -4.37 -3.12 11.06
N GLU A 18 -3.94 -3.72 12.16
CA GLU A 18 -3.12 -3.13 13.21
C GLU A 18 -1.73 -2.82 12.65
N GLU A 19 -1.19 -3.71 11.84
CA GLU A 19 0.13 -3.58 11.24
C GLU A 19 0.01 -2.57 10.11
N ILE A 20 -1.12 -2.56 9.40
CA ILE A 20 -1.42 -1.59 8.37
C ILE A 20 -1.32 -0.20 8.98
N LYS A 21 -2.14 0.12 9.99
CA LYS A 21 -2.14 1.46 10.59
C LYS A 21 -0.78 1.79 11.22
N ARG A 22 -0.04 0.80 11.74
CA ARG A 22 1.29 1.01 12.32
C ARG A 22 2.27 1.39 11.21
N ALA A 23 2.43 0.51 10.23
CA ALA A 23 3.33 0.65 9.11
C ALA A 23 2.99 1.88 8.25
N TYR A 24 1.75 2.38 8.26
CA TYR A 24 1.28 3.56 7.58
C TYR A 24 2.12 4.81 7.85
N ARG A 25 2.18 5.26 9.11
CA ARG A 25 2.89 6.51 9.43
C ARG A 25 4.38 6.27 9.29
N ARG A 26 4.84 5.07 9.63
CA ARG A 26 6.21 4.62 9.44
C ARG A 26 6.60 4.83 7.97
N GLN A 27 5.83 4.28 7.03
CA GLN A 27 6.24 4.27 5.65
C GLN A 27 6.12 5.65 5.02
N ALA A 28 5.02 6.37 5.27
CA ALA A 28 4.86 7.71 4.72
C ALA A 28 5.99 8.62 5.19
N LEU A 29 6.34 8.57 6.48
CA LEU A 29 7.47 9.31 7.02
C LEU A 29 8.75 8.97 6.27
N ARG A 30 9.02 7.69 6.05
CA ARG A 30 10.24 7.20 5.42
C ARG A 30 10.50 7.85 4.06
N TYR A 31 9.46 7.98 3.24
CA TYR A 31 9.52 8.47 1.86
C TYR A 31 9.16 9.96 1.74
N HIS A 32 8.74 10.62 2.82
CA HIS A 32 8.11 11.94 2.77
C HIS A 32 9.09 12.91 2.07
N PRO A 33 8.64 13.76 1.14
CA PRO A 33 9.52 14.74 0.49
C PRO A 33 10.07 15.77 1.51
N ASP A 34 9.44 15.86 2.68
CA ASP A 34 9.85 16.70 3.80
C ASP A 34 10.90 16.03 4.67
N LYS A 35 11.07 14.70 4.58
CA LYS A 35 11.82 13.92 5.57
C LYS A 35 13.00 13.25 4.89
N ASN A 36 12.76 12.53 3.79
CA ASN A 36 13.82 11.81 3.10
C ASN A 36 14.65 12.81 2.30
N LYS A 37 13.96 13.80 1.73
CA LYS A 37 14.45 14.71 0.70
C LYS A 37 14.98 14.00 -0.56
N GLU A 38 14.85 12.68 -0.65
CA GLU A 38 15.35 11.88 -1.75
C GLU A 38 14.74 12.34 -3.08
N PRO A 39 15.56 12.70 -4.08
CA PRO A 39 15.06 13.09 -5.39
C PRO A 39 14.46 11.88 -6.09
N GLY A 40 13.20 12.00 -6.51
CA GLY A 40 12.50 10.95 -7.24
C GLY A 40 11.80 9.92 -6.35
N ALA A 41 11.95 10.02 -5.02
CA ALA A 41 11.12 9.25 -4.07
C ALA A 41 9.64 9.62 -4.20
N GLU A 42 9.30 10.67 -4.93
CA GLU A 42 7.95 11.18 -5.17
C GLU A 42 7.11 10.24 -6.06
N GLU A 43 7.71 9.47 -6.95
CA GLU A 43 6.98 8.42 -7.68
C GLU A 43 6.79 7.21 -6.77
N LYS A 44 7.85 6.86 -6.03
CA LYS A 44 7.85 5.82 -5.03
C LYS A 44 6.72 6.07 -4.03
N PHE A 45 6.59 7.31 -3.55
CA PHE A 45 5.57 7.74 -2.63
C PHE A 45 4.17 7.41 -3.14
N LYS A 46 3.88 7.68 -4.42
CA LYS A 46 2.52 7.48 -4.91
C LYS A 46 2.13 6.01 -4.96
N GLU A 47 3.07 5.08 -4.97
CA GLU A 47 2.83 3.68 -4.97
C GLU A 47 2.36 3.28 -3.58
N ILE A 48 3.03 3.80 -2.57
CA ILE A 48 2.67 3.67 -1.17
C ILE A 48 1.26 4.25 -1.01
N ALA A 49 1.01 5.45 -1.54
CA ALA A 49 -0.24 6.19 -1.48
C ALA A 49 -1.40 5.44 -2.14
N GLU A 50 -1.11 4.67 -3.20
CA GLU A 50 -2.05 3.79 -3.88
C GLU A 50 -2.50 2.70 -2.93
N ALA A 51 -1.53 2.05 -2.28
CA ALA A 51 -1.80 0.99 -1.34
C ALA A 51 -2.38 1.54 -0.04
N TYR A 52 -2.16 2.83 0.25
CA TYR A 52 -2.55 3.50 1.47
C TYR A 52 -4.09 3.52 1.40
N ASP A 53 -4.64 4.00 0.27
CA ASP A 53 -6.09 3.98 0.02
C ASP A 53 -6.67 2.57 0.13
N VAL A 54 -6.03 1.59 -0.52
CA VAL A 54 -6.51 0.23 -0.57
C VAL A 54 -6.54 -0.39 0.83
N LEU A 55 -5.48 -0.23 1.60
CA LEU A 55 -5.33 -0.83 2.91
C LEU A 55 -6.15 -0.07 3.96
N SER A 56 -6.75 1.08 3.64
CA SER A 56 -7.59 1.81 4.56
C SER A 56 -9.07 1.77 4.20
N ASP A 57 -9.45 1.19 3.05
CA ASP A 57 -10.84 1.01 2.68
C ASP A 57 -11.17 -0.48 2.48
N PRO A 58 -11.88 -1.11 3.43
CA PRO A 58 -12.32 -2.49 3.32
C PRO A 58 -12.98 -2.87 2.00
N ARG A 59 -13.87 -2.04 1.44
CA ARG A 59 -14.57 -2.41 0.19
C ARG A 59 -13.63 -2.44 -1.01
N LYS A 60 -12.55 -1.65 -1.01
CA LYS A 60 -11.54 -1.70 -2.05
C LYS A 60 -10.74 -2.97 -1.82
N ARG A 61 -10.22 -3.19 -0.60
CA ARG A 61 -9.45 -4.38 -0.32
C ARG A 61 -10.23 -5.67 -0.44
N GLU A 62 -11.56 -5.67 -0.44
CA GLU A 62 -12.42 -6.85 -0.57
C GLU A 62 -11.95 -7.75 -1.71
N ILE A 63 -11.62 -7.15 -2.85
CA ILE A 63 -11.28 -7.89 -4.04
C ILE A 63 -9.88 -8.48 -3.86
N PHE A 64 -8.94 -7.77 -3.23
CA PHE A 64 -7.61 -8.31 -2.93
C PHE A 64 -7.70 -9.38 -1.84
N ASP A 65 -8.63 -9.26 -0.89
CA ASP A 65 -8.80 -10.28 0.15
C ASP A 65 -9.39 -11.57 -0.44
N ARG A 66 -9.91 -11.52 -1.66
CA ARG A 66 -10.53 -12.67 -2.31
C ARG A 66 -9.60 -13.20 -3.39
N TYR A 67 -9.03 -12.29 -4.16
CA TYR A 67 -8.18 -12.43 -5.34
C TYR A 67 -6.93 -11.54 -5.17
N GLY A 68 -6.09 -11.88 -4.20
CA GLY A 68 -4.84 -11.22 -3.83
C GLY A 68 -4.02 -10.81 -5.05
N GLU A 69 -4.03 -9.51 -5.38
CA GLU A 69 -3.36 -8.80 -6.47
C GLU A 69 -3.85 -9.20 -7.86
N GLU A 70 -4.28 -10.45 -8.04
CA GLU A 70 -4.77 -10.97 -9.30
C GLU A 70 -6.15 -10.43 -9.67
N GLY A 71 -6.94 -9.97 -8.69
CA GLY A 71 -8.24 -9.37 -8.92
C GLY A 71 -8.11 -7.87 -9.01
N LEU A 72 -7.64 -7.24 -7.93
CA LEU A 72 -7.51 -5.78 -7.82
C LEU A 72 -6.27 -5.32 -8.61
N LYS A 73 -6.29 -5.49 -9.93
CA LYS A 73 -5.22 -5.09 -10.85
C LYS A 73 -5.31 -3.58 -11.14
N GLY A 74 -5.57 -2.77 -10.10
CA GLY A 74 -5.92 -1.37 -10.19
C GLY A 74 -7.32 -1.17 -10.79
N SER A 75 -7.81 0.06 -10.69
CA SER A 75 -9.03 0.63 -11.27
C SER A 75 -10.34 0.06 -10.70
N GLY A 76 -10.46 -1.25 -10.53
CA GLY A 76 -11.66 -1.98 -10.18
C GLY A 76 -11.25 -3.45 -10.05
N CYS A 77 -11.52 -4.26 -11.08
CA CYS A 77 -10.97 -5.60 -11.24
C CYS A 77 -11.13 -6.04 -12.69
N MET A 1 -1.91 -6.55 -13.92
CA MET A 1 -1.64 -6.93 -12.53
C MET A 1 -0.17 -6.58 -12.25
N GLY A 2 0.52 -7.25 -11.32
CA GLY A 2 1.95 -7.01 -11.08
C GLY A 2 2.20 -5.79 -10.17
N LYS A 3 1.17 -5.00 -9.87
CA LYS A 3 1.18 -4.11 -8.72
C LYS A 3 1.31 -4.96 -7.47
N ASP A 4 2.09 -4.48 -6.51
CA ASP A 4 2.01 -4.88 -5.11
C ASP A 4 1.16 -3.82 -4.43
N TYR A 5 0.72 -4.14 -3.21
CA TYR A 5 0.01 -3.24 -2.32
C TYR A 5 0.61 -3.44 -0.93
N TYR A 6 0.60 -4.69 -0.45
CA TYR A 6 1.32 -5.16 0.73
C TYR A 6 2.73 -4.57 0.79
N GLN A 7 3.62 -5.03 -0.11
CA GLN A 7 5.02 -4.66 -0.01
C GLN A 7 5.29 -3.24 -0.51
N THR A 8 4.41 -2.62 -1.29
CA THR A 8 4.56 -1.19 -1.60
C THR A 8 4.48 -0.38 -0.31
N LEU A 9 3.79 -0.91 0.70
CA LEU A 9 3.63 -0.32 2.01
C LEU A 9 4.43 -1.07 3.07
N GLY A 10 5.40 -1.90 2.65
CA GLY A 10 6.35 -2.54 3.55
C GLY A 10 5.71 -3.56 4.47
N LEU A 11 4.50 -4.06 4.14
CA LEU A 11 3.89 -5.18 4.83
C LEU A 11 4.18 -6.47 4.06
N ALA A 12 3.79 -7.61 4.64
CA ALA A 12 3.84 -8.92 4.02
C ALA A 12 2.45 -9.56 4.07
N ARG A 13 2.20 -10.52 3.19
CA ARG A 13 1.09 -11.45 3.36
C ARG A 13 1.33 -12.15 4.69
N GLY A 14 0.47 -11.92 5.67
CA GLY A 14 0.64 -12.26 7.07
C GLY A 14 0.17 -11.13 7.98
N ALA A 15 0.18 -9.88 7.51
CA ALA A 15 -0.32 -8.73 8.25
C ALA A 15 -1.83 -8.84 8.49
N SER A 16 -2.30 -8.10 9.49
CA SER A 16 -3.70 -7.75 9.72
C SER A 16 -3.78 -6.24 9.85
N ASP A 17 -4.99 -5.67 9.99
CA ASP A 17 -5.15 -4.23 10.06
C ASP A 17 -4.45 -3.56 11.25
N GLU A 18 -4.11 -4.29 12.30
CA GLU A 18 -3.27 -3.81 13.41
C GLU A 18 -1.79 -3.67 13.02
N GLU A 19 -1.39 -4.32 11.94
CA GLU A 19 -0.08 -4.16 11.32
C GLU A 19 -0.21 -3.07 10.24
N ILE A 20 -1.39 -2.92 9.61
CA ILE A 20 -1.60 -2.03 8.48
C ILE A 20 -1.34 -0.61 8.91
N LYS A 21 -2.16 -0.03 9.80
CA LYS A 21 -1.99 1.39 10.13
C LYS A 21 -0.61 1.63 10.74
N ARG A 22 -0.11 0.68 11.51
CA ARG A 22 1.24 0.61 12.06
C ARG A 22 2.25 0.93 10.94
N ALA A 23 2.20 0.18 9.84
CA ALA A 23 3.02 0.36 8.65
C ALA A 23 2.67 1.58 7.82
N TYR A 24 1.39 1.92 7.63
CA TYR A 24 0.91 2.96 6.75
C TYR A 24 1.35 4.33 7.29
N ARG A 25 1.27 4.53 8.61
CA ARG A 25 1.62 5.78 9.25
C ARG A 25 3.12 6.03 9.08
N ARG A 26 3.94 5.03 9.44
CA ARG A 26 5.38 5.13 9.24
C ARG A 26 5.75 5.19 7.76
N GLN A 27 5.00 4.58 6.84
CA GLN A 27 5.39 4.54 5.44
C GLN A 27 5.33 5.92 4.82
N ALA A 28 4.26 6.69 5.05
CA ALA A 28 4.25 8.09 4.61
C ALA A 28 5.48 8.80 5.20
N LEU A 29 5.67 8.67 6.52
CA LEU A 29 6.77 9.29 7.26
C LEU A 29 8.17 8.88 6.77
N ARG A 30 8.31 7.83 5.94
CA ARG A 30 9.56 7.33 5.41
C ARG A 30 9.92 7.99 4.08
N TYR A 31 8.94 8.52 3.33
CA TYR A 31 9.17 9.06 1.98
C TYR A 31 8.51 10.41 1.71
N HIS A 32 7.76 10.98 2.66
CA HIS A 32 7.11 12.26 2.46
C HIS A 32 8.20 13.32 2.26
N PRO A 33 8.17 14.09 1.14
CA PRO A 33 9.24 15.02 0.78
C PRO A 33 9.27 16.28 1.68
N ASP A 34 8.46 16.32 2.74
CA ASP A 34 8.52 17.31 3.80
C ASP A 34 9.58 16.93 4.84
N LYS A 35 10.03 15.67 4.85
CA LYS A 35 10.91 15.09 5.87
C LYS A 35 12.02 14.26 5.25
N ASN A 36 11.79 13.58 4.13
CA ASN A 36 12.78 12.72 3.49
C ASN A 36 12.60 12.92 2.01
N LYS A 37 13.46 13.71 1.39
CA LYS A 37 13.51 13.77 -0.07
C LYS A 37 14.39 12.60 -0.47
N GLU A 38 13.81 11.41 -0.44
CA GLU A 38 14.46 10.15 -0.68
C GLU A 38 14.81 10.10 -2.18
N PRO A 39 16.05 9.74 -2.59
CA PRO A 39 16.44 9.76 -3.99
C PRO A 39 15.55 8.88 -4.86
N GLY A 40 14.87 9.47 -5.84
CA GLY A 40 14.05 8.80 -6.86
C GLY A 40 12.74 8.21 -6.35
N ALA A 41 12.61 8.00 -5.03
CA ALA A 41 11.44 7.45 -4.36
C ALA A 41 10.27 8.44 -4.28
N GLU A 42 10.31 9.55 -5.01
CA GLU A 42 9.16 10.43 -5.19
C GLU A 42 8.05 9.67 -5.95
N GLU A 43 8.43 8.75 -6.84
CA GLU A 43 7.54 7.72 -7.39
C GLU A 43 7.00 6.80 -6.30
N LYS A 44 7.90 6.35 -5.41
CA LYS A 44 7.55 5.45 -4.33
C LYS A 44 6.48 6.09 -3.46
N PHE A 45 6.61 7.38 -3.16
CA PHE A 45 5.63 8.15 -2.41
C PHE A 45 4.23 8.03 -3.03
N LYS A 46 4.08 8.30 -4.32
CA LYS A 46 2.77 8.22 -4.97
C LYS A 46 2.30 6.78 -5.17
N GLU A 47 3.18 5.80 -5.31
CA GLU A 47 2.75 4.40 -5.40
C GLU A 47 2.32 3.89 -4.03
N ILE A 48 2.97 4.36 -2.96
CA ILE A 48 2.53 4.22 -1.60
C ILE A 48 1.11 4.78 -1.52
N ALA A 49 0.83 5.99 -2.04
CA ALA A 49 -0.50 6.60 -1.99
C ALA A 49 -1.56 5.73 -2.66
N GLU A 50 -1.22 5.10 -3.79
CA GLU A 50 -2.14 4.22 -4.50
C GLU A 50 -2.44 2.97 -3.66
N ALA A 51 -1.42 2.45 -2.98
CA ALA A 51 -1.58 1.33 -2.07
C ALA A 51 -2.26 1.77 -0.77
N TYR A 52 -2.16 3.06 -0.41
CA TYR A 52 -2.58 3.62 0.86
C TYR A 52 -4.10 3.57 0.88
N ASP A 53 -4.71 3.96 -0.25
CA ASP A 53 -6.15 3.97 -0.45
C ASP A 53 -6.74 2.58 -0.18
N VAL A 54 -6.17 1.54 -0.79
CA VAL A 54 -6.58 0.15 -0.57
C VAL A 54 -6.33 -0.26 0.87
N LEU A 55 -5.09 -0.14 1.35
CA LEU A 55 -4.69 -0.74 2.61
C LEU A 55 -5.47 -0.10 3.75
N SER A 56 -5.76 1.19 3.69
CA SER A 56 -6.58 1.84 4.70
C SER A 56 -8.06 1.43 4.60
N ASP A 57 -8.63 1.33 3.40
CA ASP A 57 -10.07 1.08 3.20
C ASP A 57 -10.41 -0.42 3.10
N PRO A 58 -10.99 -1.03 4.14
CA PRO A 58 -11.28 -2.46 4.11
C PRO A 58 -12.37 -2.85 3.10
N ARG A 59 -13.14 -1.93 2.50
CA ARG A 59 -14.23 -2.29 1.57
C ARG A 59 -13.66 -2.48 0.17
N LYS A 60 -12.70 -1.66 -0.26
CA LYS A 60 -11.98 -1.91 -1.50
C LYS A 60 -11.05 -3.08 -1.27
N ARG A 61 -10.34 -3.10 -0.14
CA ARG A 61 -9.52 -4.25 0.23
C ARG A 61 -10.30 -5.53 0.33
N GLU A 62 -11.62 -5.52 0.55
CA GLU A 62 -12.43 -6.73 0.59
C GLU A 62 -12.22 -7.56 -0.69
N ILE A 63 -12.12 -6.87 -1.83
CA ILE A 63 -11.95 -7.48 -3.14
C ILE A 63 -10.50 -7.99 -3.27
N PHE A 64 -9.54 -7.31 -2.67
CA PHE A 64 -8.13 -7.71 -2.72
C PHE A 64 -7.87 -8.90 -1.80
N ASP A 65 -8.50 -8.92 -0.64
CA ASP A 65 -8.32 -9.94 0.38
C ASP A 65 -8.93 -11.27 -0.08
N ARG A 66 -10.06 -11.19 -0.79
CA ARG A 66 -10.74 -12.37 -1.33
C ARG A 66 -9.97 -12.85 -2.56
N TYR A 67 -9.87 -12.00 -3.60
CA TYR A 67 -9.29 -12.40 -4.88
C TYR A 67 -7.77 -12.24 -4.88
N GLY A 68 -7.24 -11.00 -5.00
CA GLY A 68 -5.81 -10.71 -4.95
C GLY A 68 -5.34 -10.03 -6.22
N GLU A 69 -5.54 -8.71 -6.28
CA GLU A 69 -5.45 -7.80 -7.44
C GLU A 69 -6.41 -8.18 -8.58
N GLU A 70 -6.47 -9.45 -8.95
CA GLU A 70 -7.23 -9.96 -10.07
C GLU A 70 -8.75 -9.75 -9.92
N GLY A 71 -9.23 -9.57 -8.69
CA GLY A 71 -10.62 -9.22 -8.42
C GLY A 71 -10.89 -7.74 -8.63
N LEU A 72 -9.86 -6.90 -8.43
CA LEU A 72 -9.93 -5.46 -8.68
C LEU A 72 -9.83 -5.26 -10.19
N LYS A 73 -8.80 -5.81 -10.83
CA LYS A 73 -8.62 -5.79 -12.26
C LYS A 73 -7.94 -7.09 -12.67
N GLY A 74 -8.66 -8.02 -13.29
CA GLY A 74 -8.03 -9.18 -13.89
C GLY A 74 -7.14 -8.78 -15.06
N SER A 75 -6.31 -9.70 -15.55
CA SER A 75 -5.62 -9.65 -16.83
C SER A 75 -5.30 -11.09 -17.22
N GLY A 76 -5.26 -11.39 -18.53
CA GLY A 76 -5.05 -12.73 -19.04
C GLY A 76 -6.09 -13.73 -18.52
N CYS A 77 -7.34 -13.28 -18.31
CA CYS A 77 -8.40 -14.02 -17.65
C CYS A 77 -9.70 -13.79 -18.39
N MET A 1 -1.69 -3.30 -12.06
CA MET A 1 -1.46 -4.23 -10.94
C MET A 1 -0.07 -4.84 -11.12
N GLY A 2 0.13 -6.17 -11.07
CA GLY A 2 1.45 -6.79 -11.22
C GLY A 2 2.42 -6.40 -10.10
N LYS A 3 1.91 -5.76 -9.06
CA LYS A 3 2.61 -5.16 -7.96
C LYS A 3 1.81 -5.57 -6.73
N ASP A 4 2.48 -5.73 -5.61
CA ASP A 4 2.01 -6.53 -4.49
C ASP A 4 1.55 -5.56 -3.41
N TYR A 5 0.25 -5.37 -3.23
CA TYR A 5 -0.24 -4.18 -2.53
C TYR A 5 0.04 -4.32 -1.04
N TYR A 6 0.09 -5.54 -0.50
CA TYR A 6 0.57 -5.79 0.84
C TYR A 6 1.99 -5.26 0.98
N GLN A 7 2.94 -5.82 0.25
CA GLN A 7 4.35 -5.61 0.56
C GLN A 7 4.89 -4.29 0.01
N THR A 8 4.25 -3.71 -1.00
CA THR A 8 4.53 -2.34 -1.43
C THR A 8 4.24 -1.36 -0.29
N LEU A 9 3.34 -1.75 0.62
CA LEU A 9 2.93 -1.03 1.81
C LEU A 9 3.58 -1.65 3.05
N GLY A 10 4.57 -2.54 2.86
CA GLY A 10 5.42 -3.06 3.91
C GLY A 10 4.96 -4.40 4.50
N LEU A 11 3.86 -4.99 4.06
CA LEU A 11 3.28 -6.20 4.65
C LEU A 11 3.70 -7.50 3.94
N ALA A 12 3.10 -8.61 4.36
CA ALA A 12 3.10 -9.91 3.70
C ALA A 12 1.80 -10.60 4.06
N ARG A 13 1.54 -11.74 3.42
CA ARG A 13 0.61 -12.72 3.94
C ARG A 13 0.99 -13.01 5.39
N GLY A 14 0.01 -12.93 6.27
CA GLY A 14 0.14 -13.11 7.71
C GLY A 14 0.09 -11.78 8.44
N ALA A 15 0.15 -10.65 7.73
CA ALA A 15 -0.21 -9.36 8.30
C ALA A 15 -1.73 -9.33 8.57
N SER A 16 -2.15 -8.32 9.31
CA SER A 16 -3.52 -7.99 9.64
C SER A 16 -3.66 -6.47 9.65
N ASP A 17 -4.87 -5.95 9.88
CA ASP A 17 -5.10 -4.51 9.79
C ASP A 17 -4.30 -3.70 10.82
N GLU A 18 -3.87 -4.31 11.93
CA GLU A 18 -3.01 -3.69 12.93
C GLU A 18 -1.54 -3.82 12.59
N GLU A 19 -1.19 -4.55 11.52
CA GLU A 19 0.10 -4.40 10.88
C GLU A 19 -0.06 -3.23 9.90
N ILE A 20 -1.22 -3.09 9.23
CA ILE A 20 -1.48 -2.06 8.23
C ILE A 20 -1.41 -0.69 8.87
N LYS A 21 -2.30 -0.35 9.81
CA LYS A 21 -2.32 0.95 10.49
C LYS A 21 -0.97 1.34 11.07
N ARG A 22 -0.11 0.37 11.37
CA ARG A 22 1.28 0.59 11.74
C ARG A 22 2.12 0.90 10.49
N ALA A 23 2.21 -0.04 9.55
CA ALA A 23 3.03 -0.02 8.34
C ALA A 23 2.76 1.20 7.50
N TYR A 24 1.50 1.46 7.11
CA TYR A 24 1.05 2.61 6.37
C TYR A 24 1.65 3.92 6.84
N ARG A 25 1.44 4.35 8.09
CA ARG A 25 2.00 5.64 8.48
C ARG A 25 3.52 5.64 8.40
N ARG A 26 4.21 4.57 8.85
CA ARG A 26 5.67 4.55 8.78
C ARG A 26 6.19 4.42 7.33
N GLN A 27 5.39 3.88 6.41
CA GLN A 27 5.72 3.73 5.00
C GLN A 27 5.71 5.11 4.33
N ALA A 28 4.67 5.93 4.55
CA ALA A 28 4.72 7.31 4.11
C ALA A 28 5.94 7.98 4.75
N LEU A 29 6.07 7.86 6.07
CA LEU A 29 7.15 8.48 6.83
C LEU A 29 8.54 8.07 6.35
N ARG A 30 8.71 6.94 5.65
CA ARG A 30 9.99 6.48 5.16
C ARG A 30 10.49 7.34 3.99
N TYR A 31 9.60 7.97 3.22
CA TYR A 31 9.98 8.63 1.95
C TYR A 31 9.31 10.00 1.73
N HIS A 32 8.31 10.38 2.50
CA HIS A 32 7.39 11.48 2.18
C HIS A 32 8.17 12.77 1.82
N PRO A 33 8.04 13.30 0.58
CA PRO A 33 8.91 14.37 0.10
C PRO A 33 8.74 15.68 0.85
N ASP A 34 7.64 15.85 1.57
CA ASP A 34 7.32 17.09 2.28
C ASP A 34 8.04 17.13 3.65
N LYS A 35 8.63 15.99 4.05
CA LYS A 35 9.15 15.72 5.39
C LYS A 35 10.53 15.07 5.34
N ASN A 36 10.95 14.49 4.20
CA ASN A 36 12.29 13.94 4.02
C ASN A 36 13.12 15.01 3.32
N LYS A 37 13.10 15.01 1.98
CA LYS A 37 13.70 15.89 0.96
C LYS A 37 14.20 15.10 -0.24
N GLU A 38 14.43 13.79 -0.06
CA GLU A 38 15.28 12.97 -0.90
C GLU A 38 14.81 12.88 -2.36
N PRO A 39 15.71 12.91 -3.37
CA PRO A 39 15.37 12.68 -4.77
C PRO A 39 14.88 11.24 -4.96
N GLY A 40 13.90 11.04 -5.83
CA GLY A 40 13.27 9.76 -6.11
C GLY A 40 12.33 9.30 -4.98
N ALA A 41 12.41 9.88 -3.78
CA ALA A 41 11.53 9.52 -2.68
C ALA A 41 10.10 10.00 -2.93
N GLU A 42 9.93 11.07 -3.73
CA GLU A 42 8.62 11.53 -4.21
C GLU A 42 7.94 10.48 -5.08
N GLU A 43 8.70 9.79 -5.93
CA GLU A 43 8.19 8.69 -6.74
C GLU A 43 7.83 7.53 -5.84
N LYS A 44 8.69 7.19 -4.87
CA LYS A 44 8.45 6.13 -3.92
C LYS A 44 7.18 6.39 -3.12
N PHE A 45 6.96 7.64 -2.69
CA PHE A 45 5.74 8.07 -2.03
C PHE A 45 4.53 7.83 -2.94
N LYS A 46 4.62 8.17 -4.24
CA LYS A 46 3.56 7.90 -5.21
C LYS A 46 3.31 6.39 -5.38
N GLU A 47 4.35 5.57 -5.35
CA GLU A 47 4.30 4.14 -5.63
C GLU A 47 3.63 3.42 -4.47
N ILE A 48 4.03 3.78 -3.24
CA ILE A 48 3.37 3.39 -2.00
C ILE A 48 1.91 3.84 -2.05
N ALA A 49 1.63 5.09 -2.45
CA ALA A 49 0.31 5.70 -2.29
C ALA A 49 -0.78 4.91 -3.01
N GLU A 50 -0.43 4.22 -4.09
CA GLU A 50 -1.36 3.37 -4.84
C GLU A 50 -1.85 2.21 -3.96
N ALA A 51 -0.92 1.59 -3.22
CA ALA A 51 -1.21 0.56 -2.24
C ALA A 51 -1.81 1.15 -0.96
N TYR A 52 -1.35 2.33 -0.55
CA TYR A 52 -1.76 3.06 0.64
C TYR A 52 -3.26 3.32 0.60
N ASP A 53 -3.76 3.73 -0.57
CA ASP A 53 -5.17 3.92 -0.85
C ASP A 53 -5.96 2.66 -0.49
N VAL A 54 -5.55 1.51 -1.05
CA VAL A 54 -6.25 0.25 -0.82
C VAL A 54 -6.18 -0.11 0.64
N LEU A 55 -4.98 -0.12 1.20
CA LEU A 55 -4.79 -0.73 2.49
C LEU A 55 -5.43 0.12 3.58
N SER A 56 -5.51 1.44 3.42
CA SER A 56 -6.24 2.28 4.36
C SER A 56 -7.76 2.23 4.13
N ASP A 57 -8.24 2.07 2.89
CA ASP A 57 -9.66 2.25 2.58
C ASP A 57 -10.39 0.92 2.82
N PRO A 58 -11.34 0.84 3.75
CA PRO A 58 -11.91 -0.44 4.15
C PRO A 58 -12.71 -1.11 3.04
N ARG A 59 -13.25 -0.35 2.08
CA ARG A 59 -14.15 -0.89 1.09
C ARG A 59 -13.37 -1.45 -0.09
N LYS A 60 -12.23 -0.85 -0.43
CA LYS A 60 -11.43 -1.28 -1.57
C LYS A 60 -10.77 -2.59 -1.19
N ARG A 61 -10.22 -2.68 0.03
CA ARG A 61 -9.56 -3.89 0.47
C ARG A 61 -10.49 -5.07 0.66
N GLU A 62 -11.80 -4.91 0.73
CA GLU A 62 -12.72 -6.04 0.87
C GLU A 62 -12.53 -7.02 -0.29
N ILE A 63 -12.31 -6.50 -1.48
CA ILE A 63 -12.12 -7.27 -2.70
C ILE A 63 -10.74 -7.95 -2.66
N PHE A 64 -9.73 -7.22 -2.21
CA PHE A 64 -8.37 -7.74 -2.09
C PHE A 64 -8.33 -8.87 -1.06
N ASP A 65 -9.03 -8.69 0.07
CA ASP A 65 -9.03 -9.62 1.18
C ASP A 65 -9.75 -10.91 0.79
N ARG A 66 -10.91 -10.79 0.14
CA ARG A 66 -11.74 -11.92 -0.24
C ARG A 66 -11.08 -12.79 -1.29
N TYR A 67 -10.52 -12.18 -2.33
CA TYR A 67 -9.99 -12.91 -3.48
C TYR A 67 -8.48 -13.14 -3.39
N GLY A 68 -7.73 -12.34 -2.64
CA GLY A 68 -6.29 -12.24 -2.82
C GLY A 68 -5.98 -11.29 -3.98
N GLU A 69 -4.72 -11.27 -4.42
CA GLU A 69 -4.19 -10.32 -5.40
C GLU A 69 -5.01 -10.34 -6.70
N GLU A 70 -5.55 -11.51 -7.05
CA GLU A 70 -6.30 -11.72 -8.27
C GLU A 70 -7.57 -10.86 -8.36
N GLY A 71 -8.14 -10.48 -7.21
CA GLY A 71 -9.33 -9.64 -7.19
C GLY A 71 -8.99 -8.18 -7.49
N LEU A 72 -7.73 -7.78 -7.37
CA LEU A 72 -7.28 -6.42 -7.65
C LEU A 72 -6.95 -6.34 -9.15
N LYS A 73 -7.92 -6.65 -10.01
CA LYS A 73 -7.84 -6.37 -11.43
C LYS A 73 -8.06 -4.86 -11.55
N GLY A 74 -6.97 -4.11 -11.38
CA GLY A 74 -6.95 -2.67 -11.53
C GLY A 74 -7.51 -2.30 -12.90
N SER A 75 -6.75 -2.61 -13.94
CA SER A 75 -7.21 -2.74 -15.32
C SER A 75 -6.18 -3.62 -16.04
N GLY A 76 -6.58 -4.35 -17.08
CA GLY A 76 -5.77 -5.24 -17.90
C GLY A 76 -6.67 -5.88 -18.95
N CYS A 77 -6.15 -6.13 -20.16
CA CYS A 77 -6.94 -6.32 -21.38
C CYS A 77 -7.86 -5.12 -21.63
N MET A 1 2.34 -10.39 -6.57
CA MET A 1 2.04 -10.36 -8.00
C MET A 1 0.75 -9.57 -8.22
N GLY A 2 0.20 -9.52 -9.43
CA GLY A 2 -1.08 -8.87 -9.70
C GLY A 2 -1.11 -7.40 -9.29
N LYS A 3 0.06 -6.75 -9.18
CA LYS A 3 0.29 -5.51 -8.46
C LYS A 3 -0.35 -5.58 -7.08
N ASP A 4 0.42 -6.05 -6.10
CA ASP A 4 -0.04 -6.15 -4.72
C ASP A 4 -0.07 -4.75 -4.14
N TYR A 5 -0.95 -4.52 -3.18
CA TYR A 5 -0.96 -3.37 -2.30
C TYR A 5 -0.85 -3.95 -0.89
N TYR A 6 0.37 -4.21 -0.42
CA TYR A 6 0.66 -4.70 0.92
C TYR A 6 2.06 -4.21 1.26
N GLN A 7 3.07 -4.74 0.57
CA GLN A 7 4.48 -4.37 0.69
C GLN A 7 4.75 -2.90 0.41
N THR A 8 4.00 -2.34 -0.52
CA THR A 8 4.10 -0.93 -0.88
C THR A 8 3.70 -0.01 0.29
N LEU A 9 2.86 -0.49 1.20
CA LEU A 9 2.52 0.18 2.46
C LEU A 9 3.47 -0.29 3.56
N GLY A 10 4.20 -1.39 3.33
CA GLY A 10 5.29 -1.83 4.18
C GLY A 10 5.19 -3.28 4.64
N LEU A 11 4.20 -4.05 4.16
CA LEU A 11 3.79 -5.30 4.78
C LEU A 11 4.36 -6.54 4.08
N ALA A 12 4.04 -7.71 4.63
CA ALA A 12 4.44 -9.03 4.18
C ALA A 12 3.28 -9.98 4.40
N ARG A 13 3.45 -11.23 3.93
CA ARG A 13 2.36 -12.19 3.81
C ARG A 13 2.02 -12.82 5.15
N GLY A 14 1.13 -12.16 5.88
CA GLY A 14 0.64 -12.53 7.20
C GLY A 14 0.25 -11.32 8.01
N ALA A 15 0.78 -10.14 7.69
CA ALA A 15 0.47 -8.89 8.37
C ALA A 15 -1.00 -8.53 8.17
N SER A 16 -1.53 -7.67 9.05
CA SER A 16 -2.95 -7.40 9.20
C SER A 16 -3.25 -5.92 9.19
N ASP A 17 -4.53 -5.61 9.33
CA ASP A 17 -5.07 -4.28 9.47
C ASP A 17 -4.37 -3.49 10.59
N GLU A 18 -3.99 -4.17 11.67
CA GLU A 18 -3.33 -3.56 12.82
C GLU A 18 -1.87 -3.20 12.50
N GLU A 19 -1.30 -3.83 11.47
CA GLU A 19 0.04 -3.56 10.99
C GLU A 19 -0.10 -2.44 9.96
N ILE A 20 -1.16 -2.45 9.15
CA ILE A 20 -1.45 -1.50 8.10
C ILE A 20 -1.53 -0.09 8.69
N LYS A 21 -2.46 0.17 9.61
CA LYS A 21 -2.64 1.54 10.10
C LYS A 21 -1.42 2.02 10.89
N ARG A 22 -0.63 1.11 11.44
CA ARG A 22 0.66 1.42 12.07
C ARG A 22 1.67 1.84 10.99
N ALA A 23 1.85 0.97 10.00
CA ALA A 23 2.78 1.12 8.89
C ALA A 23 2.46 2.35 8.03
N TYR A 24 1.21 2.77 7.97
CA TYR A 24 0.70 3.90 7.20
C TYR A 24 1.62 5.11 7.33
N ARG A 25 1.77 5.63 8.55
CA ARG A 25 2.59 6.79 8.81
C ARG A 25 4.07 6.46 8.61
N ARG A 26 4.52 5.27 9.02
CA ARG A 26 5.93 4.91 8.91
C ARG A 26 6.34 4.92 7.45
N GLN A 27 5.51 4.42 6.53
CA GLN A 27 5.86 4.26 5.15
C GLN A 27 5.91 5.61 4.46
N ALA A 28 4.92 6.48 4.70
CA ALA A 28 4.96 7.86 4.22
C ALA A 28 6.30 8.47 4.59
N LEU A 29 6.61 8.48 5.90
CA LEU A 29 7.86 9.00 6.44
C LEU A 29 9.10 8.32 5.84
N ARG A 30 9.02 7.02 5.50
CA ARG A 30 10.09 6.24 4.88
C ARG A 30 10.43 6.68 3.47
N TYR A 31 9.58 7.41 2.75
CA TYR A 31 9.86 7.89 1.39
C TYR A 31 9.91 9.41 1.32
N HIS A 32 9.13 10.09 2.15
CA HIS A 32 8.87 11.52 2.16
C HIS A 32 10.17 12.35 1.98
N PRO A 33 10.25 13.23 0.96
CA PRO A 33 11.46 14.01 0.65
C PRO A 33 11.82 15.03 1.75
N ASP A 34 10.98 15.16 2.79
CA ASP A 34 11.25 16.03 3.92
C ASP A 34 12.15 15.29 4.90
N LYS A 35 11.82 14.02 5.21
CA LYS A 35 12.30 13.32 6.39
C LYS A 35 12.97 11.98 6.04
N ASN A 36 12.67 11.38 4.89
CA ASN A 36 13.56 10.38 4.30
C ASN A 36 14.70 11.08 3.57
N LYS A 37 14.41 12.22 2.94
CA LYS A 37 15.33 12.92 2.06
C LYS A 37 15.85 11.99 0.95
N GLU A 38 14.92 11.34 0.28
CA GLU A 38 15.09 10.60 -0.96
C GLU A 38 15.40 11.55 -2.14
N PRO A 39 15.31 11.17 -3.43
CA PRO A 39 15.14 12.14 -4.51
C PRO A 39 13.72 12.71 -4.38
N GLY A 40 13.05 12.98 -5.49
CA GLY A 40 11.61 13.19 -5.48
C GLY A 40 10.89 12.07 -4.73
N ALA A 41 11.24 10.81 -5.00
CA ALA A 41 10.45 9.64 -4.58
C ALA A 41 8.99 9.86 -4.98
N GLU A 42 8.74 10.58 -6.10
CA GLU A 42 7.46 11.19 -6.38
C GLU A 42 6.41 10.13 -6.69
N GLU A 43 6.77 9.17 -7.55
CA GLU A 43 5.89 8.04 -7.86
C GLU A 43 5.99 7.03 -6.72
N LYS A 44 7.18 6.91 -6.12
CA LYS A 44 7.44 6.04 -4.99
C LYS A 44 6.55 6.37 -3.80
N PHE A 45 6.16 7.63 -3.63
CA PHE A 45 5.30 8.10 -2.56
C PHE A 45 3.85 7.92 -2.99
N LYS A 46 3.49 8.25 -4.24
CA LYS A 46 2.18 7.88 -4.78
C LYS A 46 1.95 6.37 -4.84
N GLU A 47 2.99 5.56 -4.70
CA GLU A 47 2.93 4.11 -4.63
C GLU A 47 2.33 3.79 -3.26
N ILE A 48 2.85 4.43 -2.20
CA ILE A 48 2.31 4.32 -0.86
C ILE A 48 0.84 4.67 -0.95
N ALA A 49 0.52 5.81 -1.56
CA ALA A 49 -0.83 6.37 -1.62
C ALA A 49 -1.81 5.39 -2.28
N GLU A 50 -1.34 4.63 -3.25
CA GLU A 50 -2.13 3.61 -3.94
C GLU A 50 -2.50 2.50 -2.97
N ALA A 51 -1.54 2.05 -2.16
CA ALA A 51 -1.78 1.05 -1.15
C ALA A 51 -2.53 1.63 0.06
N TYR A 52 -2.29 2.89 0.41
CA TYR A 52 -2.85 3.64 1.53
C TYR A 52 -4.38 3.72 1.38
N ASP A 53 -4.83 3.97 0.14
CA ASP A 53 -6.21 3.95 -0.27
C ASP A 53 -6.82 2.59 0.04
N VAL A 54 -6.32 1.53 -0.60
CA VAL A 54 -6.91 0.20 -0.50
C VAL A 54 -6.84 -0.35 0.90
N LEU A 55 -5.72 -0.20 1.58
CA LEU A 55 -5.52 -0.68 2.93
C LEU A 55 -6.27 0.23 3.92
N SER A 56 -7.32 0.91 3.46
CA SER A 56 -8.30 1.56 4.28
C SER A 56 -9.72 1.45 3.66
N ASP A 57 -9.89 1.33 2.33
CA ASP A 57 -11.21 1.20 1.70
C ASP A 57 -11.70 -0.26 1.69
N PRO A 58 -12.72 -0.63 2.49
CA PRO A 58 -13.12 -2.02 2.67
C PRO A 58 -13.91 -2.62 1.50
N ARG A 59 -13.92 -2.04 0.30
CA ARG A 59 -14.55 -2.66 -0.87
C ARG A 59 -13.52 -3.08 -1.88
N LYS A 60 -12.54 -2.22 -2.21
CA LYS A 60 -11.51 -2.65 -3.15
C LYS A 60 -10.61 -3.63 -2.43
N ARG A 61 -10.26 -3.35 -1.17
CA ARG A 61 -9.56 -4.28 -0.32
C ARG A 61 -10.25 -5.61 -0.21
N GLU A 62 -11.58 -5.66 -0.17
CA GLU A 62 -12.27 -6.92 0.07
C GLU A 62 -11.92 -7.94 -1.00
N ILE A 63 -11.70 -7.48 -2.22
CA ILE A 63 -11.41 -8.38 -3.34
C ILE A 63 -9.97 -8.90 -3.19
N PHE A 64 -9.06 -8.14 -2.57
CA PHE A 64 -7.71 -8.60 -2.28
C PHE A 64 -7.67 -9.46 -1.02
N ASP A 65 -8.43 -9.12 0.02
CA ASP A 65 -8.43 -9.85 1.28
C ASP A 65 -9.10 -11.21 1.10
N ARG A 66 -10.14 -11.29 0.25
CA ARG A 66 -10.78 -12.53 -0.13
C ARG A 66 -9.90 -13.37 -1.06
N TYR A 67 -9.28 -12.74 -2.06
CA TYR A 67 -8.46 -13.40 -3.09
C TYR A 67 -6.99 -13.02 -2.91
N GLY A 68 -6.56 -11.86 -3.43
CA GLY A 68 -5.19 -11.36 -3.35
C GLY A 68 -4.82 -10.70 -4.66
N GLU A 69 -3.60 -10.98 -5.11
CA GLU A 69 -3.05 -10.69 -6.44
C GLU A 69 -3.87 -11.28 -7.59
N GLU A 70 -4.84 -12.14 -7.26
CA GLU A 70 -5.73 -12.81 -8.19
C GLU A 70 -7.15 -12.23 -8.08
N GLY A 71 -7.31 -11.19 -7.25
CA GLY A 71 -8.55 -10.50 -7.00
C GLY A 71 -8.55 -9.13 -7.68
N LEU A 72 -7.60 -8.26 -7.30
CA LEU A 72 -7.43 -6.99 -7.98
C LEU A 72 -6.97 -7.29 -9.41
N LYS A 73 -7.52 -6.62 -10.43
CA LYS A 73 -7.08 -6.77 -11.81
C LYS A 73 -5.81 -5.94 -12.08
N GLY A 74 -4.88 -5.93 -11.12
CA GLY A 74 -3.77 -4.99 -11.07
C GLY A 74 -4.27 -3.54 -11.06
N SER A 75 -3.38 -2.61 -11.37
CA SER A 75 -3.73 -1.22 -11.65
C SER A 75 -4.58 -1.08 -12.91
N GLY A 76 -4.85 -2.15 -13.65
CA GLY A 76 -5.27 -2.06 -15.02
C GLY A 76 -4.11 -1.56 -15.88
N CYS A 77 -4.46 -0.92 -17.00
CA CYS A 77 -3.74 -0.64 -18.24
C CYS A 77 -4.35 -1.61 -19.24
N MET A 1 1.47 -8.03 -13.05
CA MET A 1 0.05 -7.60 -13.05
C MET A 1 -0.56 -7.65 -11.67
N GLY A 2 -0.15 -8.60 -10.82
CA GLY A 2 -0.22 -8.44 -9.37
C GLY A 2 0.66 -7.28 -8.88
N LYS A 3 0.45 -6.05 -9.39
CA LYS A 3 0.86 -4.83 -8.74
C LYS A 3 -0.01 -4.66 -7.50
N ASP A 4 0.30 -5.47 -6.50
CA ASP A 4 -0.51 -5.61 -5.29
C ASP A 4 -0.37 -4.41 -4.37
N TYR A 5 -1.18 -4.43 -3.32
CA TYR A 5 -1.26 -3.40 -2.30
C TYR A 5 -1.25 -4.12 -0.95
N TYR A 6 -0.13 -4.75 -0.60
CA TYR A 6 0.16 -5.32 0.71
C TYR A 6 1.63 -5.04 0.97
N GLN A 7 2.55 -5.84 0.41
CA GLN A 7 3.99 -5.67 0.54
C GLN A 7 4.48 -4.36 -0.08
N THR A 8 3.67 -3.72 -0.92
CA THR A 8 3.90 -2.39 -1.44
C THR A 8 3.99 -1.34 -0.32
N LEU A 9 3.35 -1.59 0.82
CA LEU A 9 3.50 -0.83 2.06
C LEU A 9 4.60 -1.43 2.96
N GLY A 10 5.45 -2.30 2.43
CA GLY A 10 6.40 -3.08 3.19
C GLY A 10 5.71 -4.15 4.04
N LEU A 11 4.45 -4.50 3.75
CA LEU A 11 3.70 -5.45 4.58
C LEU A 11 4.01 -6.90 4.20
N ALA A 12 3.24 -7.87 4.70
CA ALA A 12 3.34 -9.27 4.34
C ALA A 12 1.93 -9.85 4.22
N ARG A 13 1.75 -10.88 3.37
CA ARG A 13 0.46 -11.55 3.24
C ARG A 13 0.31 -12.43 4.48
N GLY A 14 -0.59 -12.06 5.38
CA GLY A 14 -0.79 -12.65 6.70
C GLY A 14 -0.84 -11.60 7.81
N ALA A 15 -0.49 -10.35 7.51
CA ALA A 15 -0.54 -9.22 8.43
C ALA A 15 -1.98 -8.88 8.87
N SER A 16 -2.12 -7.86 9.70
CA SER A 16 -3.35 -7.43 10.33
C SER A 16 -3.47 -5.90 10.31
N ASP A 17 -4.64 -5.40 10.71
CA ASP A 17 -5.07 -4.02 10.58
C ASP A 17 -4.19 -3.07 11.38
N GLU A 18 -3.77 -3.50 12.56
CA GLU A 18 -2.92 -2.69 13.43
C GLU A 18 -1.46 -2.78 12.97
N GLU A 19 -1.11 -3.79 12.16
CA GLU A 19 0.18 -3.87 11.49
C GLU A 19 0.14 -2.87 10.35
N ILE A 20 -0.97 -2.79 9.60
CA ILE A 20 -1.15 -1.77 8.58
C ILE A 20 -0.93 -0.41 9.20
N LYS A 21 -1.74 -0.03 10.19
CA LYS A 21 -1.68 1.34 10.69
C LYS A 21 -0.38 1.64 11.44
N ARG A 22 0.43 0.63 11.79
CA ARG A 22 1.81 0.83 12.23
C ARG A 22 2.67 1.09 11.00
N ALA A 23 2.65 0.16 10.05
CA ALA A 23 3.37 0.15 8.79
C ALA A 23 3.21 1.48 8.05
N TYR A 24 1.99 1.90 7.73
CA TYR A 24 1.60 3.15 7.11
C TYR A 24 2.18 4.36 7.85
N ARG A 25 2.11 4.39 9.19
CA ARG A 25 2.61 5.52 9.94
C ARG A 25 4.11 5.63 9.72
N ARG A 26 4.87 4.55 9.95
CA ARG A 26 6.32 4.62 9.75
C ARG A 26 6.69 4.82 8.29
N GLN A 27 5.98 4.19 7.34
CA GLN A 27 6.32 4.26 5.92
C GLN A 27 6.16 5.68 5.39
N ALA A 28 5.03 6.32 5.70
CA ALA A 28 4.82 7.71 5.31
C ALA A 28 5.97 8.55 5.87
N LEU A 29 6.24 8.46 7.18
CA LEU A 29 7.24 9.29 7.83
C LEU A 29 8.67 8.98 7.37
N ARG A 30 8.91 7.81 6.76
CA ARG A 30 10.18 7.45 6.15
C ARG A 30 10.40 8.17 4.80
N TYR A 31 9.33 8.53 4.10
CA TYR A 31 9.39 8.97 2.71
C TYR A 31 8.78 10.36 2.46
N HIS A 32 8.00 10.91 3.40
CA HIS A 32 7.15 12.07 3.20
C HIS A 32 7.95 13.21 2.55
N PRO A 33 7.64 13.62 1.30
CA PRO A 33 8.42 14.60 0.54
C PRO A 33 8.58 15.94 1.25
N ASP A 34 7.73 16.25 2.25
CA ASP A 34 7.80 17.50 2.98
C ASP A 34 8.84 17.46 4.13
N LYS A 35 9.44 16.30 4.37
CA LYS A 35 10.39 16.02 5.47
C LYS A 35 11.57 15.15 5.00
N ASN A 36 11.43 14.42 3.90
CA ASN A 36 12.46 13.67 3.22
C ASN A 36 12.20 13.84 1.74
N LYS A 37 12.95 14.68 1.02
CA LYS A 37 12.85 14.70 -0.42
C LYS A 37 13.76 13.59 -0.91
N GLU A 38 13.26 12.38 -0.75
CA GLU A 38 13.93 11.13 -1.04
C GLU A 38 14.07 11.10 -2.59
N PRO A 39 15.29 11.25 -3.16
CA PRO A 39 15.45 11.52 -4.58
C PRO A 39 15.11 10.28 -5.43
N GLY A 40 14.17 10.45 -6.37
CA GLY A 40 13.67 9.39 -7.23
C GLY A 40 12.53 8.58 -6.58
N ALA A 41 12.36 8.70 -5.26
CA ALA A 41 11.23 8.14 -4.53
C ALA A 41 9.90 8.82 -4.88
N GLU A 42 9.87 9.86 -5.70
CA GLU A 42 8.64 10.55 -6.03
C GLU A 42 7.68 9.60 -6.78
N GLU A 43 8.20 8.56 -7.42
CA GLU A 43 7.39 7.46 -7.94
C GLU A 43 6.96 6.54 -6.80
N LYS A 44 7.91 6.18 -5.94
CA LYS A 44 7.76 5.12 -4.95
C LYS A 44 6.82 5.49 -3.82
N PHE A 45 6.88 6.73 -3.37
CA PHE A 45 5.98 7.32 -2.39
C PHE A 45 4.57 7.44 -2.97
N LYS A 46 4.44 7.88 -4.22
CA LYS A 46 3.13 7.82 -4.88
C LYS A 46 2.62 6.38 -4.96
N GLU A 47 3.51 5.39 -5.03
CA GLU A 47 3.16 3.97 -4.97
C GLU A 47 2.80 3.58 -3.52
N ILE A 48 3.45 4.19 -2.52
CA ILE A 48 3.06 4.09 -1.10
C ILE A 48 1.60 4.50 -1.05
N ALA A 49 1.26 5.71 -1.50
CA ALA A 49 -0.07 6.28 -1.45
C ALA A 49 -1.09 5.36 -2.10
N GLU A 50 -0.70 4.74 -3.21
CA GLU A 50 -1.58 3.89 -3.97
C GLU A 50 -1.99 2.67 -3.14
N ALA A 51 -1.04 2.09 -2.40
CA ALA A 51 -1.32 1.04 -1.42
C ALA A 51 -1.91 1.59 -0.12
N TYR A 52 -1.58 2.83 0.26
CA TYR A 52 -1.96 3.51 1.49
C TYR A 52 -3.47 3.65 1.51
N ASP A 53 -4.03 4.09 0.38
CA ASP A 53 -5.46 4.15 0.11
C ASP A 53 -6.07 2.78 0.41
N VAL A 54 -5.63 1.77 -0.32
CA VAL A 54 -6.26 0.45 -0.33
C VAL A 54 -6.19 -0.19 1.04
N LEU A 55 -5.04 -0.14 1.69
CA LEU A 55 -4.84 -0.80 2.95
C LEU A 55 -5.52 -0.03 4.07
N SER A 56 -5.81 1.27 3.90
CA SER A 56 -6.71 1.96 4.81
C SER A 56 -8.17 1.59 4.53
N ASP A 57 -8.51 1.24 3.30
CA ASP A 57 -9.87 1.21 2.77
C ASP A 57 -10.29 -0.24 2.42
N PRO A 58 -10.91 -0.96 3.37
CA PRO A 58 -11.28 -2.35 3.15
C PRO A 58 -12.36 -2.50 2.07
N ARG A 59 -13.11 -1.45 1.72
CA ARG A 59 -14.09 -1.52 0.64
C ARG A 59 -13.37 -1.69 -0.69
N LYS A 60 -12.20 -1.03 -0.86
CA LYS A 60 -11.39 -1.24 -2.04
C LYS A 60 -10.73 -2.61 -1.92
N ARG A 61 -10.13 -2.89 -0.76
CA ARG A 61 -9.45 -4.15 -0.52
C ARG A 61 -10.36 -5.37 -0.63
N GLU A 62 -11.69 -5.22 -0.63
CA GLU A 62 -12.65 -6.31 -0.61
C GLU A 62 -12.54 -7.21 -1.85
N ILE A 63 -12.04 -6.68 -2.96
CA ILE A 63 -11.68 -7.44 -4.15
C ILE A 63 -10.39 -8.23 -3.88
N PHE A 64 -9.38 -7.55 -3.35
CA PHE A 64 -8.07 -8.14 -3.08
C PHE A 64 -8.19 -9.26 -2.04
N ASP A 65 -8.94 -9.05 -0.96
CA ASP A 65 -9.18 -9.99 0.14
C ASP A 65 -9.99 -11.23 -0.29
N ARG A 66 -10.42 -11.26 -1.54
CA ARG A 66 -11.25 -12.30 -2.14
C ARG A 66 -10.41 -13.06 -3.16
N TYR A 67 -9.73 -12.33 -4.03
CA TYR A 67 -8.79 -12.93 -4.96
C TYR A 67 -7.42 -13.04 -4.28
N GLY A 68 -6.59 -11.99 -4.34
CA GLY A 68 -5.32 -11.91 -3.64
C GLY A 68 -4.18 -12.26 -4.60
N GLU A 69 -3.64 -11.24 -5.25
CA GLU A 69 -2.60 -11.24 -6.28
C GLU A 69 -3.14 -11.71 -7.63
N GLU A 70 -2.84 -10.94 -8.68
CA GLU A 70 -3.37 -10.94 -10.05
C GLU A 70 -4.87 -10.69 -10.13
N GLY A 71 -5.64 -11.25 -9.21
CA GLY A 71 -7.05 -11.01 -8.95
C GLY A 71 -7.51 -9.59 -9.23
N LEU A 72 -6.86 -8.64 -8.56
CA LEU A 72 -7.18 -7.22 -8.69
C LEU A 72 -6.62 -6.75 -10.03
N LYS A 73 -7.46 -6.72 -11.07
CA LYS A 73 -7.10 -6.47 -12.46
C LYS A 73 -7.98 -5.34 -12.96
N GLY A 74 -7.79 -4.16 -12.39
CA GLY A 74 -8.47 -2.94 -12.80
C GLY A 74 -7.45 -1.81 -12.88
N SER A 75 -7.60 -0.80 -12.02
CA SER A 75 -6.71 0.36 -11.83
C SER A 75 -6.60 1.30 -13.04
N GLY A 76 -7.29 1.07 -14.16
CA GLY A 76 -7.17 1.91 -15.34
C GLY A 76 -7.96 1.33 -16.51
N CYS A 77 -7.31 0.45 -17.27
CA CYS A 77 -7.89 -0.23 -18.42
C CYS A 77 -7.67 -1.71 -18.21
N MET A 1 7.66 -7.31 -9.85
CA MET A 1 6.25 -7.66 -10.07
C MET A 1 5.78 -8.55 -8.93
N GLY A 2 4.68 -9.29 -9.09
CA GLY A 2 4.02 -9.98 -8.00
C GLY A 2 3.67 -9.00 -6.88
N LYS A 3 3.28 -7.76 -7.21
CA LYS A 3 3.21 -6.67 -6.25
C LYS A 3 1.90 -6.73 -5.47
N ASP A 4 1.96 -7.35 -4.29
CA ASP A 4 0.81 -7.71 -3.47
C ASP A 4 0.18 -6.50 -2.77
N TYR A 5 0.68 -5.28 -3.01
CA TYR A 5 0.38 -4.03 -2.27
C TYR A 5 0.87 -4.12 -0.82
N TYR A 6 0.30 -5.03 -0.04
CA TYR A 6 0.75 -5.48 1.26
C TYR A 6 2.27 -5.58 1.29
N GLN A 7 2.83 -6.43 0.43
CA GLN A 7 4.26 -6.66 0.44
C GLN A 7 5.05 -5.42 0.00
N THR A 8 4.50 -4.56 -0.86
CA THR A 8 5.16 -3.31 -1.25
C THR A 8 5.26 -2.35 -0.06
N LEU A 9 4.34 -2.46 0.90
CA LEU A 9 4.40 -1.76 2.17
C LEU A 9 5.15 -2.56 3.24
N GLY A 10 5.45 -3.84 2.98
CA GLY A 10 6.21 -4.74 3.83
C GLY A 10 5.32 -5.26 4.96
N LEU A 11 4.41 -6.18 4.65
CA LEU A 11 3.39 -6.73 5.55
C LEU A 11 3.22 -8.24 5.40
N ALA A 12 2.41 -8.84 6.27
CA ALA A 12 1.84 -10.18 6.09
C ALA A 12 0.74 -10.16 5.03
N ARG A 13 0.30 -11.34 4.61
CA ARG A 13 -0.88 -11.50 3.77
C ARG A 13 -2.11 -11.17 4.61
N GLY A 14 -2.83 -10.11 4.26
CA GLY A 14 -4.10 -9.72 4.85
C GLY A 14 -3.86 -8.84 6.08
N ALA A 15 -2.88 -9.21 6.90
CA ALA A 15 -2.46 -8.51 8.11
C ALA A 15 -3.61 -8.24 9.06
N SER A 16 -3.36 -7.49 10.12
CA SER A 16 -4.38 -6.98 11.03
C SER A 16 -4.14 -5.49 11.25
N ASP A 17 -5.15 -4.78 11.74
CA ASP A 17 -5.25 -3.31 11.70
C ASP A 17 -4.03 -2.58 12.25
N GLU A 18 -3.33 -3.18 13.23
CA GLU A 18 -2.17 -2.57 13.84
C GLU A 18 -0.96 -2.74 12.94
N GLU A 19 -0.86 -3.85 12.21
CA GLU A 19 0.18 -4.06 11.22
C GLU A 19 -0.05 -3.01 10.13
N ILE A 20 -1.32 -2.81 9.74
CA ILE A 20 -1.70 -1.88 8.70
C ILE A 20 -1.12 -0.52 9.08
N LYS A 21 -1.55 0.03 10.22
CA LYS A 21 -1.09 1.30 10.75
C LYS A 21 0.43 1.32 10.88
N ARG A 22 1.06 0.31 11.47
CA ARG A 22 2.49 0.35 11.76
C ARG A 22 3.25 0.49 10.44
N ALA A 23 2.94 -0.34 9.45
CA ALA A 23 3.53 -0.34 8.12
C ALA A 23 3.34 1.01 7.44
N TYR A 24 2.10 1.44 7.21
CA TYR A 24 1.74 2.70 6.57
C TYR A 24 2.41 3.90 7.23
N ARG A 25 2.38 3.98 8.56
CA ARG A 25 2.93 5.09 9.32
C ARG A 25 4.46 5.11 9.26
N ARG A 26 5.12 3.95 9.12
CA ARG A 26 6.55 3.88 8.84
C ARG A 26 6.82 4.41 7.44
N GLN A 27 6.14 3.86 6.44
CA GLN A 27 6.48 4.04 5.04
C GLN A 27 6.18 5.47 4.56
N ALA A 28 5.13 6.12 5.06
CA ALA A 28 4.91 7.53 4.80
C ALA A 28 6.15 8.32 5.23
N LEU A 29 6.49 8.25 6.53
CA LEU A 29 7.58 9.03 7.12
C LEU A 29 8.94 8.74 6.50
N ARG A 30 9.12 7.57 5.89
CA ARG A 30 10.31 7.17 5.15
C ARG A 30 10.49 7.99 3.86
N TYR A 31 9.41 8.38 3.18
CA TYR A 31 9.47 8.98 1.84
C TYR A 31 8.93 10.39 1.79
N HIS A 32 8.20 10.83 2.82
CA HIS A 32 7.38 12.03 2.85
C HIS A 32 8.11 13.23 2.23
N PRO A 33 7.48 14.01 1.34
CA PRO A 33 7.99 15.31 0.93
C PRO A 33 8.13 16.26 2.13
N ASP A 34 7.53 15.90 3.27
CA ASP A 34 7.60 16.69 4.49
C ASP A 34 8.62 16.13 5.50
N LYS A 35 9.47 15.16 5.10
CA LYS A 35 10.59 14.69 5.92
C LYS A 35 11.80 14.41 5.03
N ASN A 36 11.69 13.39 4.16
CA ASN A 36 12.77 12.97 3.26
C ASN A 36 12.88 14.01 2.13
N LYS A 37 11.83 14.83 1.96
CA LYS A 37 11.75 15.89 0.97
C LYS A 37 11.78 15.32 -0.44
N GLU A 38 11.30 14.08 -0.61
CA GLU A 38 11.04 13.36 -1.84
C GLU A 38 12.13 13.67 -2.89
N PRO A 39 13.40 13.30 -2.61
CA PRO A 39 14.57 13.90 -3.27
C PRO A 39 14.94 13.33 -4.63
N GLY A 40 14.17 12.35 -5.02
CA GLY A 40 14.29 11.49 -6.18
C GLY A 40 13.47 10.25 -5.89
N ALA A 41 12.19 10.47 -5.62
CA ALA A 41 11.32 9.55 -4.91
C ALA A 41 9.84 9.76 -5.23
N GLU A 42 9.47 10.61 -6.20
CA GLU A 42 8.05 10.93 -6.39
C GLU A 42 7.28 9.71 -6.87
N GLU A 43 7.82 8.98 -7.86
CA GLU A 43 7.24 7.70 -8.27
C GLU A 43 7.14 6.81 -7.06
N LYS A 44 8.23 6.74 -6.28
CA LYS A 44 8.36 5.84 -5.16
C LYS A 44 7.35 6.16 -4.06
N PHE A 45 7.04 7.44 -3.85
CA PHE A 45 6.05 7.90 -2.91
C PHE A 45 4.66 7.52 -3.40
N LYS A 46 4.32 7.78 -4.67
CA LYS A 46 3.04 7.34 -5.21
C LYS A 46 2.94 5.81 -5.33
N GLU A 47 4.07 5.11 -5.28
CA GLU A 47 4.14 3.66 -5.32
C GLU A 47 3.66 3.13 -3.97
N ILE A 48 4.16 3.73 -2.88
CA ILE A 48 3.56 3.56 -1.56
C ILE A 48 2.09 3.95 -1.67
N ALA A 49 1.74 5.09 -2.26
CA ALA A 49 0.42 5.69 -2.14
C ALA A 49 -0.67 4.73 -2.63
N GLU A 50 -0.37 3.91 -3.63
CA GLU A 50 -1.34 2.95 -4.18
C GLU A 50 -1.62 1.85 -3.17
N ALA A 51 -0.56 1.30 -2.56
CA ALA A 51 -0.70 0.24 -1.59
C ALA A 51 -1.26 0.81 -0.29
N TYR A 52 -0.85 2.02 0.07
CA TYR A 52 -1.23 2.76 1.26
C TYR A 52 -2.71 3.15 1.21
N ASP A 53 -3.22 3.46 0.02
CA ASP A 53 -4.64 3.70 -0.25
C ASP A 53 -5.44 2.45 0.06
N VAL A 54 -4.98 1.29 -0.44
CA VAL A 54 -5.63 0.01 -0.18
C VAL A 54 -5.54 -0.25 1.31
N LEU A 55 -4.36 -0.11 1.90
CA LEU A 55 -4.05 -0.33 3.29
C LEU A 55 -4.54 0.85 4.16
N SER A 56 -5.60 1.53 3.73
CA SER A 56 -6.46 2.35 4.54
C SER A 56 -7.93 2.27 4.11
N ASP A 57 -8.28 1.47 3.10
CA ASP A 57 -9.62 1.41 2.50
C ASP A 57 -10.15 -0.02 2.58
N PRO A 58 -11.07 -0.32 3.53
CA PRO A 58 -11.58 -1.67 3.72
C PRO A 58 -12.47 -2.19 2.58
N ARG A 59 -13.16 -1.32 1.82
CA ARG A 59 -13.94 -1.78 0.65
C ARG A 59 -12.99 -2.14 -0.48
N LYS A 60 -11.91 -1.39 -0.70
CA LYS A 60 -10.99 -1.71 -1.78
C LYS A 60 -10.17 -2.94 -1.38
N ARG A 61 -9.81 -3.06 -0.10
CA ARG A 61 -9.25 -4.31 0.42
C ARG A 61 -10.19 -5.48 0.22
N GLU A 62 -11.50 -5.30 0.26
CA GLU A 62 -12.45 -6.39 0.15
C GLU A 62 -12.29 -7.14 -1.19
N ILE A 63 -12.07 -6.40 -2.29
CA ILE A 63 -11.88 -7.00 -3.62
C ILE A 63 -10.49 -7.64 -3.71
N PHE A 64 -9.46 -7.00 -3.13
CA PHE A 64 -8.16 -7.63 -3.01
C PHE A 64 -8.31 -8.98 -2.28
N ASP A 65 -8.97 -8.96 -1.11
CA ASP A 65 -9.13 -10.04 -0.15
C ASP A 65 -9.95 -11.21 -0.67
N ARG A 66 -11.00 -10.95 -1.46
CA ARG A 66 -11.77 -12.00 -2.11
C ARG A 66 -10.93 -12.76 -3.13
N TYR A 67 -10.15 -12.03 -3.94
CA TYR A 67 -9.41 -12.60 -5.05
C TYR A 67 -8.07 -13.18 -4.55
N GLY A 68 -7.16 -12.34 -4.06
CA GLY A 68 -5.85 -12.70 -3.52
C GLY A 68 -4.82 -11.60 -3.80
N GLU A 69 -4.90 -11.03 -5.00
CA GLU A 69 -4.30 -9.75 -5.38
C GLU A 69 -5.04 -9.23 -6.62
N GLU A 70 -5.14 -10.09 -7.66
CA GLU A 70 -5.51 -9.69 -9.02
C GLU A 70 -6.81 -8.91 -9.04
N GLY A 71 -7.77 -9.27 -8.19
CA GLY A 71 -9.05 -8.62 -8.00
C GLY A 71 -8.99 -7.10 -8.12
N LEU A 72 -8.00 -6.47 -7.49
CA LEU A 72 -7.88 -5.02 -7.53
C LEU A 72 -7.61 -4.50 -8.94
N LYS A 73 -6.77 -5.18 -9.73
CA LYS A 73 -6.49 -4.83 -11.12
C LYS A 73 -7.57 -5.37 -12.07
N GLY A 74 -8.24 -6.45 -11.70
CA GLY A 74 -9.17 -7.16 -12.55
C GLY A 74 -9.99 -8.10 -11.69
N SER A 75 -11.26 -7.77 -11.47
CA SER A 75 -12.21 -8.69 -10.87
C SER A 75 -12.47 -9.83 -11.85
N GLY A 76 -11.56 -10.80 -11.93
CA GLY A 76 -11.75 -12.04 -12.66
C GLY A 76 -11.63 -11.86 -14.18
N CYS A 77 -10.98 -10.81 -14.65
CA CYS A 77 -10.66 -10.57 -16.05
C CYS A 77 -9.23 -10.08 -16.09
N MET A 1 -3.82 -4.78 -10.08
CA MET A 1 -3.07 -5.14 -8.86
C MET A 1 -1.65 -5.50 -9.27
N GLY A 2 -1.15 -6.72 -9.03
CA GLY A 2 0.18 -7.12 -9.47
C GLY A 2 1.32 -6.57 -8.62
N LYS A 3 1.12 -5.43 -7.96
CA LYS A 3 2.13 -4.84 -7.07
C LYS A 3 2.07 -5.42 -5.66
N ASP A 4 1.17 -6.37 -5.38
CA ASP A 4 0.87 -7.00 -4.08
C ASP A 4 0.30 -6.03 -3.03
N TYR A 5 0.61 -4.73 -3.13
CA TYR A 5 0.00 -3.61 -2.41
C TYR A 5 0.50 -3.61 -0.97
N TYR A 6 0.29 -4.70 -0.22
CA TYR A 6 0.88 -4.95 1.09
C TYR A 6 2.39 -4.75 0.96
N GLN A 7 3.03 -5.41 0.01
CA GLN A 7 4.46 -5.29 -0.23
C GLN A 7 4.85 -3.88 -0.69
N THR A 8 3.95 -3.12 -1.33
CA THR A 8 4.24 -1.73 -1.66
C THR A 8 4.42 -0.87 -0.40
N LEU A 9 3.79 -1.26 0.71
CA LEU A 9 3.99 -0.63 2.00
C LEU A 9 5.22 -1.25 2.66
N GLY A 10 5.65 -2.43 2.26
CA GLY A 10 6.79 -3.15 2.81
C GLY A 10 6.31 -4.15 3.84
N LEU A 11 5.35 -4.98 3.44
CA LEU A 11 4.69 -6.03 4.21
C LEU A 11 4.59 -7.26 3.31
N ALA A 12 3.77 -8.24 3.71
CA ALA A 12 3.31 -9.34 2.90
C ALA A 12 1.91 -9.71 3.36
N ARG A 13 1.30 -10.65 2.65
CA ARG A 13 0.19 -11.45 3.16
C ARG A 13 0.58 -11.99 4.52
N GLY A 14 -0.07 -11.48 5.55
CA GLY A 14 0.17 -11.76 6.95
C GLY A 14 -0.07 -10.50 7.77
N ALA A 15 0.13 -9.32 7.18
CA ALA A 15 -0.21 -8.05 7.79
C ALA A 15 -1.72 -8.01 8.07
N SER A 16 -2.09 -7.82 9.32
CA SER A 16 -3.47 -7.49 9.66
C SER A 16 -3.75 -6.06 9.25
N ASP A 17 -5.03 -5.69 9.25
CA ASP A 17 -5.44 -4.33 8.88
C ASP A 17 -4.85 -3.31 9.86
N GLU A 18 -4.60 -3.74 11.10
CA GLU A 18 -3.93 -2.95 12.12
C GLU A 18 -2.48 -2.74 11.73
N GLU A 19 -1.83 -3.74 11.16
CA GLU A 19 -0.42 -3.70 10.82
C GLU A 19 -0.24 -2.90 9.56
N ILE A 20 -1.24 -2.96 8.68
CA ILE A 20 -1.35 -2.09 7.54
C ILE A 20 -1.31 -0.64 8.04
N LYS A 21 -2.28 -0.23 8.88
CA LYS A 21 -2.33 1.14 9.41
C LYS A 21 -1.08 1.47 10.24
N ARG A 22 -0.46 0.51 10.90
CA ARG A 22 0.73 0.72 11.70
C ARG A 22 1.90 1.09 10.77
N ALA A 23 2.13 0.24 9.77
CA ALA A 23 3.11 0.43 8.72
C ALA A 23 2.88 1.77 8.03
N TYR A 24 1.63 2.12 7.70
CA TYR A 24 1.21 3.28 6.95
C TYR A 24 1.93 4.54 7.41
N ARG A 25 1.87 4.90 8.69
CA ARG A 25 2.45 6.16 9.15
C ARG A 25 3.97 6.11 9.16
N ARG A 26 4.58 5.00 9.60
CA ARG A 26 6.05 4.86 9.54
C ARG A 26 6.55 4.85 8.10
N GLN A 27 5.71 4.49 7.13
CA GLN A 27 6.07 4.51 5.72
C GLN A 27 5.89 5.88 5.10
N ALA A 28 4.74 6.53 5.32
CA ALA A 28 4.50 7.87 4.82
C ALA A 28 5.62 8.77 5.32
N LEU A 29 5.86 8.77 6.63
CA LEU A 29 6.92 9.57 7.24
C LEU A 29 8.31 9.12 6.79
N ARG A 30 8.53 7.88 6.34
CA ARG A 30 9.81 7.46 5.76
C ARG A 30 10.02 8.25 4.48
N TYR A 31 9.19 8.02 3.47
CA TYR A 31 9.43 8.49 2.11
C TYR A 31 8.98 9.94 1.89
N HIS A 32 8.37 10.58 2.89
CA HIS A 32 7.73 11.89 2.79
C HIS A 32 8.73 12.90 2.20
N PRO A 33 8.49 13.45 1.00
CA PRO A 33 9.45 14.30 0.30
C PRO A 33 9.57 15.69 0.93
N ASP A 34 8.84 15.98 2.02
CA ASP A 34 9.05 17.17 2.83
C ASP A 34 10.07 16.90 3.94
N LYS A 35 9.96 15.78 4.65
CA LYS A 35 10.80 15.42 5.79
C LYS A 35 12.09 14.76 5.31
N ASN A 36 12.02 13.79 4.39
CA ASN A 36 13.15 12.91 4.11
C ASN A 36 13.96 13.38 2.94
N LYS A 37 13.25 13.97 1.95
CA LYS A 37 13.81 14.53 0.73
C LYS A 37 14.68 13.53 -0.04
N GLU A 38 14.42 12.23 0.17
CA GLU A 38 15.19 11.11 -0.34
C GLU A 38 15.03 11.09 -1.87
N PRO A 39 16.11 11.06 -2.66
CA PRO A 39 16.06 11.38 -4.09
C PRO A 39 15.28 10.34 -4.87
N GLY A 40 14.21 10.76 -5.53
CA GLY A 40 13.32 9.91 -6.31
C GLY A 40 12.27 9.19 -5.46
N ALA A 41 12.28 9.38 -4.13
CA ALA A 41 11.24 8.84 -3.27
C ALA A 41 9.88 9.49 -3.51
N GLU A 42 9.79 10.54 -4.35
CA GLU A 42 8.54 11.03 -4.92
C GLU A 42 7.71 9.85 -5.45
N GLU A 43 8.36 8.97 -6.21
CA GLU A 43 7.74 7.86 -6.89
C GLU A 43 7.33 6.79 -5.87
N LYS A 44 8.24 6.46 -4.94
CA LYS A 44 7.99 5.52 -3.86
C LYS A 44 6.75 5.94 -3.08
N PHE A 45 6.69 7.22 -2.74
CA PHE A 45 5.62 7.84 -1.98
C PHE A 45 4.33 7.83 -2.81
N LYS A 46 4.39 8.15 -4.10
CA LYS A 46 3.28 8.00 -5.05
C LYS A 46 2.80 6.55 -5.15
N GLU A 47 3.65 5.56 -4.96
CA GLU A 47 3.26 4.17 -5.03
C GLU A 47 2.47 3.85 -3.76
N ILE A 48 2.99 4.32 -2.62
CA ILE A 48 2.35 4.41 -1.30
C ILE A 48 1.35 5.60 -1.31
N ALA A 49 0.56 5.69 -2.39
CA ALA A 49 -0.60 6.54 -2.51
C ALA A 49 -1.73 5.65 -3.01
N GLU A 50 -1.55 5.00 -4.16
CA GLU A 50 -2.55 4.16 -4.80
C GLU A 50 -2.59 2.77 -4.15
N ALA A 51 -1.46 2.27 -3.66
CA ALA A 51 -1.46 1.03 -2.89
C ALA A 51 -2.04 1.32 -1.50
N TYR A 52 -1.65 2.48 -0.96
CA TYR A 52 -1.96 2.98 0.36
C TYR A 52 -3.47 3.21 0.51
N ASP A 53 -4.13 3.77 -0.50
CA ASP A 53 -5.57 4.05 -0.47
C ASP A 53 -6.35 2.76 -0.31
N VAL A 54 -6.04 1.77 -1.15
CA VAL A 54 -6.68 0.45 -1.13
C VAL A 54 -6.40 -0.22 0.20
N LEU A 55 -5.16 -0.15 0.65
CA LEU A 55 -4.74 -0.81 1.86
C LEU A 55 -5.55 -0.33 3.05
N SER A 56 -5.90 0.96 3.11
CA SER A 56 -6.77 1.44 4.18
C SER A 56 -8.24 1.06 4.02
N ASP A 57 -8.71 0.81 2.79
CA ASP A 57 -10.13 0.87 2.46
C ASP A 57 -10.76 -0.47 2.83
N PRO A 58 -11.57 -0.56 3.89
CA PRO A 58 -12.01 -1.84 4.42
C PRO A 58 -13.00 -2.55 3.51
N ARG A 59 -13.54 -1.90 2.48
CA ARG A 59 -14.57 -2.48 1.62
C ARG A 59 -13.97 -2.84 0.27
N LYS A 60 -13.06 -2.05 -0.28
CA LYS A 60 -12.36 -2.46 -1.48
C LYS A 60 -11.36 -3.53 -1.10
N ARG A 61 -10.62 -3.39 0.01
CA ARG A 61 -9.70 -4.43 0.39
C ARG A 61 -10.40 -5.69 0.86
N GLU A 62 -11.67 -5.66 1.28
CA GLU A 62 -12.41 -6.88 1.62
C GLU A 62 -12.37 -7.87 0.47
N ILE A 63 -12.42 -7.37 -0.75
CA ILE A 63 -12.39 -8.17 -1.97
C ILE A 63 -10.98 -8.71 -2.20
N PHE A 64 -9.94 -7.86 -2.16
CA PHE A 64 -8.56 -8.30 -2.33
C PHE A 64 -8.09 -9.20 -1.16
N ASP A 65 -8.73 -9.07 0.00
CA ASP A 65 -8.52 -9.87 1.20
C ASP A 65 -9.16 -11.25 1.05
N ARG A 66 -10.35 -11.33 0.45
CA ARG A 66 -11.02 -12.61 0.25
C ARG A 66 -10.32 -13.32 -0.90
N TYR A 67 -10.31 -12.69 -2.07
CA TYR A 67 -9.73 -13.24 -3.27
C TYR A 67 -8.28 -12.77 -3.32
N GLY A 68 -7.99 -11.66 -4.00
CA GLY A 68 -6.62 -11.25 -4.27
C GLY A 68 -6.53 -10.46 -5.57
N GLU A 69 -5.33 -10.37 -6.13
CA GLU A 69 -5.09 -9.75 -7.44
C GLU A 69 -5.92 -10.41 -8.53
N GLU A 70 -6.12 -11.73 -8.43
CA GLU A 70 -6.93 -12.54 -9.32
C GLU A 70 -8.44 -12.32 -9.13
N GLY A 71 -8.83 -11.38 -8.26
CA GLY A 71 -10.14 -11.36 -7.65
C GLY A 71 -10.63 -9.99 -7.25
N LEU A 72 -9.96 -8.88 -7.61
CA LEU A 72 -10.34 -7.55 -7.12
C LEU A 72 -11.73 -7.17 -7.61
N LYS A 73 -12.16 -7.68 -8.76
CA LYS A 73 -13.48 -7.44 -9.32
C LYS A 73 -14.53 -8.48 -8.85
N GLY A 74 -14.13 -9.47 -8.04
CA GLY A 74 -14.99 -10.54 -7.58
C GLY A 74 -16.23 -9.98 -6.91
N SER A 75 -17.39 -10.19 -7.52
CA SER A 75 -18.64 -9.47 -7.30
C SER A 75 -18.46 -7.99 -7.62
N GLY A 76 -18.95 -7.58 -8.79
CA GLY A 76 -19.04 -6.20 -9.22
C GLY A 76 -20.10 -5.47 -8.43
N CYS A 77 -21.32 -6.02 -8.46
CA CYS A 77 -22.54 -5.63 -7.76
C CYS A 77 -22.64 -4.11 -7.60
N MET A 1 0.42 -11.38 -6.22
CA MET A 1 1.84 -11.79 -6.27
C MET A 1 2.45 -11.31 -7.57
N GLY A 2 3.76 -11.04 -7.59
CA GLY A 2 4.47 -10.37 -8.68
C GLY A 2 4.41 -8.86 -8.52
N LYS A 3 3.27 -8.40 -8.01
CA LYS A 3 3.01 -7.15 -7.33
C LYS A 3 1.96 -7.53 -6.27
N ASP A 4 1.60 -6.61 -5.39
CA ASP A 4 0.52 -6.64 -4.42
C ASP A 4 0.56 -5.24 -3.78
N TYR A 5 0.01 -5.08 -2.58
CA TYR A 5 0.02 -3.90 -1.76
C TYR A 5 0.62 -4.19 -0.38
N TYR A 6 0.47 -5.40 0.19
CA TYR A 6 1.06 -5.72 1.49
C TYR A 6 2.58 -5.64 1.30
N GLN A 7 3.08 -6.28 0.25
CA GLN A 7 4.51 -6.40 -0.03
C GLN A 7 5.10 -5.03 -0.36
N THR A 8 4.33 -4.14 -0.98
CA THR A 8 4.69 -2.75 -1.26
C THR A 8 4.84 -1.95 0.04
N LEU A 9 4.30 -2.47 1.14
CA LEU A 9 4.41 -1.95 2.50
C LEU A 9 5.21 -2.92 3.40
N GLY A 10 5.91 -3.90 2.81
CA GLY A 10 6.87 -4.77 3.46
C GLY A 10 6.30 -6.06 4.05
N LEU A 11 4.99 -6.28 4.00
CA LEU A 11 4.30 -7.35 4.71
C LEU A 11 3.90 -8.47 3.75
N ALA A 12 3.41 -9.59 4.27
CA ALA A 12 2.67 -10.61 3.54
C ALA A 12 1.71 -11.27 4.51
N ARG A 13 0.57 -11.80 4.04
CA ARG A 13 -0.30 -12.79 4.70
C ARG A 13 -0.35 -12.65 6.23
N GLY A 14 -0.64 -11.46 6.70
CA GLY A 14 -0.50 -11.11 8.11
C GLY A 14 -0.64 -9.61 8.34
N ALA A 15 -0.46 -8.83 7.27
CA ALA A 15 -0.95 -7.48 7.14
C ALA A 15 -2.43 -7.47 7.50
N SER A 16 -2.68 -7.01 8.72
CA SER A 16 -3.93 -6.90 9.42
C SER A 16 -3.94 -5.47 9.96
N ASP A 17 -5.12 -4.90 10.23
CA ASP A 17 -5.32 -3.46 10.30
C ASP A 17 -4.35 -2.67 11.18
N GLU A 18 -3.96 -3.21 12.33
CA GLU A 18 -3.02 -2.55 13.22
C GLU A 18 -1.59 -2.59 12.66
N GLU A 19 -1.19 -3.71 12.06
CA GLU A 19 0.14 -3.93 11.53
C GLU A 19 0.27 -3.12 10.24
N ILE A 20 -0.82 -3.08 9.48
CA ILE A 20 -1.01 -2.26 8.31
C ILE A 20 -0.74 -0.82 8.73
N LYS A 21 -1.53 -0.24 9.65
CA LYS A 21 -1.38 1.16 10.03
C LYS A 21 0.00 1.43 10.63
N ARG A 22 0.51 0.54 11.48
CA ARG A 22 1.85 0.67 12.06
C ARG A 22 2.85 0.88 10.94
N ALA A 23 2.85 -0.03 9.97
CA ALA A 23 3.72 0.03 8.80
C ALA A 23 3.46 1.30 7.97
N TYR A 24 2.21 1.68 7.70
CA TYR A 24 1.82 2.78 6.83
C TYR A 24 2.41 4.08 7.34
N ARG A 25 2.22 4.41 8.61
CA ARG A 25 2.71 5.66 9.19
C ARG A 25 4.22 5.63 9.48
N ARG A 26 4.91 4.60 9.00
CA ARG A 26 6.35 4.40 9.09
C ARG A 26 6.97 4.18 7.71
N GLN A 27 6.16 4.04 6.65
CA GLN A 27 6.61 3.91 5.27
C GLN A 27 6.24 5.13 4.44
N ALA A 28 5.05 5.71 4.60
CA ALA A 28 4.78 7.02 4.01
C ALA A 28 5.76 8.02 4.61
N LEU A 29 5.80 8.14 5.94
CA LEU A 29 6.73 9.00 6.67
C LEU A 29 8.20 8.76 6.31
N ARG A 30 8.54 7.65 5.67
CA ARG A 30 9.89 7.36 5.20
C ARG A 30 10.25 8.16 3.95
N TYR A 31 9.29 8.55 3.10
CA TYR A 31 9.55 9.15 1.79
C TYR A 31 8.62 10.31 1.43
N HIS A 32 7.60 10.60 2.26
CA HIS A 32 6.55 11.59 2.02
C HIS A 32 7.16 12.96 1.65
N PRO A 33 6.53 13.74 0.76
CA PRO A 33 6.88 15.13 0.52
C PRO A 33 6.49 16.05 1.71
N ASP A 34 6.01 15.48 2.81
CA ASP A 34 5.83 16.15 4.09
C ASP A 34 7.19 16.11 4.80
N LYS A 35 7.67 14.94 5.22
CA LYS A 35 8.84 14.83 6.07
C LYS A 35 10.13 14.86 5.26
N ASN A 36 10.18 14.23 4.08
CA ASN A 36 11.45 13.83 3.47
C ASN A 36 11.76 14.63 2.23
N LYS A 37 10.76 14.83 1.36
CA LYS A 37 10.88 15.55 0.09
C LYS A 37 12.00 14.98 -0.80
N GLU A 38 12.40 13.72 -0.59
CA GLU A 38 13.68 13.22 -1.04
C GLU A 38 13.68 13.08 -2.58
N PRO A 39 14.70 13.58 -3.29
CA PRO A 39 14.80 13.42 -4.72
C PRO A 39 15.05 11.94 -5.08
N GLY A 40 14.41 11.49 -6.15
CA GLY A 40 14.43 10.10 -6.58
C GLY A 40 13.58 9.20 -5.69
N ALA A 41 12.81 9.74 -4.74
CA ALA A 41 11.99 8.96 -3.83
C ALA A 41 10.51 9.39 -3.81
N GLU A 42 10.10 10.42 -4.53
CA GLU A 42 8.69 10.76 -4.64
C GLU A 42 7.96 9.69 -5.44
N GLU A 43 8.62 9.08 -6.44
CA GLU A 43 8.07 7.95 -7.20
C GLU A 43 8.04 6.69 -6.34
N LYS A 44 8.95 6.58 -5.37
CA LYS A 44 8.95 5.55 -4.35
C LYS A 44 7.71 5.71 -3.48
N PHE A 45 7.51 6.94 -3.00
CA PHE A 45 6.33 7.31 -2.22
C PHE A 45 5.05 7.01 -2.99
N LYS A 46 4.95 7.39 -4.26
CA LYS A 46 3.79 7.11 -5.11
C LYS A 46 3.48 5.61 -5.15
N GLU A 47 4.50 4.76 -5.09
CA GLU A 47 4.35 3.32 -5.17
C GLU A 47 3.74 2.82 -3.86
N ILE A 48 4.24 3.33 -2.72
CA ILE A 48 3.60 3.13 -1.43
C ILE A 48 2.16 3.65 -1.48
N ALA A 49 1.92 4.84 -2.04
CA ALA A 49 0.68 5.59 -1.93
C ALA A 49 -0.49 4.82 -2.59
N GLU A 50 -0.21 4.04 -3.64
CA GLU A 50 -1.22 3.17 -4.25
C GLU A 50 -1.61 2.06 -3.28
N ALA A 51 -0.63 1.49 -2.57
CA ALA A 51 -0.86 0.47 -1.56
C ALA A 51 -1.49 1.07 -0.31
N TYR A 52 -1.20 2.33 -0.03
CA TYR A 52 -1.64 3.11 1.12
C TYR A 52 -3.13 3.34 1.03
N ASP A 53 -3.60 3.75 -0.15
CA ASP A 53 -5.01 3.89 -0.51
C ASP A 53 -5.77 2.60 -0.21
N VAL A 54 -5.20 1.48 -0.63
CA VAL A 54 -5.77 0.16 -0.38
C VAL A 54 -5.77 -0.11 1.13
N LEU A 55 -4.60 -0.12 1.76
CA LEU A 55 -4.32 -0.60 3.09
C LEU A 55 -4.49 0.54 4.09
N SER A 56 -5.63 1.21 4.00
CA SER A 56 -6.15 2.10 5.01
C SER A 56 -7.68 2.22 4.94
N ASP A 57 -8.31 1.71 3.88
CA ASP A 57 -9.75 1.71 3.71
C ASP A 57 -10.20 0.28 3.44
N PRO A 58 -10.96 -0.37 4.35
CA PRO A 58 -11.39 -1.75 4.13
C PRO A 58 -12.13 -1.89 2.81
N ARG A 59 -12.92 -0.89 2.41
CA ARG A 59 -13.74 -0.96 1.21
C ARG A 59 -12.87 -1.05 -0.05
N LYS A 60 -11.64 -0.53 -0.03
CA LYS A 60 -10.74 -0.55 -1.16
C LYS A 60 -10.17 -1.94 -1.33
N ARG A 61 -9.48 -2.47 -0.32
CA ARG A 61 -9.06 -3.84 -0.37
C ARG A 61 -10.21 -4.81 -0.51
N GLU A 62 -11.46 -4.47 -0.16
CA GLU A 62 -12.51 -5.44 0.01
C GLU A 62 -12.63 -6.37 -1.19
N ILE A 63 -12.63 -5.78 -2.40
CA ILE A 63 -12.82 -6.60 -3.60
C ILE A 63 -11.54 -7.41 -3.89
N PHE A 64 -10.37 -6.79 -3.74
CA PHE A 64 -9.08 -7.47 -3.87
C PHE A 64 -9.00 -8.65 -2.90
N ASP A 65 -9.44 -8.47 -1.66
CA ASP A 65 -9.26 -9.39 -0.55
C ASP A 65 -10.20 -10.59 -0.71
N ARG A 66 -11.45 -10.36 -1.14
CA ARG A 66 -12.43 -11.41 -1.32
C ARG A 66 -12.03 -12.35 -2.45
N TYR A 67 -11.65 -11.79 -3.59
CA TYR A 67 -11.33 -12.58 -4.78
C TYR A 67 -9.89 -13.08 -4.76
N GLY A 68 -8.96 -12.27 -4.25
CA GLY A 68 -7.54 -12.50 -4.35
C GLY A 68 -7.04 -12.04 -5.70
N GLU A 69 -6.69 -10.76 -5.81
CA GLU A 69 -6.17 -10.08 -7.01
C GLU A 69 -7.22 -9.94 -8.13
N GLU A 70 -7.71 -11.06 -8.67
CA GLU A 70 -8.60 -11.14 -9.83
C GLU A 70 -10.01 -10.75 -9.37
N GLY A 71 -10.18 -9.50 -8.96
CA GLY A 71 -11.41 -8.95 -8.42
C GLY A 71 -11.41 -7.44 -8.53
N LEU A 72 -10.31 -6.79 -8.16
CA LEU A 72 -10.24 -5.32 -8.13
C LEU A 72 -10.39 -4.78 -9.56
N LYS A 73 -9.74 -5.42 -10.54
CA LYS A 73 -9.88 -5.12 -11.97
C LYS A 73 -11.22 -5.60 -12.55
N GLY A 74 -12.19 -6.00 -11.73
CA GLY A 74 -13.27 -6.87 -12.19
C GLY A 74 -12.69 -8.27 -12.25
N SER A 75 -13.06 -9.08 -13.24
CA SER A 75 -12.69 -10.50 -13.39
C SER A 75 -13.23 -11.42 -12.27
N GLY A 76 -14.09 -10.90 -11.40
CA GLY A 76 -14.79 -11.67 -10.39
C GLY A 76 -15.77 -12.66 -10.99
N CYS A 77 -16.39 -13.45 -10.11
CA CYS A 77 -17.52 -14.33 -10.34
C CYS A 77 -18.57 -13.94 -9.33
N MET A 1 3.99 -10.13 -13.19
CA MET A 1 4.04 -9.36 -11.93
C MET A 1 3.98 -10.31 -10.75
N GLY A 2 4.80 -10.04 -9.74
CA GLY A 2 4.67 -10.56 -8.39
C GLY A 2 4.94 -9.47 -7.36
N LYS A 3 5.03 -8.20 -7.78
CA LYS A 3 4.84 -7.06 -6.89
C LYS A 3 3.38 -7.03 -6.49
N ASP A 4 3.07 -6.51 -5.32
CA ASP A 4 1.70 -6.43 -4.81
C ASP A 4 1.65 -5.27 -3.83
N TYR A 5 0.44 -4.77 -3.56
CA TYR A 5 0.21 -3.56 -2.81
C TYR A 5 0.48 -3.76 -1.32
N TYR A 6 0.44 -4.99 -0.81
CA TYR A 6 0.95 -5.30 0.52
C TYR A 6 2.39 -4.83 0.64
N GLN A 7 3.23 -5.21 -0.34
CA GLN A 7 4.67 -5.13 -0.18
C GLN A 7 5.24 -3.82 -0.75
N THR A 8 4.50 -3.15 -1.64
CA THR A 8 4.77 -1.73 -1.92
C THR A 8 4.68 -0.88 -0.64
N LEU A 9 3.94 -1.34 0.38
CA LEU A 9 3.86 -0.68 1.67
C LEU A 9 4.79 -1.34 2.71
N GLY A 10 5.63 -2.31 2.31
CA GLY A 10 6.63 -2.94 3.17
C GLY A 10 6.02 -3.96 4.14
N LEU A 11 5.06 -4.76 3.67
CA LEU A 11 4.32 -5.73 4.49
C LEU A 11 4.01 -6.99 3.67
N ALA A 12 3.31 -7.95 4.27
CA ALA A 12 2.51 -9.03 3.67
C ALA A 12 2.21 -10.18 4.64
N ARG A 13 1.06 -10.84 4.44
CA ARG A 13 0.57 -12.06 5.09
C ARG A 13 1.02 -12.15 6.55
N GLY A 14 0.73 -11.11 7.31
CA GLY A 14 1.15 -10.95 8.70
C GLY A 14 1.01 -9.52 9.19
N ALA A 15 0.58 -8.60 8.33
CA ALA A 15 0.13 -7.28 8.71
C ALA A 15 -1.40 -7.31 8.74
N SER A 16 -1.95 -7.47 9.95
CA SER A 16 -3.37 -7.22 10.23
C SER A 16 -3.67 -5.75 10.01
N ASP A 17 -4.95 -5.37 10.08
CA ASP A 17 -5.34 -3.99 9.82
C ASP A 17 -4.70 -2.99 10.79
N GLU A 18 -4.36 -3.42 12.01
CA GLU A 18 -3.73 -2.63 13.06
C GLU A 18 -2.21 -2.63 12.94
N GLU A 19 -1.64 -3.46 12.07
CA GLU A 19 -0.25 -3.35 11.64
C GLU A 19 -0.22 -2.52 10.36
N ILE A 20 -1.25 -2.61 9.51
CA ILE A 20 -1.38 -1.88 8.27
C ILE A 20 -1.52 -0.40 8.59
N LYS A 21 -2.53 0.04 9.34
CA LYS A 21 -2.68 1.43 9.72
C LYS A 21 -1.49 1.93 10.55
N ARG A 22 -0.77 1.03 11.23
CA ARG A 22 0.55 1.32 11.81
C ARG A 22 1.53 1.69 10.70
N ALA A 23 1.71 0.79 9.74
CA ALA A 23 2.61 0.89 8.59
C ALA A 23 2.27 2.11 7.75
N TYR A 24 1.03 2.33 7.35
CA TYR A 24 0.56 3.46 6.57
C TYR A 24 0.89 4.79 7.25
N ARG A 25 0.80 4.88 8.59
CA ARG A 25 1.21 6.07 9.32
C ARG A 25 2.72 6.29 9.30
N ARG A 26 3.56 5.25 9.22
CA ARG A 26 4.99 5.48 8.98
C ARG A 26 5.27 5.68 7.49
N GLN A 27 4.61 4.97 6.57
CA GLN A 27 5.06 4.84 5.19
C GLN A 27 4.91 6.14 4.42
N ALA A 28 3.84 6.92 4.69
CA ALA A 28 3.74 8.26 4.14
C ALA A 28 4.93 9.10 4.61
N LEU A 29 5.20 9.14 5.92
CA LEU A 29 6.30 9.90 6.51
C LEU A 29 7.66 9.46 5.98
N ARG A 30 7.87 8.14 5.89
CA ARG A 30 9.13 7.48 5.62
C ARG A 30 9.69 7.84 4.25
N TYR A 31 8.83 8.12 3.27
CA TYR A 31 9.23 8.48 1.92
C TYR A 31 8.50 9.74 1.44
N HIS A 32 7.91 10.52 2.36
CA HIS A 32 7.33 11.84 2.10
C HIS A 32 8.41 12.67 1.39
N PRO A 33 8.18 13.21 0.20
CA PRO A 33 9.25 13.78 -0.60
C PRO A 33 9.89 14.97 0.11
N ASP A 34 9.13 15.66 0.97
CA ASP A 34 9.61 16.80 1.72
C ASP A 34 10.34 16.38 3.01
N LYS A 35 10.25 15.13 3.47
CA LYS A 35 10.71 14.79 4.82
C LYS A 35 12.15 14.32 4.72
N ASN A 36 12.31 13.13 4.16
CA ASN A 36 13.55 12.33 4.04
C ASN A 36 14.40 12.95 2.94
N LYS A 37 13.76 13.56 1.93
CA LYS A 37 14.35 14.12 0.73
C LYS A 37 15.24 13.10 0.00
N GLU A 38 15.00 11.80 0.18
CA GLU A 38 15.76 10.75 -0.45
C GLU A 38 15.42 10.72 -1.95
N PRO A 39 16.41 10.72 -2.86
CA PRO A 39 16.15 10.93 -4.28
C PRO A 39 15.37 9.78 -4.92
N GLY A 40 14.09 10.03 -5.17
CA GLY A 40 13.11 9.11 -5.76
C GLY A 40 12.06 8.66 -4.75
N ALA A 41 12.15 9.13 -3.49
CA ALA A 41 11.13 8.91 -2.48
C ALA A 41 9.77 9.43 -2.94
N GLU A 42 9.73 10.49 -3.75
CA GLU A 42 8.49 11.04 -4.29
C GLU A 42 7.69 9.98 -5.05
N GLU A 43 8.37 9.20 -5.90
CA GLU A 43 7.70 8.18 -6.70
C GLU A 43 7.34 6.98 -5.82
N LYS A 44 8.13 6.72 -4.78
CA LYS A 44 7.84 5.74 -3.76
C LYS A 44 6.52 6.09 -3.08
N PHE A 45 6.39 7.33 -2.61
CA PHE A 45 5.18 7.91 -2.00
C PHE A 45 3.97 7.79 -2.93
N LYS A 46 4.14 8.06 -4.23
CA LYS A 46 3.09 7.91 -5.24
C LYS A 46 2.57 6.49 -5.28
N GLU A 47 3.46 5.51 -5.39
CA GLU A 47 3.05 4.12 -5.60
C GLU A 47 2.49 3.56 -4.30
N ILE A 48 3.04 4.01 -3.16
CA ILE A 48 2.51 3.76 -1.84
C ILE A 48 1.05 4.20 -1.80
N ALA A 49 0.64 5.36 -2.34
CA ALA A 49 -0.74 5.85 -2.26
C ALA A 49 -1.75 4.88 -2.86
N GLU A 50 -1.36 4.16 -3.91
CA GLU A 50 -2.26 3.21 -4.54
C GLU A 50 -2.40 1.95 -3.69
N ALA A 51 -1.38 1.62 -2.89
CA ALA A 51 -1.50 0.60 -1.85
C ALA A 51 -2.31 1.17 -0.69
N TYR A 52 -2.04 2.41 -0.28
CA TYR A 52 -2.49 3.12 0.90
C TYR A 52 -4.01 3.12 1.00
N ASP A 53 -4.69 3.21 -0.14
CA ASP A 53 -6.15 3.14 -0.17
C ASP A 53 -6.66 1.81 0.42
N VAL A 54 -6.15 0.71 -0.12
CA VAL A 54 -6.43 -0.65 0.29
C VAL A 54 -5.84 -0.93 1.67
N LEU A 55 -4.67 -0.39 1.95
CA LEU A 55 -3.95 -0.56 3.20
C LEU A 55 -4.27 0.61 4.14
N SER A 56 -5.55 0.98 4.19
CA SER A 56 -6.11 1.79 5.27
C SER A 56 -7.55 1.38 5.62
N ASP A 57 -8.27 0.69 4.74
CA ASP A 57 -9.62 0.18 4.98
C ASP A 57 -9.62 -1.33 4.72
N PRO A 58 -10.14 -2.19 5.62
CA PRO A 58 -10.09 -3.64 5.46
C PRO A 58 -11.10 -4.19 4.44
N ARG A 59 -12.10 -3.40 4.09
CA ARG A 59 -13.28 -3.82 3.34
C ARG A 59 -12.94 -3.79 1.87
N LYS A 60 -12.23 -2.75 1.41
CA LYS A 60 -11.81 -2.62 0.02
C LYS A 60 -10.70 -3.64 -0.21
N ARG A 61 -9.82 -3.80 0.78
CA ARG A 61 -8.81 -4.84 0.81
C ARG A 61 -9.37 -6.21 0.53
N GLU A 62 -10.60 -6.51 0.96
CA GLU A 62 -11.21 -7.82 0.82
C GLU A 62 -11.66 -8.01 -0.63
N ILE A 63 -12.14 -6.94 -1.28
CA ILE A 63 -12.64 -7.01 -2.65
C ILE A 63 -11.42 -7.14 -3.57
N PHE A 64 -10.36 -6.37 -3.30
CA PHE A 64 -9.10 -6.48 -4.01
C PHE A 64 -8.44 -7.85 -3.79
N ASP A 65 -8.69 -8.49 -2.65
CA ASP A 65 -8.19 -9.83 -2.37
C ASP A 65 -8.88 -10.83 -3.30
N ARG A 66 -10.21 -10.79 -3.31
CA ARG A 66 -11.02 -11.82 -3.94
C ARG A 66 -10.92 -11.76 -5.46
N TYR A 67 -10.97 -10.56 -6.04
CA TYR A 67 -11.03 -10.30 -7.47
C TYR A 67 -9.75 -9.75 -8.09
N GLY A 68 -8.74 -9.40 -7.29
CA GLY A 68 -7.62 -8.63 -7.78
C GLY A 68 -8.01 -7.16 -7.98
N GLU A 69 -7.10 -6.39 -8.57
CA GLU A 69 -7.20 -4.93 -8.65
C GLU A 69 -8.32 -4.48 -9.62
N GLU A 70 -8.87 -5.38 -10.43
CA GLU A 70 -10.02 -5.08 -11.28
C GLU A 70 -11.26 -4.89 -10.40
N GLY A 71 -11.44 -5.80 -9.43
CA GLY A 71 -12.56 -5.79 -8.51
C GLY A 71 -12.57 -4.57 -7.60
N LEU A 72 -11.41 -3.93 -7.43
CA LEU A 72 -11.15 -2.99 -6.34
C LEU A 72 -12.09 -1.80 -6.49
N LYS A 73 -12.03 -1.09 -7.62
CA LYS A 73 -12.83 0.12 -7.84
C LYS A 73 -13.77 0.01 -9.04
N GLY A 74 -13.72 -1.07 -9.81
CA GLY A 74 -14.63 -1.30 -10.92
C GLY A 74 -16.00 -1.69 -10.38
N SER A 75 -16.27 -2.99 -10.34
CA SER A 75 -17.52 -3.53 -9.80
C SER A 75 -17.57 -3.56 -8.27
N GLY A 76 -16.52 -3.11 -7.57
CA GLY A 76 -16.46 -3.08 -6.12
C GLY A 76 -17.29 -1.97 -5.50
N CYS A 77 -17.44 -2.04 -4.18
CA CYS A 77 -17.95 -0.98 -3.32
C CYS A 77 -17.05 -1.00 -2.11
N MET A 1 7.77 -7.09 -9.58
CA MET A 1 7.28 -5.76 -9.19
C MET A 1 5.93 -5.51 -9.85
N GLY A 2 4.85 -6.03 -9.24
CA GLY A 2 3.50 -5.93 -9.75
C GLY A 2 2.60 -5.05 -8.88
N LYS A 3 3.20 -4.25 -7.97
CA LYS A 3 2.48 -3.39 -7.03
C LYS A 3 1.48 -4.24 -6.24
N ASP A 4 2.03 -4.91 -5.24
CA ASP A 4 1.34 -5.86 -4.36
C ASP A 4 0.42 -5.14 -3.36
N TYR A 5 0.56 -3.81 -3.24
CA TYR A 5 -0.08 -2.92 -2.29
C TYR A 5 0.37 -3.19 -0.86
N TYR A 6 0.12 -4.38 -0.32
CA TYR A 6 0.57 -4.77 1.02
C TYR A 6 2.07 -4.58 1.11
N GLN A 7 2.84 -5.22 0.24
CA GLN A 7 4.30 -5.11 0.24
C GLN A 7 4.77 -3.75 -0.25
N THR A 8 4.02 -3.08 -1.13
CA THR A 8 4.28 -1.68 -1.52
C THR A 8 4.22 -0.76 -0.28
N LEU A 9 3.46 -1.17 0.73
CA LEU A 9 3.30 -0.52 2.03
C LEU A 9 4.03 -1.31 3.14
N GLY A 10 4.94 -2.24 2.80
CA GLY A 10 5.85 -2.89 3.74
C GLY A 10 5.20 -3.98 4.59
N LEU A 11 4.28 -4.78 4.04
CA LEU A 11 3.49 -5.78 4.74
C LEU A 11 3.37 -7.07 3.92
N ALA A 12 2.66 -8.06 4.48
CA ALA A 12 2.11 -9.23 3.80
C ALA A 12 0.67 -9.43 4.23
N ARG A 13 -0.01 -10.35 3.54
CA ARG A 13 -1.24 -10.94 4.02
C ARG A 13 -0.97 -11.53 5.40
N GLY A 14 -1.66 -11.03 6.43
CA GLY A 14 -1.63 -11.48 7.81
C GLY A 14 -1.46 -10.33 8.81
N ALA A 15 -1.36 -9.10 8.33
CA ALA A 15 -1.21 -7.90 9.13
C ALA A 15 -2.53 -7.55 9.79
N SER A 16 -2.51 -7.23 11.09
CA SER A 16 -3.65 -6.57 11.72
C SER A 16 -3.81 -5.20 11.10
N ASP A 17 -4.98 -4.59 11.25
CA ASP A 17 -5.22 -3.29 10.64
C ASP A 17 -4.44 -2.18 11.36
N GLU A 18 -3.89 -2.48 12.55
CA GLU A 18 -2.98 -1.63 13.29
C GLU A 18 -1.53 -1.85 12.82
N GLU A 19 -1.19 -3.02 12.27
CA GLU A 19 0.12 -3.24 11.66
C GLU A 19 0.13 -2.53 10.33
N ILE A 20 -1.03 -2.49 9.68
CA ILE A 20 -1.30 -1.66 8.53
C ILE A 20 -1.10 -0.21 8.93
N LYS A 21 -1.91 0.36 9.82
CA LYS A 21 -1.79 1.78 10.19
C LYS A 21 -0.41 2.14 10.75
N ARG A 22 0.28 1.23 11.43
CA ARG A 22 1.70 1.37 11.77
C ARG A 22 2.50 1.59 10.49
N ALA A 23 2.49 0.58 9.63
CA ALA A 23 3.22 0.55 8.39
C ALA A 23 2.92 1.80 7.57
N TYR A 24 1.67 2.18 7.36
CA TYR A 24 1.17 3.36 6.69
C TYR A 24 1.88 4.64 7.10
N ARG A 25 1.76 5.05 8.38
CA ARG A 25 2.42 6.28 8.83
C ARG A 25 3.93 6.14 8.72
N ARG A 26 4.47 4.97 9.05
CA ARG A 26 5.89 4.68 8.93
C ARG A 26 6.35 4.72 7.47
N GLN A 27 5.50 4.44 6.48
CA GLN A 27 5.80 4.37 5.06
C GLN A 27 5.75 5.77 4.47
N ALA A 28 4.68 6.52 4.73
CA ALA A 28 4.59 7.92 4.39
C ALA A 28 5.75 8.70 5.02
N LEU A 29 6.16 8.34 6.25
CA LEU A 29 7.36 8.87 6.88
C LEU A 29 8.61 8.43 6.11
N ARG A 30 8.80 7.13 5.89
CA ARG A 30 9.99 6.53 5.33
C ARG A 30 10.36 7.18 4.00
N TYR A 31 9.36 7.42 3.15
CA TYR A 31 9.52 8.01 1.83
C TYR A 31 8.99 9.45 1.81
N HIS A 32 8.80 10.10 2.97
CA HIS A 32 8.48 11.52 3.02
C HIS A 32 9.60 12.24 2.29
N PRO A 33 9.31 13.13 1.32
CA PRO A 33 10.34 13.73 0.49
C PRO A 33 11.35 14.50 1.32
N ASP A 34 10.88 15.12 2.40
CA ASP A 34 11.71 15.88 3.32
C ASP A 34 12.39 15.01 4.37
N LYS A 35 11.93 13.76 4.60
CA LYS A 35 12.53 12.86 5.59
C LYS A 35 13.66 12.12 4.87
N ASN A 36 13.34 11.47 3.75
CA ASN A 36 14.15 10.43 3.13
C ASN A 36 15.28 11.01 2.30
N LYS A 37 15.14 12.28 1.95
CA LYS A 37 15.76 13.04 0.87
C LYS A 37 15.57 12.44 -0.52
N GLU A 38 15.38 11.12 -0.62
CA GLU A 38 15.45 10.29 -1.79
C GLU A 38 14.77 10.93 -3.00
N PRO A 39 15.47 11.15 -4.11
CA PRO A 39 14.91 11.81 -5.26
C PRO A 39 13.91 10.87 -5.95
N GLY A 40 12.73 11.39 -6.29
CA GLY A 40 11.60 10.62 -6.79
C GLY A 40 10.80 9.97 -5.67
N ALA A 41 11.22 10.08 -4.40
CA ALA A 41 10.40 9.64 -3.27
C ALA A 41 9.11 10.45 -3.20
N GLU A 42 9.13 11.71 -3.62
CA GLU A 42 7.94 12.57 -3.60
C GLU A 42 6.85 12.01 -4.52
N GLU A 43 7.22 11.29 -5.58
CA GLU A 43 6.25 10.59 -6.42
C GLU A 43 5.97 9.19 -5.86
N LYS A 44 6.98 8.51 -5.31
CA LYS A 44 6.78 7.23 -4.63
C LYS A 44 5.74 7.35 -3.55
N PHE A 45 5.68 8.51 -2.89
CA PHE A 45 4.76 8.81 -1.81
C PHE A 45 3.33 8.65 -2.38
N LYS A 46 3.06 9.15 -3.60
CA LYS A 46 1.77 8.95 -4.26
C LYS A 46 1.56 7.51 -4.77
N GLU A 47 2.61 6.72 -4.96
CA GLU A 47 2.47 5.29 -5.27
C GLU A 47 2.04 4.55 -4.00
N ILE A 48 2.62 4.92 -2.86
CA ILE A 48 2.15 4.52 -1.54
C ILE A 48 0.70 4.96 -1.39
N ALA A 49 0.30 6.14 -1.89
CA ALA A 49 -1.06 6.66 -1.76
C ALA A 49 -2.09 5.76 -2.44
N GLU A 50 -1.70 5.05 -3.49
CA GLU A 50 -2.54 4.05 -4.14
C GLU A 50 -2.75 2.86 -3.20
N ALA A 51 -1.68 2.42 -2.52
CA ALA A 51 -1.76 1.36 -1.53
C ALA A 51 -2.42 1.87 -0.24
N TYR A 52 -2.52 3.18 -0.06
CA TYR A 52 -3.02 3.82 1.16
C TYR A 52 -4.56 3.77 1.10
N ASP A 53 -5.13 4.00 -0.08
CA ASP A 53 -6.56 3.76 -0.37
C ASP A 53 -6.89 2.29 -0.07
N VAL A 54 -6.09 1.37 -0.63
CA VAL A 54 -6.32 -0.05 -0.53
C VAL A 54 -6.24 -0.45 0.94
N LEU A 55 -5.10 -0.24 1.59
CA LEU A 55 -4.83 -0.64 2.95
C LEU A 55 -5.46 0.33 3.95
N SER A 56 -6.70 0.69 3.67
CA SER A 56 -7.63 1.20 4.65
C SER A 56 -9.04 0.74 4.28
N ASP A 57 -9.45 0.81 3.00
CA ASP A 57 -10.82 0.46 2.64
C ASP A 57 -10.92 -1.07 2.48
N PRO A 58 -11.82 -1.77 3.19
CA PRO A 58 -11.86 -3.22 3.17
C PRO A 58 -12.44 -3.78 1.85
N ARG A 59 -13.26 -3.01 1.13
CA ARG A 59 -13.91 -3.49 -0.10
C ARG A 59 -12.99 -3.37 -1.30
N LYS A 60 -11.99 -2.49 -1.22
CA LYS A 60 -10.92 -2.37 -2.19
C LYS A 60 -10.01 -3.58 -2.00
N ARG A 61 -9.66 -3.91 -0.76
CA ARG A 61 -8.86 -5.08 -0.44
C ARG A 61 -9.56 -6.39 -0.67
N GLU A 62 -10.90 -6.41 -0.74
CA GLU A 62 -11.69 -7.63 -0.92
C GLU A 62 -11.14 -8.49 -2.04
N ILE A 63 -10.66 -7.90 -3.13
CA ILE A 63 -10.21 -8.65 -4.28
C ILE A 63 -8.86 -9.34 -3.99
N PHE A 64 -7.98 -8.70 -3.23
CA PHE A 64 -6.73 -9.31 -2.81
C PHE A 64 -6.98 -10.35 -1.72
N ASP A 65 -7.95 -10.09 -0.83
CA ASP A 65 -8.27 -10.95 0.30
C ASP A 65 -8.93 -12.25 -0.19
N ARG A 66 -9.87 -12.13 -1.13
CA ARG A 66 -10.57 -13.25 -1.75
C ARG A 66 -9.65 -14.06 -2.65
N TYR A 67 -8.83 -13.38 -3.46
CA TYR A 67 -7.92 -14.00 -4.41
C TYR A 67 -6.50 -13.73 -3.92
N GLY A 68 -5.86 -12.68 -4.43
CA GLY A 68 -4.45 -12.38 -4.25
C GLY A 68 -3.89 -12.02 -5.62
N GLU A 69 -2.83 -12.71 -6.06
CA GLU A 69 -2.28 -12.60 -7.39
C GLU A 69 -3.30 -13.12 -8.39
N GLU A 70 -3.13 -12.67 -9.62
CA GLU A 70 -4.02 -12.67 -10.77
C GLU A 70 -5.30 -11.86 -10.48
N GLY A 71 -5.98 -12.17 -9.38
CA GLY A 71 -7.10 -11.46 -8.79
C GLY A 71 -6.92 -9.94 -8.79
N LEU A 72 -5.81 -9.47 -8.21
CA LEU A 72 -5.53 -8.06 -8.01
C LEU A 72 -5.20 -7.37 -9.33
N LYS A 73 -5.51 -6.07 -9.41
CA LYS A 73 -5.42 -5.22 -10.59
C LYS A 73 -3.96 -4.90 -10.89
N GLY A 74 -3.28 -5.84 -11.53
CA GLY A 74 -1.93 -5.66 -12.05
C GLY A 74 -0.92 -6.65 -11.48
N SER A 75 -1.35 -7.82 -11.01
CA SER A 75 -0.52 -8.80 -10.34
C SER A 75 -0.47 -10.13 -11.11
N GLY A 76 0.00 -10.07 -12.36
CA GLY A 76 0.30 -11.23 -13.19
C GLY A 76 1.81 -11.47 -13.24
N CYS A 77 2.46 -10.99 -14.31
CA CYS A 77 3.77 -11.41 -14.80
C CYS A 77 3.61 -12.79 -15.41
N MET A 1 -2.46 -2.74 -12.71
CA MET A 1 -1.78 -1.84 -11.76
C MET A 1 -1.85 -2.31 -10.30
N GLY A 2 -2.53 -3.42 -9.98
CA GLY A 2 -2.65 -4.02 -8.66
C GLY A 2 -1.37 -4.68 -8.16
N LYS A 3 -0.19 -4.20 -8.54
CA LYS A 3 1.11 -4.73 -8.13
C LYS A 3 1.24 -4.64 -6.60
N ASP A 4 0.93 -5.75 -5.93
CA ASP A 4 1.22 -6.09 -4.54
C ASP A 4 0.97 -4.93 -3.56
N TYR A 5 -0.32 -4.71 -3.31
CA TYR A 5 -0.84 -3.79 -2.32
C TYR A 5 -0.80 -4.41 -0.90
N TYR A 6 0.31 -5.06 -0.54
CA TYR A 6 0.75 -5.37 0.79
C TYR A 6 2.17 -4.80 0.90
N GLN A 7 3.14 -5.38 0.19
CA GLN A 7 4.56 -5.09 0.40
C GLN A 7 5.00 -3.77 -0.21
N THR A 8 4.27 -3.22 -1.18
CA THR A 8 4.50 -1.83 -1.62
C THR A 8 4.13 -0.82 -0.53
N LEU A 9 3.32 -1.22 0.46
CA LEU A 9 3.11 -0.48 1.69
C LEU A 9 3.92 -1.09 2.84
N GLY A 10 4.82 -2.05 2.57
CA GLY A 10 5.80 -2.57 3.51
C GLY A 10 5.26 -3.60 4.47
N LEU A 11 4.19 -4.30 4.09
CA LEU A 11 3.49 -5.26 4.94
C LEU A 11 3.76 -6.68 4.49
N ALA A 12 3.38 -7.62 5.36
CA ALA A 12 3.23 -9.03 5.02
C ALA A 12 1.97 -9.20 4.19
N ARG A 13 1.86 -10.36 3.56
CA ARG A 13 0.60 -10.82 2.99
C ARG A 13 -0.38 -11.02 4.13
N GLY A 14 -1.54 -10.38 4.03
CA GLY A 14 -2.64 -10.46 4.98
C GLY A 14 -2.49 -9.34 6.00
N ALA A 15 -1.33 -9.28 6.68
CA ALA A 15 -1.08 -8.41 7.81
C ALA A 15 -2.17 -8.52 8.90
N SER A 16 -2.09 -7.66 9.91
CA SER A 16 -3.22 -7.33 10.76
C SER A 16 -3.58 -5.88 10.46
N ASP A 17 -4.78 -5.46 10.86
CA ASP A 17 -5.23 -4.11 10.56
C ASP A 17 -4.42 -3.08 11.36
N GLU A 18 -3.81 -3.52 12.46
CA GLU A 18 -2.96 -2.71 13.31
C GLU A 18 -1.55 -2.64 12.75
N GLU A 19 -1.10 -3.68 12.03
CA GLU A 19 0.14 -3.60 11.29
C GLU A 19 -0.10 -2.64 10.14
N ILE A 20 -1.27 -2.71 9.51
CA ILE A 20 -1.64 -1.89 8.38
C ILE A 20 -1.57 -0.42 8.78
N LYS A 21 -2.27 0.00 9.84
CA LYS A 21 -2.21 1.39 10.28
C LYS A 21 -0.80 1.78 10.73
N ARG A 22 -0.04 0.88 11.35
CA ARG A 22 1.35 1.17 11.74
C ARG A 22 2.17 1.47 10.50
N ALA A 23 2.11 0.57 9.53
CA ALA A 23 2.72 0.66 8.21
C ALA A 23 2.34 1.99 7.55
N TYR A 24 1.07 2.24 7.24
CA TYR A 24 0.59 3.44 6.59
C TYR A 24 1.03 4.73 7.30
N ARG A 25 1.13 4.73 8.62
CA ARG A 25 1.66 5.88 9.36
C ARG A 25 3.15 6.02 9.02
N ARG A 26 3.97 5.02 9.34
CA ARG A 26 5.42 5.09 9.17
C ARG A 26 5.85 5.15 7.71
N GLN A 27 4.95 4.88 6.75
CA GLN A 27 5.24 4.87 5.33
C GLN A 27 5.05 6.25 4.73
N ALA A 28 3.98 6.96 5.11
CA ALA A 28 3.92 8.38 4.84
C ALA A 28 5.14 9.04 5.47
N LEU A 29 5.40 8.76 6.75
CA LEU A 29 6.58 9.24 7.48
C LEU A 29 7.88 8.54 7.07
N ARG A 30 7.91 7.72 6.02
CA ARG A 30 9.11 7.36 5.29
C ARG A 30 9.19 8.27 4.08
N TYR A 31 8.30 8.08 3.12
CA TYR A 31 8.45 8.56 1.76
C TYR A 31 8.01 10.01 1.59
N HIS A 32 7.64 10.70 2.69
CA HIS A 32 7.35 12.13 2.73
C HIS A 32 8.49 12.86 1.99
N PRO A 33 8.17 13.84 1.12
CA PRO A 33 9.19 14.48 0.29
C PRO A 33 10.15 15.29 1.15
N ASP A 34 9.67 15.80 2.29
CA ASP A 34 10.46 16.52 3.27
C ASP A 34 11.19 15.58 4.23
N LYS A 35 10.82 14.29 4.27
CA LYS A 35 11.35 13.34 5.26
C LYS A 35 12.55 12.69 4.61
N ASN A 36 12.34 11.93 3.54
CA ASN A 36 13.39 11.12 2.94
C ASN A 36 14.31 12.03 2.14
N LYS A 37 13.72 13.01 1.45
CA LYS A 37 14.36 13.94 0.55
C LYS A 37 15.03 13.27 -0.65
N GLU A 38 15.00 11.94 -0.75
CA GLU A 38 15.47 11.17 -1.89
C GLU A 38 14.49 11.34 -3.06
N PRO A 39 14.95 11.53 -4.32
CA PRO A 39 14.06 11.69 -5.47
C PRO A 39 13.37 10.43 -5.97
N GLY A 40 13.98 9.33 -5.55
CA GLY A 40 13.53 7.96 -5.68
C GLY A 40 12.27 7.83 -4.84
N ALA A 41 12.45 7.94 -3.52
CA ALA A 41 11.39 7.98 -2.54
C ALA A 41 10.30 8.99 -2.91
N GLU A 42 10.68 10.18 -3.38
CA GLU A 42 9.73 11.23 -3.68
C GLU A 42 8.73 10.77 -4.75
N GLU A 43 9.19 10.10 -5.80
CA GLU A 43 8.29 9.53 -6.78
C GLU A 43 7.51 8.36 -6.17
N LYS A 44 8.21 7.50 -5.43
CA LYS A 44 7.67 6.29 -4.86
C LYS A 44 6.54 6.57 -3.88
N PHE A 45 6.49 7.76 -3.28
CA PHE A 45 5.37 8.24 -2.49
C PHE A 45 4.06 8.18 -3.29
N LYS A 46 4.06 8.58 -4.56
CA LYS A 46 2.88 8.49 -5.41
C LYS A 46 2.40 7.03 -5.49
N GLU A 47 3.32 6.07 -5.47
CA GLU A 47 3.07 4.65 -5.43
C GLU A 47 2.59 4.21 -4.04
N ILE A 48 3.11 4.81 -2.96
CA ILE A 48 2.63 4.61 -1.59
C ILE A 48 1.14 4.92 -1.58
N ALA A 49 0.72 6.08 -2.10
CA ALA A 49 -0.65 6.57 -2.06
C ALA A 49 -1.61 5.59 -2.73
N GLU A 50 -1.19 4.96 -3.84
CA GLU A 50 -2.01 3.98 -4.53
C GLU A 50 -2.32 2.80 -3.61
N ALA A 51 -1.29 2.28 -2.92
CA ALA A 51 -1.48 1.21 -1.96
C ALA A 51 -2.15 1.74 -0.69
N TYR A 52 -2.03 3.02 -0.36
CA TYR A 52 -2.55 3.66 0.85
C TYR A 52 -4.07 3.62 0.84
N ASP A 53 -4.67 3.87 -0.34
CA ASP A 53 -6.10 3.77 -0.56
C ASP A 53 -6.62 2.40 -0.13
N VAL A 54 -5.90 1.35 -0.56
CA VAL A 54 -6.19 -0.02 -0.18
C VAL A 54 -5.99 -0.17 1.32
N LEU A 55 -4.76 -0.02 1.80
CA LEU A 55 -4.32 -0.26 3.17
C LEU A 55 -4.85 0.80 4.15
N SER A 56 -6.04 1.34 3.92
CA SER A 56 -6.75 2.12 4.92
C SER A 56 -8.25 1.84 4.95
N ASP A 57 -8.81 1.07 4.01
CA ASP A 57 -10.20 0.60 4.08
C ASP A 57 -10.25 -0.93 3.94
N PRO A 58 -10.92 -1.66 4.84
CA PRO A 58 -10.96 -3.12 4.80
C PRO A 58 -11.65 -3.64 3.55
N ARG A 59 -12.73 -2.99 3.07
CA ARG A 59 -13.51 -3.48 1.93
C ARG A 59 -12.72 -3.37 0.62
N LYS A 60 -11.75 -2.45 0.55
CA LYS A 60 -10.99 -2.24 -0.67
C LYS A 60 -10.04 -3.43 -0.78
N ARG A 61 -9.30 -3.74 0.29
CA ARG A 61 -8.48 -4.92 0.35
C ARG A 61 -9.28 -6.19 0.20
N GLU A 62 -10.53 -6.25 0.68
CA GLU A 62 -11.29 -7.49 0.78
C GLU A 62 -11.40 -8.20 -0.57
N ILE A 63 -11.49 -7.43 -1.66
CA ILE A 63 -11.59 -7.97 -3.02
C ILE A 63 -10.20 -8.50 -3.40
N PHE A 64 -9.17 -7.68 -3.25
CA PHE A 64 -7.79 -8.01 -3.55
C PHE A 64 -7.34 -9.25 -2.76
N ASP A 65 -7.82 -9.41 -1.53
CA ASP A 65 -7.55 -10.52 -0.64
C ASP A 65 -8.34 -11.75 -1.08
N ARG A 66 -9.65 -11.62 -1.33
CA ARG A 66 -10.55 -12.76 -1.60
C ARG A 66 -10.10 -13.43 -2.88
N TYR A 67 -9.85 -12.63 -3.90
CA TYR A 67 -9.48 -13.17 -5.19
C TYR A 67 -7.97 -13.47 -5.24
N GLY A 68 -7.14 -12.71 -4.53
CA GLY A 68 -5.70 -12.77 -4.62
C GLY A 68 -5.21 -12.02 -5.85
N GLU A 69 -5.27 -10.68 -5.76
CA GLU A 69 -4.90 -9.67 -6.74
C GLU A 69 -5.79 -9.68 -8.00
N GLU A 70 -6.12 -10.86 -8.55
CA GLU A 70 -6.85 -11.02 -9.81
C GLU A 70 -8.23 -10.34 -9.77
N GLY A 71 -8.80 -10.15 -8.58
CA GLY A 71 -10.14 -9.59 -8.39
C GLY A 71 -10.21 -8.09 -8.60
N LEU A 72 -9.07 -7.39 -8.60
CA LEU A 72 -9.04 -5.95 -8.78
C LEU A 72 -9.13 -5.70 -10.28
N LYS A 73 -10.35 -5.72 -10.81
CA LYS A 73 -10.59 -5.63 -12.26
C LYS A 73 -10.35 -4.22 -12.77
N GLY A 74 -10.48 -3.23 -11.89
CA GLY A 74 -10.35 -1.81 -12.12
C GLY A 74 -11.31 -1.11 -11.18
N SER A 75 -11.44 0.22 -11.35
CA SER A 75 -12.58 1.02 -10.90
C SER A 75 -13.15 0.57 -9.55
N GLY A 76 -14.47 0.43 -9.43
CA GLY A 76 -15.08 -0.35 -8.36
C GLY A 76 -16.21 -1.15 -8.99
N CYS A 77 -17.16 -0.46 -9.62
CA CYS A 77 -18.09 -1.02 -10.58
C CYS A 77 -17.38 -1.35 -11.88
N MET A 1 7.49 -6.74 -5.16
CA MET A 1 7.39 -5.76 -4.08
C MET A 1 6.36 -4.71 -4.38
N GLY A 2 6.45 -3.97 -5.47
CA GLY A 2 5.29 -3.25 -5.98
C GLY A 2 4.32 -4.21 -6.66
N LYS A 3 3.96 -5.31 -6.01
CA LYS A 3 2.89 -6.19 -6.43
C LYS A 3 2.11 -6.59 -5.18
N ASP A 4 0.88 -7.07 -5.40
CA ASP A 4 -0.20 -7.15 -4.44
C ASP A 4 -0.53 -5.71 -4.05
N TYR A 5 0.19 -5.12 -3.10
CA TYR A 5 -0.03 -3.87 -2.37
C TYR A 5 0.49 -4.06 -0.94
N TYR A 6 0.33 -5.26 -0.37
CA TYR A 6 0.88 -5.69 0.90
C TYR A 6 2.37 -5.38 0.95
N GLN A 7 3.17 -6.01 0.07
CA GLN A 7 4.62 -5.84 0.07
C GLN A 7 5.00 -4.43 -0.37
N THR A 8 4.13 -3.73 -1.09
CA THR A 8 4.39 -2.35 -1.49
C THR A 8 4.49 -1.46 -0.24
N LEU A 9 3.82 -1.85 0.84
CA LEU A 9 3.89 -1.22 2.17
C LEU A 9 4.69 -2.11 3.15
N GLY A 10 5.35 -3.16 2.66
CA GLY A 10 6.32 -3.96 3.39
C GLY A 10 5.74 -5.19 4.10
N LEU A 11 4.44 -5.46 4.03
CA LEU A 11 3.79 -6.52 4.80
C LEU A 11 3.44 -7.71 3.91
N ALA A 12 2.88 -8.79 4.49
CA ALA A 12 2.09 -9.84 3.83
C ALA A 12 1.55 -10.84 4.85
N ARG A 13 0.63 -11.69 4.39
CA ARG A 13 0.24 -13.00 4.96
C ARG A 13 0.30 -13.01 6.48
N GLY A 14 -0.51 -12.14 7.05
CA GLY A 14 -0.51 -11.79 8.47
C GLY A 14 -0.38 -10.27 8.66
N ALA A 15 -0.70 -9.49 7.63
CA ALA A 15 -0.78 -8.05 7.72
C ALA A 15 -2.10 -7.71 8.41
N SER A 16 -2.13 -7.78 9.73
CA SER A 16 -3.26 -7.32 10.52
C SER A 16 -3.43 -5.83 10.38
N ASP A 17 -4.63 -5.39 10.74
CA ASP A 17 -5.07 -4.01 10.77
C ASP A 17 -4.08 -3.12 11.51
N GLU A 18 -3.58 -3.54 12.67
CA GLU A 18 -2.64 -2.73 13.44
C GLU A 18 -1.28 -2.70 12.75
N GLU A 19 -0.92 -3.77 12.05
CA GLU A 19 0.42 -3.91 11.49
C GLU A 19 0.45 -3.04 10.25
N ILE A 20 -0.68 -2.97 9.53
CA ILE A 20 -1.00 -1.98 8.52
C ILE A 20 -0.89 -0.59 9.16
N LYS A 21 -1.72 -0.23 10.14
CA LYS A 21 -1.77 1.11 10.73
C LYS A 21 -0.43 1.54 11.33
N ARG A 22 0.44 0.61 11.72
CA ARG A 22 1.83 0.85 12.08
C ARG A 22 2.65 1.12 10.84
N ALA A 23 2.61 0.22 9.85
CA ALA A 23 3.35 0.29 8.59
C ALA A 23 3.03 1.59 7.87
N TYR A 24 1.78 1.85 7.51
CA TYR A 24 1.27 3.04 6.86
C TYR A 24 1.76 4.34 7.51
N ARG A 25 1.87 4.39 8.85
CA ARG A 25 2.30 5.61 9.53
C ARG A 25 3.80 5.65 9.77
N ARG A 26 4.55 4.64 9.34
CA ARG A 26 5.99 4.73 9.10
C ARG A 26 6.24 4.98 7.61
N GLN A 27 5.64 4.24 6.69
CA GLN A 27 5.91 4.24 5.27
C GLN A 27 5.58 5.58 4.62
N ALA A 28 4.44 6.20 4.94
CA ALA A 28 4.21 7.55 4.44
C ALA A 28 5.31 8.47 4.95
N LEU A 29 5.61 8.40 6.25
CA LEU A 29 6.49 9.31 6.95
C LEU A 29 7.93 9.17 6.42
N ARG A 30 8.32 7.96 6.07
CA ARG A 30 9.59 7.55 5.48
C ARG A 30 9.80 8.28 4.17
N TYR A 31 8.86 8.18 3.24
CA TYR A 31 9.02 8.77 1.91
C TYR A 31 8.51 10.21 1.84
N HIS A 32 7.87 10.73 2.89
CA HIS A 32 7.01 11.89 2.81
C HIS A 32 7.80 13.04 2.19
N PRO A 33 7.32 13.60 1.07
CA PRO A 33 8.12 14.49 0.24
C PRO A 33 8.35 15.84 0.89
N ASP A 34 7.67 16.13 2.00
CA ASP A 34 7.84 17.31 2.82
C ASP A 34 8.63 17.00 4.10
N LYS A 35 8.58 15.77 4.62
CA LYS A 35 9.14 15.47 5.95
C LYS A 35 10.57 14.99 5.75
N ASN A 36 10.80 14.09 4.77
CA ASN A 36 12.11 13.54 4.48
C ASN A 36 12.79 14.35 3.37
N LYS A 37 12.01 14.76 2.36
CA LYS A 37 12.49 15.47 1.17
C LYS A 37 13.61 14.67 0.53
N GLU A 38 13.36 13.39 0.27
CA GLU A 38 14.28 12.46 -0.36
C GLU A 38 14.43 12.82 -1.87
N PRO A 39 15.25 12.14 -2.70
CA PRO A 39 15.40 12.48 -4.11
C PRO A 39 14.21 11.92 -4.90
N GLY A 40 14.43 11.40 -6.10
CA GLY A 40 13.45 10.76 -6.96
C GLY A 40 12.72 9.55 -6.33
N ALA A 41 12.94 9.27 -5.05
CA ALA A 41 12.04 8.48 -4.21
C ALA A 41 10.62 9.07 -4.20
N GLU A 42 10.43 10.33 -4.61
CA GLU A 42 9.14 10.96 -4.89
C GLU A 42 8.29 10.15 -5.88
N GLU A 43 8.90 9.33 -6.75
CA GLU A 43 8.16 8.43 -7.62
C GLU A 43 7.85 7.11 -6.91
N LYS A 44 8.81 6.56 -6.16
CA LYS A 44 8.62 5.39 -5.31
C LYS A 44 7.52 5.61 -4.28
N PHE A 45 7.33 6.86 -3.87
CA PHE A 45 6.26 7.31 -3.00
C PHE A 45 4.91 6.97 -3.63
N LYS A 46 4.72 7.21 -4.93
CA LYS A 46 3.48 6.91 -5.63
C LYS A 46 3.14 5.43 -5.63
N GLU A 47 4.13 4.53 -5.54
CA GLU A 47 3.96 3.12 -5.53
C GLU A 47 3.39 2.76 -4.16
N ILE A 48 3.96 3.34 -3.10
CA ILE A 48 3.36 3.29 -1.77
C ILE A 48 1.94 3.84 -1.83
N ALA A 49 1.74 5.09 -2.26
CA ALA A 49 0.52 5.83 -2.07
C ALA A 49 -0.66 5.13 -2.76
N GLU A 50 -0.40 4.49 -3.90
CA GLU A 50 -1.44 3.77 -4.63
C GLU A 50 -1.88 2.54 -3.82
N ALA A 51 -0.91 1.85 -3.19
CA ALA A 51 -1.17 0.68 -2.37
C ALA A 51 -1.80 1.12 -1.05
N TYR A 52 -1.40 2.30 -0.56
CA TYR A 52 -1.78 2.91 0.70
C TYR A 52 -3.30 3.12 0.73
N ASP A 53 -3.83 3.67 -0.35
CA ASP A 53 -5.26 3.99 -0.52
C ASP A 53 -6.14 2.77 -0.31
N VAL A 54 -5.70 1.61 -0.78
CA VAL A 54 -6.41 0.34 -0.63
C VAL A 54 -6.09 -0.30 0.71
N LEU A 55 -4.81 -0.40 1.08
CA LEU A 55 -4.35 -1.11 2.27
C LEU A 55 -4.80 -0.43 3.55
N SER A 56 -5.11 0.87 3.52
CA SER A 56 -5.73 1.56 4.65
C SER A 56 -7.27 1.49 4.61
N ASP A 57 -7.90 0.82 3.65
CA ASP A 57 -9.34 0.93 3.39
C ASP A 57 -10.06 -0.43 3.41
N PRO A 58 -10.79 -0.76 4.49
CA PRO A 58 -11.63 -1.95 4.58
C PRO A 58 -12.91 -1.88 3.72
N ARG A 59 -12.85 -1.34 2.50
CA ARG A 59 -13.88 -1.49 1.48
C ARG A 59 -13.21 -1.91 0.20
N LYS A 60 -12.29 -1.12 -0.35
CA LYS A 60 -11.72 -1.49 -1.64
C LYS A 60 -10.76 -2.66 -1.44
N ARG A 61 -10.10 -2.83 -0.28
CA ARG A 61 -9.43 -4.07 0.02
C ARG A 61 -10.36 -5.23 0.30
N GLU A 62 -11.63 -5.05 0.57
CA GLU A 62 -12.56 -6.15 0.80
C GLU A 62 -12.85 -6.89 -0.53
N ILE A 63 -12.77 -6.17 -1.65
CA ILE A 63 -12.87 -6.75 -2.99
C ILE A 63 -11.56 -7.47 -3.28
N PHE A 64 -10.44 -6.81 -2.97
CA PHE A 64 -9.10 -7.35 -3.10
C PHE A 64 -8.95 -8.65 -2.28
N ASP A 65 -9.55 -8.73 -1.10
CA ASP A 65 -9.46 -9.89 -0.20
C ASP A 65 -10.13 -11.11 -0.82
N ARG A 66 -11.15 -10.90 -1.65
CA ARG A 66 -11.86 -11.93 -2.40
C ARG A 66 -10.98 -12.31 -3.60
N TYR A 67 -10.83 -11.42 -4.59
CA TYR A 67 -10.27 -11.79 -5.88
C TYR A 67 -8.75 -11.79 -5.94
N GLY A 68 -8.08 -11.30 -4.90
CA GLY A 68 -6.68 -10.90 -5.01
C GLY A 68 -6.57 -9.58 -5.75
N GLU A 69 -5.33 -9.19 -6.04
CA GLU A 69 -5.00 -7.94 -6.72
C GLU A 69 -5.74 -7.85 -8.05
N GLU A 70 -5.81 -8.96 -8.78
CA GLU A 70 -6.37 -9.04 -10.11
C GLU A 70 -7.90 -8.90 -10.15
N GLY A 71 -8.57 -8.66 -9.01
CA GLY A 71 -9.96 -8.22 -8.97
C GLY A 71 -10.16 -6.82 -8.43
N LEU A 72 -9.11 -5.98 -8.36
CA LEU A 72 -9.22 -4.66 -7.76
C LEU A 72 -10.20 -3.84 -8.58
N LYS A 73 -11.15 -3.21 -7.87
CA LYS A 73 -12.14 -2.31 -8.43
C LYS A 73 -11.45 -0.99 -8.80
N GLY A 74 -10.71 -1.01 -9.90
CA GLY A 74 -10.07 0.15 -10.48
C GLY A 74 -11.13 1.22 -10.70
N SER A 75 -10.99 2.36 -10.04
CA SER A 75 -11.97 3.45 -10.05
C SER A 75 -11.23 4.78 -10.11
N GLY A 76 -11.91 5.85 -10.52
CA GLY A 76 -11.51 7.21 -10.22
C GLY A 76 -12.26 7.61 -8.97
N CYS A 77 -11.63 8.41 -8.11
CA CYS A 77 -12.17 8.99 -6.90
C CYS A 77 -11.51 10.34 -6.71
N MET A 1 0.85 -11.88 -8.95
CA MET A 1 0.55 -10.49 -8.57
C MET A 1 1.31 -9.55 -9.48
N GLY A 2 0.65 -8.96 -10.48
CA GLY A 2 1.29 -7.93 -11.30
C GLY A 2 1.60 -6.70 -10.44
N LYS A 3 0.81 -6.46 -9.40
CA LYS A 3 0.99 -5.40 -8.43
C LYS A 3 0.53 -5.97 -7.10
N ASP A 4 1.20 -5.59 -6.02
CA ASP A 4 0.84 -5.96 -4.68
C ASP A 4 0.70 -4.69 -3.86
N TYR A 5 0.07 -4.82 -2.69
CA TYR A 5 -0.33 -3.70 -1.86
C TYR A 5 0.27 -3.87 -0.47
N TYR A 6 0.13 -5.05 0.14
CA TYR A 6 0.70 -5.32 1.46
C TYR A 6 2.22 -5.07 1.46
N GLN A 7 2.96 -5.73 0.58
CA GLN A 7 4.41 -5.67 0.60
C GLN A 7 4.88 -4.30 0.10
N THR A 8 4.09 -3.59 -0.70
CA THR A 8 4.35 -2.20 -1.09
C THR A 8 4.36 -1.26 0.14
N LEU A 9 3.69 -1.61 1.24
CA LEU A 9 3.79 -0.92 2.53
C LEU A 9 4.80 -1.62 3.47
N GLY A 10 5.37 -2.74 3.07
CA GLY A 10 6.41 -3.49 3.77
C GLY A 10 5.88 -4.73 4.49
N LEU A 11 4.62 -5.14 4.26
CA LEU A 11 3.92 -6.16 5.04
C LEU A 11 3.88 -7.50 4.33
N ALA A 12 3.56 -8.55 5.09
CA ALA A 12 3.20 -9.85 4.56
C ALA A 12 1.75 -9.85 4.08
N ARG A 13 1.45 -10.74 3.15
CA ARG A 13 0.09 -11.19 2.88
C ARG A 13 -0.26 -12.00 4.13
N GLY A 14 -1.40 -11.71 4.77
CA GLY A 14 -1.73 -12.26 6.08
C GLY A 14 -1.34 -11.34 7.22
N ALA A 15 -0.91 -10.09 6.95
CA ALA A 15 -0.95 -9.02 7.94
C ALA A 15 -2.41 -8.69 8.29
N SER A 16 -2.61 -7.71 9.16
CA SER A 16 -3.92 -7.24 9.61
C SER A 16 -3.94 -5.72 9.61
N ASP A 17 -5.11 -5.10 9.83
CA ASP A 17 -5.26 -3.66 9.66
C ASP A 17 -4.50 -2.87 10.73
N GLU A 18 -4.32 -3.44 11.91
CA GLU A 18 -3.51 -2.83 12.96
C GLU A 18 -2.03 -2.97 12.65
N GLU A 19 -1.65 -3.77 11.66
CA GLU A 19 -0.32 -3.81 11.10
C GLU A 19 -0.22 -2.87 9.89
N ILE A 20 -1.31 -2.73 9.11
CA ILE A 20 -1.42 -1.75 8.02
C ILE A 20 -1.11 -0.38 8.60
N LYS A 21 -1.93 0.10 9.54
CA LYS A 21 -1.77 1.40 10.17
C LYS A 21 -0.39 1.55 10.81
N ARG A 22 0.18 0.47 11.35
CA ARG A 22 1.52 0.46 11.93
C ARG A 22 2.57 0.71 10.86
N ALA A 23 2.48 0.05 9.70
CA ALA A 23 3.41 0.17 8.59
C ALA A 23 3.25 1.51 7.86
N TYR A 24 2.03 2.05 7.79
CA TYR A 24 1.63 3.31 7.19
C TYR A 24 2.63 4.42 7.54
N ARG A 25 2.66 4.79 8.82
CA ARG A 25 3.60 5.74 9.40
C ARG A 25 5.04 5.37 9.10
N ARG A 26 5.40 4.09 9.25
CA ARG A 26 6.77 3.63 9.08
C ARG A 26 7.27 3.90 7.67
N GLN A 27 6.44 3.68 6.65
CA GLN A 27 6.78 3.91 5.27
C GLN A 27 6.73 5.39 4.96
N ALA A 28 5.60 6.07 5.23
CA ALA A 28 5.43 7.44 4.81
C ALA A 28 6.49 8.36 5.41
N LEU A 29 6.80 8.19 6.71
CA LEU A 29 7.82 9.00 7.38
C LEU A 29 9.24 8.72 6.87
N ARG A 30 9.43 7.74 5.98
CA ARG A 30 10.69 7.42 5.31
C ARG A 30 10.84 8.13 3.96
N TYR A 31 9.75 8.67 3.40
CA TYR A 31 9.65 9.17 2.02
C TYR A 31 8.84 10.46 1.92
N HIS A 32 8.39 11.03 3.05
CA HIS A 32 7.55 12.22 3.19
C HIS A 32 8.21 13.42 2.49
N PRO A 33 7.44 14.29 1.81
CA PRO A 33 7.91 15.61 1.35
C PRO A 33 8.64 16.39 2.44
N ASP A 34 8.17 16.24 3.68
CA ASP A 34 8.51 17.07 4.82
C ASP A 34 9.81 16.64 5.50
N LYS A 35 10.33 15.43 5.21
CA LYS A 35 11.34 14.80 6.07
C LYS A 35 12.60 14.44 5.29
N ASN A 36 12.46 14.14 4.00
CA ASN A 36 13.53 13.61 3.15
C ASN A 36 13.49 14.35 1.81
N LYS A 37 12.65 15.39 1.68
CA LYS A 37 12.42 16.16 0.47
C LYS A 37 12.00 15.33 -0.75
N GLU A 38 11.39 14.15 -0.54
CA GLU A 38 10.87 13.24 -1.54
C GLU A 38 11.72 13.26 -2.84
N PRO A 39 12.91 12.62 -2.80
CA PRO A 39 13.91 12.64 -3.87
C PRO A 39 13.44 11.79 -5.07
N GLY A 40 14.35 11.07 -5.71
CA GLY A 40 14.03 9.99 -6.63
C GLY A 40 13.11 8.91 -6.02
N ALA A 41 12.82 8.99 -4.72
CA ALA A 41 11.72 8.31 -4.06
C ALA A 41 10.35 8.71 -4.61
N GLU A 42 10.19 9.73 -5.45
CA GLU A 42 8.88 10.28 -5.82
C GLU A 42 7.97 9.21 -6.40
N GLU A 43 8.49 8.41 -7.34
CA GLU A 43 7.74 7.29 -7.94
C GLU A 43 7.33 6.31 -6.84
N LYS A 44 8.28 5.99 -5.97
CA LYS A 44 8.19 5.07 -4.85
C LYS A 44 7.15 5.51 -3.84
N PHE A 45 7.08 6.80 -3.53
CA PHE A 45 6.13 7.41 -2.61
C PHE A 45 4.73 7.35 -3.21
N LYS A 46 4.58 7.67 -4.50
CA LYS A 46 3.31 7.53 -5.19
C LYS A 46 2.88 6.06 -5.22
N GLU A 47 3.83 5.11 -5.26
CA GLU A 47 3.54 3.69 -5.28
C GLU A 47 3.06 3.27 -3.88
N ILE A 48 3.73 3.76 -2.83
CA ILE A 48 3.26 3.63 -1.45
C ILE A 48 1.83 4.16 -1.39
N ALA A 49 1.57 5.38 -1.89
CA ALA A 49 0.27 6.03 -1.84
C ALA A 49 -0.82 5.22 -2.54
N GLU A 50 -0.46 4.44 -3.56
CA GLU A 50 -1.38 3.58 -4.28
C GLU A 50 -1.78 2.38 -3.42
N ALA A 51 -0.84 1.86 -2.63
CA ALA A 51 -1.14 0.84 -1.65
C ALA A 51 -1.90 1.46 -0.46
N TYR A 52 -1.48 2.64 -0.04
CA TYR A 52 -1.91 3.37 1.14
C TYR A 52 -3.43 3.54 1.11
N ASP A 53 -3.98 3.91 -0.06
CA ASP A 53 -5.41 4.13 -0.24
C ASP A 53 -6.17 2.84 0.03
N VAL A 54 -5.89 1.77 -0.71
CA VAL A 54 -6.63 0.52 -0.64
C VAL A 54 -6.50 -0.09 0.75
N LEU A 55 -5.29 -0.06 1.29
CA LEU A 55 -5.06 -0.61 2.60
C LEU A 55 -5.84 0.17 3.67
N SER A 56 -6.35 1.36 3.36
CA SER A 56 -7.23 2.15 4.21
C SER A 56 -8.68 2.22 3.71
N ASP A 57 -9.05 1.52 2.64
CA ASP A 57 -10.44 1.37 2.23
C ASP A 57 -10.77 -0.12 2.25
N PRO A 58 -11.36 -0.64 3.34
CA PRO A 58 -11.64 -2.05 3.45
C PRO A 58 -12.67 -2.52 2.42
N ARG A 59 -13.42 -1.61 1.77
CA ARG A 59 -14.28 -2.01 0.64
C ARG A 59 -13.47 -2.17 -0.64
N LYS A 60 -12.39 -1.42 -0.85
CA LYS A 60 -11.57 -1.64 -2.05
C LYS A 60 -10.80 -2.94 -1.78
N ARG A 61 -10.28 -3.06 -0.57
CA ARG A 61 -9.66 -4.27 -0.05
C ARG A 61 -10.63 -5.43 0.03
N GLU A 62 -11.95 -5.28 -0.06
CA GLU A 62 -12.90 -6.39 -0.03
C GLU A 62 -12.70 -7.34 -1.21
N ILE A 63 -12.12 -6.83 -2.29
CA ILE A 63 -11.72 -7.62 -3.45
C ILE A 63 -10.47 -8.39 -3.02
N PHE A 64 -9.42 -7.68 -2.60
CA PHE A 64 -8.13 -8.25 -2.22
C PHE A 64 -8.31 -9.33 -1.15
N ASP A 65 -9.04 -9.01 -0.09
CA ASP A 65 -9.19 -9.84 1.10
C ASP A 65 -9.93 -11.13 0.79
N ARG A 66 -10.77 -11.14 -0.26
CA ARG A 66 -11.53 -12.33 -0.66
C ARG A 66 -10.69 -13.12 -1.66
N TYR A 67 -10.31 -12.48 -2.76
CA TYR A 67 -9.74 -13.14 -3.93
C TYR A 67 -8.22 -13.29 -3.85
N GLY A 68 -7.57 -12.70 -2.84
CA GLY A 68 -6.13 -12.53 -2.81
C GLY A 68 -5.70 -11.46 -3.83
N GLU A 69 -4.39 -11.32 -4.00
CA GLU A 69 -3.80 -10.41 -4.96
C GLU A 69 -4.19 -10.78 -6.40
N GLU A 70 -4.55 -12.04 -6.64
CA GLU A 70 -5.14 -12.52 -7.90
C GLU A 70 -6.32 -11.64 -8.31
N GLY A 71 -7.23 -11.34 -7.37
CA GLY A 71 -8.43 -10.58 -7.65
C GLY A 71 -8.18 -9.11 -7.95
N LEU A 72 -6.99 -8.60 -7.62
CA LEU A 72 -6.72 -7.17 -7.63
C LEU A 72 -6.45 -6.74 -9.08
N LYS A 73 -7.53 -6.54 -9.82
CA LYS A 73 -7.56 -6.32 -11.25
C LYS A 73 -8.42 -5.10 -11.48
N GLY A 74 -7.77 -3.94 -11.58
CA GLY A 74 -8.38 -2.63 -11.57
C GLY A 74 -7.93 -1.92 -10.30
N SER A 75 -6.96 -1.04 -10.46
CA SER A 75 -6.34 -0.02 -9.60
C SER A 75 -4.82 -0.14 -9.76
N GLY A 76 -4.16 0.99 -10.00
CA GLY A 76 -2.84 0.97 -10.61
C GLY A 76 -3.00 0.69 -12.10
N CYS A 77 -1.90 0.33 -12.74
CA CYS A 77 -1.66 0.41 -14.18
C CYS A 77 -2.04 1.81 -14.65
N MET A 1 4.95 -0.26 -12.10
CA MET A 1 5.04 -1.71 -11.85
C MET A 1 5.76 -1.94 -10.54
N GLY A 2 5.13 -2.66 -9.61
CA GLY A 2 5.50 -2.73 -8.20
C GLY A 2 4.28 -2.69 -7.27
N LYS A 3 3.10 -2.38 -7.81
CA LYS A 3 1.71 -2.46 -7.35
C LYS A 3 1.32 -3.73 -6.57
N ASP A 4 2.00 -4.05 -5.48
CA ASP A 4 1.64 -5.20 -4.65
C ASP A 4 0.60 -4.75 -3.61
N TYR A 5 0.60 -3.46 -3.28
CA TYR A 5 -0.20 -2.77 -2.28
C TYR A 5 0.17 -3.20 -0.85
N TYR A 6 0.07 -4.48 -0.52
CA TYR A 6 0.50 -5.07 0.75
C TYR A 6 1.93 -4.57 1.07
N GLN A 7 2.88 -4.92 0.21
CA GLN A 7 4.31 -4.65 0.33
C GLN A 7 4.64 -3.23 -0.07
N THR A 8 3.76 -2.58 -0.84
CA THR A 8 3.90 -1.16 -1.12
C THR A 8 3.79 -0.34 0.17
N LEU A 9 3.07 -0.83 1.17
CA LEU A 9 2.98 -0.22 2.49
C LEU A 9 3.99 -0.86 3.47
N GLY A 10 4.69 -1.91 3.05
CA GLY A 10 5.68 -2.58 3.87
C GLY A 10 5.07 -3.63 4.79
N LEU A 11 4.08 -4.38 4.31
CA LEU A 11 3.48 -5.54 4.97
C LEU A 11 3.43 -6.69 3.97
N ALA A 12 3.21 -7.92 4.44
CA ALA A 12 2.91 -9.09 3.62
C ALA A 12 2.52 -10.27 4.51
N ARG A 13 1.59 -11.09 4.04
CA ARG A 13 1.12 -12.34 4.65
C ARG A 13 1.13 -12.30 6.19
N GLY A 14 0.49 -11.27 6.74
CA GLY A 14 0.67 -10.94 8.14
C GLY A 14 0.16 -9.56 8.53
N ALA A 15 -0.32 -8.74 7.60
CA ALA A 15 -1.08 -7.55 7.97
C ALA A 15 -2.28 -7.88 8.87
N SER A 16 -2.65 -6.90 9.69
CA SER A 16 -3.94 -6.73 10.33
C SER A 16 -4.28 -5.26 10.22
N ASP A 17 -5.47 -4.86 10.64
CA ASP A 17 -5.93 -3.48 10.46
C ASP A 17 -5.07 -2.51 11.30
N GLU A 18 -4.56 -3.01 12.42
CA GLU A 18 -3.62 -2.35 13.32
C GLU A 18 -2.23 -2.24 12.69
N GLU A 19 -1.78 -3.29 11.99
CA GLU A 19 -0.44 -3.33 11.44
C GLU A 19 -0.46 -2.42 10.22
N ILE A 20 -1.59 -2.37 9.50
CA ILE A 20 -1.81 -1.46 8.40
C ILE A 20 -1.66 -0.03 8.91
N LYS A 21 -2.45 0.40 9.91
CA LYS A 21 -2.30 1.74 10.49
C LYS A 21 -0.90 2.02 11.01
N ARG A 22 -0.19 1.02 11.55
CA ARG A 22 1.15 1.19 12.07
C ARG A 22 2.11 1.46 10.91
N ALA A 23 2.06 0.59 9.91
CA ALA A 23 2.84 0.66 8.69
C ALA A 23 2.51 1.91 7.87
N TYR A 24 1.31 2.47 7.97
CA TYR A 24 0.85 3.65 7.28
C TYR A 24 1.84 4.80 7.50
N ARG A 25 1.96 5.28 8.74
CA ARG A 25 2.94 6.31 9.05
C ARG A 25 4.36 5.79 8.88
N ARG A 26 4.62 4.49 9.09
CA ARG A 26 5.96 3.94 8.88
C ARG A 26 6.40 4.26 7.46
N GLN A 27 5.60 3.88 6.46
CA GLN A 27 5.89 4.02 5.07
C GLN A 27 5.81 5.48 4.63
N ALA A 28 4.81 6.24 5.08
CA ALA A 28 4.72 7.67 4.77
C ALA A 28 6.01 8.36 5.22
N LEU A 29 6.45 8.10 6.45
CA LEU A 29 7.71 8.60 6.97
C LEU A 29 8.90 8.07 6.16
N ARG A 30 8.89 6.80 5.77
CA ARG A 30 10.00 6.15 5.09
C ARG A 30 10.42 6.91 3.83
N TYR A 31 9.49 7.52 3.09
CA TYR A 31 9.73 8.18 1.81
C TYR A 31 9.38 9.69 1.83
N HIS A 32 8.91 10.21 2.96
CA HIS A 32 8.49 11.60 3.20
C HIS A 32 9.61 12.51 2.65
N PRO A 33 9.31 13.57 1.88
CA PRO A 33 10.32 14.46 1.32
C PRO A 33 11.14 15.18 2.39
N ASP A 34 10.62 15.26 3.62
CA ASP A 34 11.37 15.85 4.71
C ASP A 34 12.31 14.82 5.34
N LYS A 35 11.92 13.55 5.40
CA LYS A 35 12.70 12.52 6.10
C LYS A 35 13.79 12.01 5.17
N ASN A 36 13.41 11.54 3.96
CA ASN A 36 14.34 10.83 3.10
C ASN A 36 15.22 11.88 2.47
N LYS A 37 14.64 12.65 1.54
CA LYS A 37 15.05 13.77 0.69
C LYS A 37 15.39 13.26 -0.73
N GLU A 38 14.97 12.04 -1.06
CA GLU A 38 15.13 11.43 -2.36
C GLU A 38 14.20 12.16 -3.35
N PRO A 39 14.69 12.81 -4.41
CA PRO A 39 13.80 13.51 -5.35
C PRO A 39 12.93 12.61 -6.23
N GLY A 40 13.30 11.36 -6.19
CA GLY A 40 12.65 10.23 -6.82
C GLY A 40 11.56 9.61 -5.94
N ALA A 41 11.62 9.82 -4.62
CA ALA A 41 10.59 9.33 -3.71
C ALA A 41 9.26 10.05 -3.94
N GLU A 42 9.23 11.14 -4.72
CA GLU A 42 8.01 11.78 -5.19
C GLU A 42 7.08 10.73 -5.81
N GLU A 43 7.64 9.86 -6.66
CA GLU A 43 6.88 8.81 -7.34
C GLU A 43 6.53 7.69 -6.37
N LYS A 44 7.49 7.24 -5.57
CA LYS A 44 7.29 6.14 -4.66
C LYS A 44 6.27 6.48 -3.58
N PHE A 45 6.15 7.76 -3.20
CA PHE A 45 5.17 8.25 -2.25
C PHE A 45 3.78 8.12 -2.85
N LYS A 46 3.60 8.48 -4.13
CA LYS A 46 2.35 8.23 -4.86
C LYS A 46 2.01 6.74 -4.96
N GLU A 47 3.01 5.86 -4.97
CA GLU A 47 2.80 4.43 -5.05
C GLU A 47 2.28 3.99 -3.70
N ILE A 48 2.89 4.49 -2.62
CA ILE A 48 2.37 4.31 -1.27
C ILE A 48 0.95 4.85 -1.20
N ALA A 49 0.65 6.06 -1.69
CA ALA A 49 -0.66 6.69 -1.60
C ALA A 49 -1.76 5.84 -2.23
N GLU A 50 -1.44 5.14 -3.31
CA GLU A 50 -2.37 4.24 -3.99
C GLU A 50 -2.65 3.01 -3.13
N ALA A 51 -1.61 2.49 -2.47
CA ALA A 51 -1.77 1.37 -1.56
C ALA A 51 -2.43 1.84 -0.27
N TYR A 52 -2.21 3.08 0.14
CA TYR A 52 -2.68 3.70 1.36
C TYR A 52 -4.20 3.63 1.31
N ASP A 53 -4.76 4.04 0.18
CA ASP A 53 -6.17 4.01 -0.15
C ASP A 53 -6.71 2.58 -0.14
N VAL A 54 -6.16 1.69 -0.97
CA VAL A 54 -6.70 0.33 -1.14
C VAL A 54 -6.62 -0.48 0.17
N LEU A 55 -5.46 -0.46 0.84
CA LEU A 55 -5.15 -1.17 2.07
C LEU A 55 -5.89 -0.57 3.27
N SER A 56 -6.60 0.56 3.13
CA SER A 56 -7.47 1.09 4.18
C SER A 56 -8.95 1.02 3.81
N ASP A 57 -9.30 0.63 2.59
CA ASP A 57 -10.67 0.42 2.16
C ASP A 57 -10.83 -1.09 1.95
N PRO A 58 -11.13 -1.86 3.01
CA PRO A 58 -11.22 -3.31 2.92
C PRO A 58 -12.46 -3.77 2.14
N ARG A 59 -13.33 -2.86 1.67
CA ARG A 59 -14.46 -3.17 0.78
C ARG A 59 -13.96 -3.16 -0.67
N LYS A 60 -13.00 -2.29 -1.00
CA LYS A 60 -12.27 -2.34 -2.26
C LYS A 60 -11.31 -3.50 -2.23
N ARG A 61 -10.48 -3.60 -1.18
CA ARG A 61 -9.60 -4.73 -0.97
C ARG A 61 -10.35 -6.03 -0.81
N GLU A 62 -11.67 -6.07 -0.67
CA GLU A 62 -12.43 -7.28 -0.37
C GLU A 62 -12.22 -8.36 -1.45
N ILE A 63 -11.87 -7.95 -2.68
CA ILE A 63 -11.41 -8.90 -3.68
C ILE A 63 -10.00 -9.34 -3.29
N PHE A 64 -9.00 -8.45 -3.28
CA PHE A 64 -7.61 -8.85 -3.08
C PHE A 64 -7.38 -9.58 -1.75
N ASP A 65 -8.18 -9.30 -0.72
CA ASP A 65 -8.12 -9.91 0.61
C ASP A 65 -8.33 -11.42 0.53
N ARG A 66 -9.12 -11.86 -0.46
CA ARG A 66 -9.48 -13.24 -0.76
C ARG A 66 -8.66 -13.73 -1.96
N TYR A 67 -8.78 -13.02 -3.09
CA TYR A 67 -8.26 -13.31 -4.41
C TYR A 67 -7.18 -12.28 -4.76
N GLY A 68 -6.17 -12.12 -3.91
CA GLY A 68 -5.08 -11.18 -4.16
C GLY A 68 -4.47 -11.38 -5.54
N GLU A 69 -4.03 -12.61 -5.76
CA GLU A 69 -3.27 -12.99 -6.92
C GLU A 69 -4.21 -13.41 -8.07
N GLU A 70 -5.29 -14.12 -7.75
CA GLU A 70 -6.24 -14.61 -8.75
C GLU A 70 -7.23 -13.52 -9.20
N GLY A 71 -7.49 -12.53 -8.36
CA GLY A 71 -8.63 -11.61 -8.51
C GLY A 71 -8.21 -10.27 -9.06
N LEU A 72 -7.08 -9.73 -8.58
CA LEU A 72 -6.68 -8.38 -8.91
C LEU A 72 -6.16 -8.36 -10.35
N LYS A 73 -6.90 -7.74 -11.27
CA LYS A 73 -6.74 -7.83 -12.71
C LYS A 73 -5.54 -7.01 -13.23
N GLY A 74 -4.37 -7.16 -12.61
CA GLY A 74 -3.19 -6.35 -12.93
C GLY A 74 -3.33 -4.91 -12.42
N SER A 75 -4.32 -4.63 -11.57
CA SER A 75 -4.75 -3.29 -11.23
C SER A 75 -3.61 -2.55 -10.53
N GLY A 76 -3.30 -1.35 -11.01
CA GLY A 76 -2.21 -0.51 -10.52
C GLY A 76 -1.21 -0.16 -11.63
N CYS A 77 -0.94 -1.12 -12.53
CA CYS A 77 0.06 -1.10 -13.61
C CYS A 77 1.33 -0.34 -13.21
N MET A 1 -1.89 -14.37 -2.08
CA MET A 1 -2.35 -12.98 -2.03
C MET A 1 -1.29 -12.01 -1.55
N GLY A 2 -0.27 -11.73 -2.36
CA GLY A 2 0.75 -10.73 -2.03
C GLY A 2 0.92 -9.63 -3.08
N LYS A 3 0.15 -9.61 -4.19
CA LYS A 3 0.52 -8.75 -5.33
C LYS A 3 0.39 -7.25 -5.05
N ASP A 4 1.50 -6.64 -4.64
CA ASP A 4 1.76 -5.21 -4.51
C ASP A 4 0.86 -4.57 -3.43
N TYR A 5 0.87 -3.25 -3.27
CA TYR A 5 0.13 -2.44 -2.29
C TYR A 5 0.56 -2.73 -0.86
N TYR A 6 0.22 -3.92 -0.34
CA TYR A 6 0.72 -4.47 0.90
C TYR A 6 2.23 -4.26 0.98
N GLN A 7 2.95 -4.63 -0.09
CA GLN A 7 4.39 -4.57 -0.10
C GLN A 7 4.90 -3.12 -0.01
N THR A 8 4.21 -2.16 -0.61
CA THR A 8 4.70 -0.78 -0.58
C THR A 8 4.57 -0.20 0.83
N LEU A 9 3.61 -0.69 1.61
CA LEU A 9 3.47 -0.41 3.03
C LEU A 9 4.34 -1.35 3.89
N GLY A 10 4.99 -2.35 3.29
CA GLY A 10 6.08 -3.12 3.88
C GLY A 10 5.65 -4.47 4.41
N LEU A 11 4.51 -5.00 3.98
CA LEU A 11 3.87 -6.17 4.54
C LEU A 11 3.47 -7.14 3.43
N ALA A 12 3.03 -8.34 3.79
CA ALA A 12 2.22 -9.20 2.95
C ALA A 12 1.60 -10.32 3.78
N ARG A 13 0.62 -11.02 3.21
CA ARG A 13 0.05 -12.30 3.63
C ARG A 13 0.04 -12.48 5.15
N GLY A 14 -0.57 -11.51 5.83
CA GLY A 14 -0.65 -11.48 7.29
C GLY A 14 -0.69 -10.08 7.85
N ALA A 15 -0.62 -9.06 7.01
CA ALA A 15 -0.81 -7.67 7.40
C ALA A 15 -2.19 -7.52 8.05
N SER A 16 -2.25 -7.42 9.37
CA SER A 16 -3.46 -7.04 10.08
C SER A 16 -3.66 -5.55 9.92
N ASP A 17 -4.85 -5.11 10.30
CA ASP A 17 -5.14 -3.69 10.28
C ASP A 17 -4.21 -2.95 11.26
N GLU A 18 -3.74 -3.64 12.30
CA GLU A 18 -2.86 -3.16 13.35
C GLU A 18 -1.45 -2.89 12.83
N GLU A 19 -0.99 -3.69 11.87
CA GLU A 19 0.38 -3.66 11.37
C GLU A 19 0.38 -2.78 10.12
N ILE A 20 -0.73 -2.76 9.38
CA ILE A 20 -1.02 -1.77 8.36
C ILE A 20 -0.97 -0.38 9.02
N LYS A 21 -1.83 -0.13 10.00
CA LYS A 21 -1.93 1.17 10.66
C LYS A 21 -0.67 1.49 11.46
N ARG A 22 0.13 0.50 11.86
CA ARG A 22 1.47 0.74 12.36
C ARG A 22 2.30 1.35 11.25
N ALA A 23 2.59 0.55 10.23
CA ALA A 23 3.46 0.91 9.12
C ALA A 23 3.03 2.19 8.41
N TYR A 24 1.76 2.56 8.44
CA TYR A 24 1.11 3.67 7.75
C TYR A 24 1.98 4.95 7.84
N ARG A 25 2.29 5.42 9.06
CA ARG A 25 3.13 6.61 9.28
C ARG A 25 4.60 6.33 9.01
N ARG A 26 5.07 5.11 9.29
CA ARG A 26 6.39 4.67 8.86
C ARG A 26 6.53 4.88 7.34
N GLN A 27 5.50 4.58 6.54
CA GLN A 27 5.59 4.70 5.10
C GLN A 27 5.69 6.16 4.69
N ALA A 28 4.85 7.03 5.28
CA ALA A 28 4.90 8.47 5.07
C ALA A 28 6.32 8.97 5.29
N LEU A 29 6.89 8.64 6.46
CA LEU A 29 8.25 8.95 6.86
C LEU A 29 9.26 8.41 5.85
N ARG A 30 9.16 7.13 5.47
CA ARG A 30 10.10 6.40 4.63
C ARG A 30 10.32 7.14 3.32
N TYR A 31 9.27 7.53 2.60
CA TYR A 31 9.43 8.07 1.24
C TYR A 31 9.29 9.58 1.16
N HIS A 32 9.10 10.26 2.29
CA HIS A 32 8.67 11.66 2.37
C HIS A 32 9.49 12.57 1.45
N PRO A 33 8.95 13.14 0.36
CA PRO A 33 9.70 14.07 -0.48
C PRO A 33 10.03 15.34 0.32
N ASP A 34 9.13 15.72 1.23
CA ASP A 34 9.19 16.94 2.02
C ASP A 34 10.08 16.75 3.27
N LYS A 35 10.60 15.55 3.55
CA LYS A 35 11.37 15.31 4.78
C LYS A 35 12.53 14.32 4.60
N ASN A 36 12.35 13.21 3.88
CA ASN A 36 13.45 12.33 3.53
C ASN A 36 14.25 13.05 2.46
N LYS A 37 13.56 13.59 1.44
CA LYS A 37 14.16 14.09 0.20
C LYS A 37 15.01 13.01 -0.47
N GLU A 38 14.68 11.73 -0.30
CA GLU A 38 15.38 10.65 -0.98
C GLU A 38 15.19 10.81 -2.49
N PRO A 39 16.22 10.69 -3.34
CA PRO A 39 16.01 10.65 -4.78
C PRO A 39 15.32 9.35 -5.19
N GLY A 40 14.47 9.39 -6.21
CA GLY A 40 13.81 8.21 -6.78
C GLY A 40 12.69 7.68 -5.90
N ALA A 41 12.16 8.46 -4.95
CA ALA A 41 11.19 8.04 -3.95
C ALA A 41 9.88 8.82 -3.99
N GLU A 42 9.76 9.86 -4.81
CA GLU A 42 8.58 10.73 -4.80
C GLU A 42 7.35 10.00 -5.32
N GLU A 43 7.50 9.21 -6.39
CA GLU A 43 6.39 8.40 -6.88
C GLU A 43 6.03 7.36 -5.83
N LYS A 44 7.03 6.79 -5.14
CA LYS A 44 6.84 5.91 -4.00
C LYS A 44 6.03 6.59 -2.89
N PHE A 45 6.20 7.89 -2.70
CA PHE A 45 5.38 8.64 -1.74
C PHE A 45 3.94 8.75 -2.25
N LYS A 46 3.72 9.06 -3.53
CA LYS A 46 2.37 9.04 -4.14
C LYS A 46 1.73 7.66 -4.02
N GLU A 47 2.53 6.61 -3.95
CA GLU A 47 2.17 5.21 -3.89
C GLU A 47 1.61 4.88 -2.51
N ILE A 48 2.10 5.54 -1.45
CA ILE A 48 1.60 5.39 -0.09
C ILE A 48 0.11 5.64 -0.14
N ALA A 49 -0.35 6.77 -0.69
CA ALA A 49 -1.76 7.17 -0.67
C ALA A 49 -2.64 6.15 -1.41
N GLU A 50 -2.14 5.59 -2.53
CA GLU A 50 -2.87 4.58 -3.29
C GLU A 50 -2.92 3.26 -2.50
N ALA A 51 -1.81 2.88 -1.84
CA ALA A 51 -1.81 1.74 -0.95
C ALA A 51 -2.54 2.06 0.36
N TYR A 52 -2.82 3.33 0.67
CA TYR A 52 -3.47 3.75 1.90
C TYR A 52 -4.93 3.42 1.70
N ASP A 53 -5.46 3.83 0.53
CA ASP A 53 -6.79 3.52 0.05
C ASP A 53 -7.00 2.01 0.03
N VAL A 54 -6.13 1.24 -0.64
CA VAL A 54 -6.36 -0.21 -0.68
C VAL A 54 -6.26 -0.81 0.71
N LEU A 55 -5.24 -0.46 1.49
CA LEU A 55 -4.99 -1.16 2.71
C LEU A 55 -5.96 -0.75 3.82
N SER A 56 -6.83 0.26 3.62
CA SER A 56 -7.83 0.63 4.63
C SER A 56 -9.26 0.79 4.08
N ASP A 57 -9.51 0.77 2.77
CA ASP A 57 -10.86 0.64 2.23
C ASP A 57 -11.22 -0.84 2.19
N PRO A 58 -12.16 -1.31 3.04
CA PRO A 58 -12.40 -2.72 3.16
C PRO A 58 -12.99 -3.36 1.90
N ARG A 59 -13.49 -2.61 0.91
CA ARG A 59 -13.99 -3.19 -0.34
C ARG A 59 -12.89 -3.35 -1.38
N LYS A 60 -11.91 -2.45 -1.47
CA LYS A 60 -10.85 -2.67 -2.44
C LYS A 60 -9.98 -3.79 -1.90
N ARG A 61 -9.74 -3.83 -0.59
CA ARG A 61 -9.08 -4.97 0.00
C ARG A 61 -9.94 -6.22 0.01
N GLU A 62 -11.28 -6.16 -0.08
CA GLU A 62 -12.08 -7.37 -0.21
C GLU A 62 -11.68 -8.10 -1.49
N ILE A 63 -11.39 -7.38 -2.59
CA ILE A 63 -11.08 -8.03 -3.87
C ILE A 63 -9.68 -8.65 -3.79
N PHE A 64 -8.75 -8.00 -3.07
CA PHE A 64 -7.41 -8.53 -2.86
C PHE A 64 -7.46 -9.72 -1.89
N ASP A 65 -8.30 -9.69 -0.84
CA ASP A 65 -8.40 -10.79 0.10
C ASP A 65 -9.20 -11.96 -0.50
N ARG A 66 -10.12 -11.66 -1.42
CA ARG A 66 -10.96 -12.59 -2.18
C ARG A 66 -10.07 -13.34 -3.15
N TYR A 67 -9.44 -12.63 -4.08
CA TYR A 67 -8.55 -13.21 -5.07
C TYR A 67 -7.15 -13.10 -4.49
N GLY A 68 -6.44 -12.01 -4.77
CA GLY A 68 -5.18 -11.71 -4.15
C GLY A 68 -4.08 -12.50 -4.82
N GLU A 69 -3.25 -11.79 -5.57
CA GLU A 69 -2.40 -12.26 -6.64
C GLU A 69 -3.31 -12.49 -7.83
N GLU A 70 -2.81 -12.13 -9.01
CA GLU A 70 -3.42 -12.00 -10.31
C GLU A 70 -4.74 -11.23 -10.27
N GLY A 71 -5.79 -11.83 -9.74
CA GLY A 71 -7.09 -11.34 -9.29
C GLY A 71 -7.27 -9.83 -9.06
N LEU A 72 -6.32 -9.21 -8.36
CA LEU A 72 -6.44 -7.81 -7.94
C LEU A 72 -6.50 -6.90 -9.18
N LYS A 73 -5.73 -7.23 -10.22
CA LYS A 73 -5.78 -6.53 -11.50
C LYS A 73 -5.50 -7.59 -12.58
N GLY A 74 -6.49 -8.46 -12.83
CA GLY A 74 -6.33 -9.67 -13.61
C GLY A 74 -5.74 -9.43 -15.01
N SER A 75 -6.00 -8.27 -15.63
CA SER A 75 -5.54 -7.92 -16.97
C SER A 75 -5.76 -9.06 -17.98
N GLY A 76 -6.91 -9.72 -17.88
CA GLY A 76 -7.26 -10.89 -18.67
C GLY A 76 -7.93 -11.91 -17.75
N CYS A 77 -8.05 -13.13 -18.27
CA CYS A 77 -8.78 -14.22 -17.64
C CYS A 77 -10.25 -13.84 -17.48
#